data_9AXD
#
_entry.id   9AXD
#
_cell.length_a   1.00
_cell.length_b   1.00
_cell.length_c   1.00
_cell.angle_alpha   90.00
_cell.angle_beta   90.00
_cell.angle_gamma   90.00
#
_symmetry.space_group_name_H-M   'P 1'
#
loop_
_entity.id
_entity.type
_entity.pdbx_description
1 polymer 'gp120-Interface Polyclonal Antibody - Predicted Heavy Chain'
2 polymer 'gp120-Interface Polyclonal Antibody - Predicted Light Chain'
3 polymer 'Surface protein gp120'
4 polymer 'Transmembrane protein gp41'
5 branched 2-acetamido-2-deoxy-beta-D-glucopyranose-(1-4)-2-acetamido-2-deoxy-beta-D-glucopyranose
6 branched alpha-D-mannopyranose-(1-3)-[alpha-D-mannopyranose-(1-6)]beta-D-mannopyranose-(1-4)-2-acetamido-2-deoxy-beta-D-glucopyranose-(1-4)-2-acetamido-2-deoxy-beta-D-glucopyranose
7 branched 2-acetamido-2-deoxy-beta-D-glucopyranose-(1-6)-2-acetamido-2-deoxy-beta-D-glucopyranose-(1-4)-2-acetamido-2-deoxy-beta-D-glucopyranose
8 non-polymer 2-acetamido-2-deoxy-beta-D-glucopyranose
#
loop_
_entity_poly.entity_id
_entity_poly.type
_entity_poly.pdbx_seq_one_letter_code
_entity_poly.pdbx_strand_id
1 'polypeptide(L)'
;(UNK)(UNK)(UNK)(UNK)(UNK)(UNK)(UNK)(UNK)(UNK)(UNK)(UNK)(UNK)(UNK)(UNK)(UNK)(UNK)
(UNK)(UNK)(UNK)(UNK)(UNK)(UNK)(UNK)(UNK)(UNK)(UNK)(UNK)(UNK)(UNK)(UNK)(UNK)(UNK)
(UNK)(UNK)(UNK)(UNK)(UNK)(UNK)(UNK)(UNK)(UNK)(UNK)(UNK)(UNK)(UNK)(UNK)(UNK)(UNK)
(UNK)(UNK)(UNK)(UNK)(UNK)(UNK)(UNK)(UNK)(UNK)(UNK)(UNK)(UNK)(UNK)(UNK)(UNK)(UNK)
(UNK)(UNK)(UNK)(UNK)(UNK)(UNK)(UNK)(UNK)(UNK)(UNK)(UNK)(UNK)(UNK)(UNK)(UNK)(UNK)
(UNK)(UNK)(UNK)(UNK)(UNK)(UNK)(UNK)(UNK)(UNK)(UNK)(UNK)(UNK)(UNK)(UNK)(UNK)(UNK)
(UNK)(UNK)(UNK)(UNK)(UNK)(UNK)(UNK)(UNK)(UNK)(UNK)(UNK)(UNK)(UNK)(UNK)(UNK)(UNK)
(UNK)(UNK)(UNK)(UNK)
;
H
2 'polypeptide(L)'
;(UNK)(UNK)(UNK)(UNK)(UNK)(UNK)(UNK)(UNK)(UNK)(UNK)(UNK)(UNK)(UNK)(UNK)(UNK)(UNK)
(UNK)(UNK)(UNK)(UNK)(UNK)(UNK)(UNK)(UNK)(UNK)(UNK)(UNK)(UNK)(UNK)(UNK)(UNK)(UNK)
(UNK)(UNK)(UNK)(UNK)(UNK)(UNK)(UNK)(UNK)(UNK)(UNK)(UNK)(UNK)(UNK)(UNK)(UNK)(UNK)
(UNK)(UNK)(UNK)(UNK)(UNK)(UNK)(UNK)(UNK)(UNK)(UNK)(UNK)(UNK)(UNK)(UNK)(UNK)(UNK)
(UNK)(UNK)(UNK)(UNK)(UNK)(UNK)(UNK)(UNK)(UNK)(UNK)(UNK)(UNK)(UNK)(UNK)(UNK)(UNK)
(UNK)(UNK)(UNK)(UNK)(UNK)(UNK)(UNK)(UNK)(UNK)(UNK)(UNK)(UNK)(UNK)(UNK)(UNK)(UNK)
(UNK)(UNK)(UNK)(UNK)(UNK)(UNK)(UNK)(UNK)(UNK)
;
L
3 'polypeptide(L)'
;MDAMKRGLCCVLLLCGAVFVSPSQEIHARFRRGARAENLWVTVYYGVPVWKDAETTLFCASDAKAYETKKHNVWATHCCV
PTDPNPQEIHLENVTEEFNMWKNNMVEQMHTDIISLWDQSLKPCVKLTPLCVTLQCTNVTNNITDDMRGELKNCSFNMTT
ELRDKKQKVYSLFYRLDVVQINENQGNRSNNSNKEYRLINCNTSAITQACPKVSFEPIPIHYCAPAGFAILKCKDKKFNG
TGPCTNVSTVQCTHGIKPVVSTQLLLNGSLAEEEVIIRSENITNNAKNILVQLNESVQINCTRPNNNTRKSIRIGPGQWF
YATGDIIGDIRQAHCNVSKATWNETLGKVVKQLRKHFGNNTIIRFANSSGGDLEVTTHSFNCGGEFFYCNTSGLFNSTWI
SNTSVQGSNSTGSNDSITLPCRIKQIINMWQRIGQAMYAPPIQGVIRCVSNITGLILTRDGGSTNSTTETFRPGGGDMRD
NWRSELYKYKVVKIEPLGVAPTRCKRRVVGRRRR
;
A,C,E
4 'polypeptide(L)'
;RRAVGIGAVFLGFLGAAGSTMGAASMTLTVQARNLLSGIVQQQSNLLRAPECQQHLLKLTVWGIKQLQARVLAVERYLRD
QQLLGIWGCSGKLICCTNVPWNSTWSNRNLSEIWDNMTWLQWDKEISNYTQIIYGLLEESQNQQEKNEQDLLALD
;
B,D,F
#
loop_
_chem_comp.id
_chem_comp.type
_chem_comp.name
_chem_comp.formula
BMA D-saccharide, beta linking beta-D-mannopyranose 'C6 H12 O6'
MAN D-saccharide, alpha linking alpha-D-mannopyranose 'C6 H12 O6'
NAG D-saccharide, beta linking 2-acetamido-2-deoxy-beta-D-glucopyranose 'C8 H15 N O6'
#
# COMPACT_ATOMS: atom_id res chain seq x y z
N UNK A 1 -9.77 -1.88 40.57
CA UNK A 1 -11.15 -1.40 40.53
C UNK A 1 -11.44 -0.51 41.72
N UNK A 2 -10.78 -0.76 42.84
CA UNK A 2 -10.90 0.06 44.04
C UNK A 2 -9.51 0.34 44.59
N UNK A 3 -9.38 1.50 45.23
CA UNK A 3 -8.11 1.92 45.81
C UNK A 3 -8.39 2.86 46.96
N UNK A 4 -7.97 2.47 48.16
CA UNK A 4 -8.19 3.27 49.36
C UNK A 4 -7.04 4.24 49.58
N UNK A 5 -7.33 5.37 50.21
CA UNK A 5 -6.32 6.35 50.54
C UNK A 5 -6.75 7.13 51.77
N UNK A 6 -5.79 7.74 52.45
CA UNK A 6 -6.00 8.45 53.70
C UNK A 6 -5.46 9.87 53.59
N UNK A 7 -5.99 10.76 54.43
CA UNK A 7 -5.68 12.18 54.39
C UNK A 7 -4.66 12.55 55.46
N UNK A 8 -3.87 13.58 55.15
CA UNK A 8 -2.81 14.02 56.05
C UNK A 8 -2.51 15.48 55.77
N UNK A 9 -2.28 16.25 56.84
CA UNK A 9 -1.97 17.68 56.76
C UNK A 9 -0.47 17.86 56.97
N UNK A 10 0.23 18.18 55.89
CA UNK A 10 1.67 18.41 55.94
C UNK A 10 1.93 19.84 56.42
N UNK A 11 3.17 20.28 56.30
CA UNK A 11 3.58 21.63 56.70
C UNK A 11 4.47 22.20 55.59
N UNK A 12 5.10 23.34 55.86
CA UNK A 12 5.96 23.98 54.88
C UNK A 12 7.26 23.22 54.63
N UNK A 13 7.57 22.22 55.46
CA UNK A 13 8.78 21.44 55.25
C UNK A 13 8.69 20.66 53.95
N UNK A 14 9.86 20.19 53.48
CA UNK A 14 9.96 19.45 52.23
C UNK A 14 9.75 17.95 52.48
N UNK A 15 8.48 17.55 52.46
CA UNK A 15 8.14 16.14 52.63
C UNK A 15 6.69 15.90 52.23
N UNK A 16 6.42 14.68 51.77
CA UNK A 16 5.07 14.23 51.48
C UNK A 16 5.15 12.73 51.18
N UNK A 17 4.14 12.00 51.66
CA UNK A 17 4.14 10.54 51.57
C UNK A 17 2.76 10.03 51.21
N UNK A 18 2.15 10.64 50.19
CA UNK A 18 0.86 10.18 49.71
C UNK A 18 0.97 8.75 49.21
N UNK A 19 0.03 7.90 49.64
CA UNK A 19 0.10 6.47 49.37
C UNK A 19 -1.30 5.92 49.15
N UNK A 20 -1.37 4.85 48.37
CA UNK A 20 -2.63 4.20 48.03
C UNK A 20 -2.43 2.69 48.03
N UNK A 21 -3.44 1.98 48.54
CA UNK A 21 -3.42 0.52 48.62
C UNK A 21 -4.51 -0.04 47.73
N UNK A 22 -4.14 -1.01 46.89
CA UNK A 22 -5.10 -1.59 45.95
C UNK A 22 -6.09 -2.48 46.65
N UNK A 23 -7.26 -2.64 46.05
CA UNK A 23 -8.31 -3.49 46.59
C UNK A 23 -9.24 -3.91 45.46
N UNK A 24 -9.72 -5.15 45.54
CA UNK A 24 -10.63 -5.71 44.54
C UNK A 24 -9.99 -5.72 43.16
N UNK A 25 -8.69 -6.01 43.11
CA UNK A 25 -7.97 -6.11 41.85
C UNK A 25 -6.80 -7.06 42.06
N UNK A 26 -6.10 -7.35 40.96
CA UNK A 26 -5.05 -8.37 40.96
C UNK A 26 -3.74 -7.81 41.52
N UNK A 27 -3.82 -7.35 42.77
CA UNK A 27 -2.69 -6.78 43.53
C UNK A 27 -2.03 -5.69 42.66
N UNK A 28 -0.71 -5.63 42.56
CA UNK A 28 -0.04 -4.68 41.69
C UNK A 28 0.03 -5.27 40.28
N UNK A 29 -1.10 -5.15 39.58
CA UNK A 29 -1.21 -5.51 38.17
C UNK A 29 -1.96 -4.42 37.42
N UNK A 30 -1.75 -3.18 37.85
CA UNK A 30 -2.36 -2.01 37.22
C UNK A 30 -1.32 -0.91 37.12
N UNK A 31 -1.43 -0.11 36.07
CA UNK A 31 -0.46 0.95 35.79
C UNK A 31 -0.83 2.17 36.60
N UNK A 32 -0.23 2.30 37.79
CA UNK A 32 -0.56 3.39 38.69
C UNK A 32 -0.12 4.73 38.10
N UNK A 33 -0.92 5.75 38.35
CA UNK A 33 -0.64 7.10 37.87
C UNK A 33 -1.27 8.09 38.84
N UNK A 34 -0.48 9.08 39.24
CA UNK A 34 -0.86 10.01 40.30
C UNK A 34 -1.12 11.38 39.71
N UNK A 35 -2.32 11.91 39.98
CA UNK A 35 -2.75 13.21 39.48
C UNK A 35 -3.33 14.02 40.61
N UNK A 36 -3.13 15.33 40.55
CA UNK A 36 -3.53 16.24 41.61
C UNK A 36 -4.29 17.41 41.02
N UNK A 37 -5.23 17.94 41.83
CA UNK A 37 -6.05 19.08 41.44
C UNK A 37 -6.06 20.09 42.58
N UNK A 38 -5.68 21.32 42.28
CA UNK A 38 -5.72 22.38 43.28
C UNK A 38 -7.15 22.84 43.51
N UNK A 39 -7.35 23.54 44.62
CA UNK A 39 -8.68 24.02 44.96
C UNK A 39 -9.19 24.98 43.89
N UNK A 40 -10.39 24.72 43.39
CA UNK A 40 -11.01 25.52 42.34
C UNK A 40 -10.11 25.58 41.11
N UNK A 41 -9.61 24.42 40.70
CA UNK A 41 -8.76 24.32 39.52
C UNK A 41 -8.85 22.92 38.96
N UNK A 42 -8.31 22.75 37.75
CA UNK A 42 -8.39 21.49 37.04
C UNK A 42 -7.22 20.59 37.40
N UNK A 43 -7.46 19.28 37.32
CA UNK A 43 -6.43 18.30 37.62
C UNK A 43 -5.33 18.33 36.57
N UNK A 44 -4.14 17.90 36.98
CA UNK A 44 -2.99 17.79 36.09
C UNK A 44 -2.11 16.66 36.54
N UNK A 45 -1.68 15.83 35.59
CA UNK A 45 -0.89 14.65 35.92
C UNK A 45 0.44 15.05 36.56
N UNK A 46 0.79 14.38 37.65
CA UNK A 46 2.05 14.59 38.34
C UNK A 46 3.09 13.53 38.00
N UNK A 47 2.68 12.26 37.91
CA UNK A 47 3.59 11.18 37.56
C UNK A 47 2.76 9.99 37.12
N UNK A 48 3.36 9.13 36.29
CA UNK A 48 2.65 7.97 35.79
C UNK A 48 3.63 7.05 35.07
N UNK A 49 3.36 5.75 35.16
CA UNK A 49 4.00 4.78 34.29
C UNK A 49 3.22 4.69 32.98
N UNK A 50 3.94 4.64 31.87
CA UNK A 50 3.30 4.61 30.56
C UNK A 50 2.43 3.37 30.45
N UNK A 51 1.22 3.54 29.92
CA UNK A 51 0.29 2.41 29.85
C UNK A 51 0.81 1.33 28.91
N UNK A 52 1.36 1.73 27.76
CA UNK A 52 1.76 0.77 26.74
C UNK A 52 3.21 0.34 26.88
N UNK A 53 4.15 1.29 26.90
CA UNK A 53 5.56 0.95 26.87
C UNK A 53 6.13 0.65 28.25
N UNK A 54 5.38 0.88 29.33
CA UNK A 54 5.76 0.56 30.69
C UNK A 54 6.97 1.34 31.19
N UNK A 55 7.30 2.46 30.56
CA UNK A 55 8.39 3.32 31.02
C UNK A 55 7.85 4.44 31.90
N UNK A 56 8.53 4.68 33.02
CA UNK A 56 8.12 5.75 33.92
C UNK A 56 8.26 7.10 33.23
N UNK A 57 7.45 8.05 33.69
CA UNK A 57 7.45 9.39 33.12
C UNK A 57 7.03 10.37 34.20
N UNK A 58 7.37 11.64 34.00
CA UNK A 58 7.02 12.68 34.95
C UNK A 58 6.89 14.01 34.23
N UNK A 59 6.03 14.87 34.76
CA UNK A 59 5.81 16.19 34.21
C UNK A 59 6.91 17.12 34.69
N UNK A 60 6.74 18.43 34.50
CA UNK A 60 7.64 19.41 35.09
C UNK A 60 7.69 19.22 36.60
N UNK A 61 8.73 19.80 37.21
CA UNK A 61 9.09 19.47 38.59
C UNK A 61 9.35 17.97 38.72
N UNK A 62 10.13 17.44 37.78
CA UNK A 62 10.45 16.01 37.80
C UNK A 62 11.42 15.67 38.91
N UNK A 63 12.35 16.58 39.22
CA UNK A 63 13.35 16.29 40.24
C UNK A 63 12.70 16.16 41.62
N UNK A 64 11.66 16.95 41.88
CA UNK A 64 11.01 16.89 43.19
C UNK A 64 10.29 15.57 43.41
N UNK A 65 9.48 15.14 42.45
CA UNK A 65 8.68 13.93 42.62
C UNK A 65 9.55 12.69 42.60
N UNK A 66 9.24 11.72 43.48
CA UNK A 66 9.90 10.42 43.52
C UNK A 66 8.83 9.35 43.73
N UNK A 67 8.34 8.80 42.63
CA UNK A 67 7.32 7.77 42.69
C UNK A 67 7.94 6.41 43.02
N UNK A 68 7.18 5.57 43.70
CA UNK A 68 7.62 4.24 44.06
C UNK A 68 6.42 3.32 44.16
N UNK A 69 6.68 2.01 44.05
CA UNK A 69 5.62 1.02 44.13
C UNK A 69 6.22 -0.29 44.59
N UNK A 70 5.59 -0.91 45.59
CA UNK A 70 6.05 -2.16 46.17
C UNK A 70 4.94 -3.19 46.07
N UNK A 71 5.24 -4.31 45.39
CA UNK A 71 4.26 -5.38 45.28
C UNK A 71 3.91 -5.96 46.64
N UNK A 72 4.88 -6.03 47.55
CA UNK A 72 4.59 -6.46 48.91
C UNK A 72 3.63 -5.48 49.57
N UNK A 73 2.53 -6.01 50.09
CA UNK A 73 1.44 -5.27 50.73
C UNK A 73 0.56 -4.53 49.72
N UNK A 74 0.90 -4.55 48.43
CA UNK A 74 0.07 -3.98 47.37
C UNK A 74 -0.25 -2.50 47.62
N UNK A 75 0.80 -1.70 47.64
CA UNK A 75 0.66 -0.26 47.86
C UNK A 75 1.67 0.49 47.01
N UNK A 76 1.29 1.70 46.61
CA UNK A 76 2.15 2.59 45.83
C UNK A 76 2.16 3.96 46.48
N UNK A 77 3.30 4.64 46.38
CA UNK A 77 3.49 5.91 47.06
C UNK A 77 4.36 6.81 46.19
N UNK A 78 4.23 8.12 46.44
CA UNK A 78 5.00 9.11 45.71
C UNK A 78 5.23 10.32 46.60
N UNK A 79 6.50 10.72 46.72
CA UNK A 79 6.91 11.84 47.56
C UNK A 79 7.20 13.07 46.72
N UNK A 80 6.66 14.21 47.15
CA UNK A 80 6.75 15.45 46.40
C UNK A 80 7.97 16.29 46.78
N UNK A 81 8.75 15.87 47.78
CA UNK A 81 9.96 16.59 48.18
C UNK A 81 9.64 18.02 48.58
N UNK A 82 10.08 19.02 47.82
CA UNK A 82 9.89 20.42 48.22
C UNK A 82 8.42 20.80 48.16
N UNK A 83 7.96 21.48 49.22
CA UNK A 83 6.61 21.98 49.33
C UNK A 83 6.58 23.47 49.02
N UNK A 84 5.37 24.03 48.98
CA UNK A 84 5.18 25.44 48.68
C UNK A 84 3.72 25.80 48.98
N UNK A 85 3.37 27.04 48.64
CA UNK A 85 1.96 27.43 48.72
C UNK A 85 1.15 26.80 47.60
N UNK A 86 1.75 26.63 46.42
CA UNK A 86 1.07 26.02 45.28
C UNK A 86 1.02 24.50 45.35
N UNK A 87 1.67 23.89 46.34
CA UNK A 87 1.59 22.45 46.57
C UNK A 87 0.43 22.07 47.49
N UNK A 88 -0.60 22.92 47.61
CA UNK A 88 -1.71 22.67 48.50
C UNK A 88 -2.79 21.78 47.87
N UNK A 89 -2.59 21.31 46.64
CA UNK A 89 -3.62 20.56 45.95
C UNK A 89 -3.92 19.25 46.66
N UNK A 90 -5.06 18.66 46.31
CA UNK A 90 -5.48 17.36 46.85
C UNK A 90 -5.04 16.27 45.88
N UNK A 91 -3.90 15.65 46.16
CA UNK A 91 -3.33 14.63 45.28
C UNK A 91 -4.13 13.35 45.39
N UNK A 92 -4.42 12.75 44.23
CA UNK A 92 -5.26 11.57 44.14
C UNK A 92 -4.62 10.55 43.21
N UNK A 93 -4.59 9.30 43.64
CA UNK A 93 -4.02 8.24 42.82
C UNK A 93 -4.99 7.84 41.72
N UNK A 94 -4.45 7.17 40.70
CA UNK A 94 -5.26 6.66 39.61
C UNK A 94 -4.53 5.49 38.98
N UNK A 95 -5.28 4.65 38.27
CA UNK A 95 -4.72 3.42 37.71
C UNK A 95 -5.45 3.08 36.43
N UNK A 96 -4.71 2.45 35.50
CA UNK A 96 -5.25 1.96 34.25
C UNK A 96 -4.76 0.54 34.02
N UNK A 97 -5.57 -0.25 33.32
CA UNK A 97 -5.12 -1.57 32.90
C UNK A 97 -3.98 -1.42 31.90
N UNK A 98 -3.02 -2.34 31.96
CA UNK A 98 -1.81 -2.19 31.17
C UNK A 98 -2.06 -2.48 29.70
N UNK A 99 -1.32 -1.78 28.84
CA UNK A 99 -1.22 -2.07 27.40
C UNK A 99 -2.58 -1.87 26.74
N UNK A 100 -3.01 -2.75 25.83
CA UNK A 100 -4.32 -2.61 25.21
C UNK A 100 -5.39 -2.78 26.27
N UNK A 101 -6.61 -2.36 25.93
CA UNK A 101 -7.69 -2.24 26.91
C UNK A 101 -7.27 -1.33 28.06
N UNK A 102 -6.66 -0.20 27.71
CA UNK A 102 -6.19 0.74 28.72
C UNK A 102 -7.32 1.30 29.55
N UNK A 103 -8.49 1.53 28.94
CA UNK A 103 -9.70 2.01 29.62
C UNK A 103 -9.57 3.44 30.14
N UNK A 104 -8.50 4.15 29.79
CA UNK A 104 -8.35 5.58 30.09
C UNK A 104 -8.38 5.86 31.59
N UNK A 105 -7.62 5.05 32.34
CA UNK A 105 -7.44 5.27 33.78
C UNK A 105 -8.76 5.25 34.52
N UNK A 106 -9.43 4.10 34.48
CA UNK A 106 -10.77 4.00 35.06
C UNK A 106 -10.74 4.16 36.57
N UNK A 107 -9.88 3.40 37.25
CA UNK A 107 -9.85 3.43 38.71
C UNK A 107 -9.33 4.76 39.22
N UNK A 108 -9.87 5.19 40.36
CA UNK A 108 -9.46 6.42 41.01
C UNK A 108 -9.53 6.17 42.52
N UNK A 109 -9.34 7.23 43.30
CA UNK A 109 -9.32 7.08 44.75
C UNK A 109 -9.61 8.42 45.40
N UNK A 110 -9.97 8.37 46.67
CA UNK A 110 -10.12 9.58 47.46
C UNK A 110 -8.78 10.31 47.57
N UNK A 111 -8.84 11.63 47.56
CA UNK A 111 -7.63 12.43 47.54
C UNK A 111 -7.06 12.60 48.94
N UNK A 112 -5.73 12.71 49.02
CA UNK A 112 -5.08 12.91 50.31
C UNK A 112 -5.43 14.27 50.91
N UNK A 113 -5.51 15.31 50.09
CA UNK A 113 -5.84 16.65 50.57
C UNK A 113 -4.80 17.15 51.58
N UNK A 114 -3.57 17.32 51.11
CA UNK A 114 -2.48 17.86 51.92
C UNK A 114 -2.43 19.37 51.71
N UNK A 115 -2.60 20.12 52.81
CA UNK A 115 -2.69 21.57 52.70
C UNK A 115 -1.35 22.22 52.42
N UNK A 116 -0.29 21.79 53.11
CA UNK A 116 1.05 22.32 52.92
C UNK A 116 1.11 23.84 53.12
N UNK B 1 2.51 20.80 27.66
CA UNK B 1 2.96 20.93 26.24
C UNK B 1 1.77 20.83 25.30
N UNK B 2 1.16 19.65 25.24
CA UNK B 2 -0.01 19.42 24.39
C UNK B 2 -1.23 20.06 25.05
N UNK B 3 -1.28 21.39 24.96
CA UNK B 3 -2.32 22.14 25.64
C UNK B 3 -3.69 21.83 25.06
N UNK B 4 -4.70 21.84 25.94
CA UNK B 4 -6.07 21.59 25.55
C UNK B 4 -6.99 22.51 26.34
N UNK B 5 -8.13 22.85 25.74
CA UNK B 5 -9.10 23.72 26.37
C UNK B 5 -10.48 23.45 25.80
N UNK B 6 -11.47 23.48 26.67
CA UNK B 6 -12.85 23.24 26.25
C UNK B 6 -13.50 24.54 25.77
N UNK B 7 -14.32 24.41 24.73
CA UNK B 7 -14.94 25.57 24.08
C UNK B 7 -16.18 26.07 24.80
N UNK B 8 -16.45 25.59 26.02
CA UNK B 8 -17.52 26.11 26.86
C UNK B 8 -16.97 26.25 28.28
N UNK B 9 -17.73 26.95 29.11
CA UNK B 9 -17.36 27.15 30.50
C UNK B 9 -18.61 27.42 31.31
N UNK B 10 -18.91 26.53 32.24
CA UNK B 10 -20.06 26.66 33.14
C UNK B 10 -21.36 26.74 32.35
N UNK B 11 -21.47 25.94 31.30
CA UNK B 11 -22.73 25.81 30.58
C UNK B 11 -23.79 25.23 31.50
N UNK B 12 -25.05 25.51 31.19
CA UNK B 12 -26.17 25.09 32.02
C UNK B 12 -27.36 24.72 31.15
N UNK B 13 -28.22 23.86 31.70
CA UNK B 13 -29.42 23.42 31.01
C UNK B 13 -30.32 22.74 32.04
N UNK B 14 -31.47 22.27 31.58
CA UNK B 14 -32.45 21.60 32.43
C UNK B 14 -33.11 20.48 31.65
N UNK B 15 -32.63 19.25 31.85
CA UNK B 15 -33.18 18.05 31.22
C UNK B 15 -33.21 18.18 29.70
N UNK B 16 -32.08 18.62 29.14
CA UNK B 16 -31.92 18.79 27.70
C UNK B 16 -30.51 18.41 27.30
N UNK B 17 -30.31 18.22 26.00
CA UNK B 17 -29.01 17.82 25.49
C UNK B 17 -28.00 18.96 25.65
N UNK B 18 -26.78 18.59 26.03
CA UNK B 18 -25.68 19.53 26.22
C UNK B 18 -24.45 18.99 25.51
N UNK B 19 -23.63 19.89 24.97
CA UNK B 19 -22.42 19.55 24.22
C UNK B 19 -21.24 20.33 24.78
N UNK B 20 -20.36 19.65 25.51
CA UNK B 20 -19.17 20.26 26.09
C UNK B 20 -18.01 20.05 25.11
N UNK B 21 -17.90 20.96 24.14
CA UNK B 21 -16.93 20.81 23.08
C UNK B 21 -15.50 20.98 23.59
N UNK B 22 -14.59 20.21 23.00
CA UNK B 22 -13.17 20.21 23.35
C UNK B 22 -12.36 20.61 22.14
N UNK B 23 -11.06 20.83 22.38
CA UNK B 23 -10.14 21.21 21.31
C UNK B 23 -8.72 21.05 21.82
N UNK B 24 -7.83 20.60 20.93
CA UNK B 24 -6.45 20.27 21.29
C UNK B 24 -5.49 21.17 20.52
N UNK B 25 -4.37 21.50 21.17
CA UNK B 25 -3.36 22.36 20.53
C UNK B 25 -2.76 21.70 19.30
N UNK B 26 -2.46 20.40 19.37
CA UNK B 26 -1.91 19.66 18.25
C UNK B 26 -2.71 18.38 18.09
N UNK B 27 -2.70 17.84 16.87
CA UNK B 27 -3.52 16.67 16.58
C UNK B 27 -3.11 15.47 17.42
N UNK B 28 -4.10 14.80 18.00
CA UNK B 28 -3.90 13.63 18.84
C UNK B 28 -4.84 12.53 18.40
N UNK B 29 -4.34 11.30 18.43
CA UNK B 29 -5.13 10.17 17.95
C UNK B 29 -6.21 9.76 18.94
N UNK B 30 -5.98 9.97 20.24
CA UNK B 30 -6.89 9.49 21.28
C UNK B 30 -6.99 10.51 22.39
N UNK B 31 -8.21 10.68 22.90
CA UNK B 31 -8.46 11.50 24.08
C UNK B 31 -9.56 10.82 24.89
N UNK B 32 -9.61 11.15 26.18
CA UNK B 32 -10.55 10.51 27.09
C UNK B 32 -11.15 11.57 28.01
N UNK B 33 -12.46 11.52 28.15
CA UNK B 33 -13.20 12.44 29.00
C UNK B 33 -13.37 11.85 30.39
N UNK B 34 -13.64 12.72 31.36
CA UNK B 34 -13.84 12.29 32.72
C UNK B 34 -14.72 13.32 33.43
N UNK B 35 -15.51 12.83 34.39
CA UNK B 35 -16.43 13.65 35.15
C UNK B 35 -16.20 13.41 36.63
N UNK B 36 -16.19 14.50 37.40
CA UNK B 36 -16.01 14.46 38.84
C UNK B 36 -17.13 15.18 39.55
N UNK B 37 -17.85 14.48 40.41
CA UNK B 37 -18.84 15.12 41.25
C UNK B 37 -18.15 16.00 42.28
N UNK B 38 -18.94 16.85 42.92
CA UNK B 38 -18.38 17.74 43.94
C UNK B 38 -17.87 16.93 45.12
N UNK B 39 -16.59 17.15 45.47
CA UNK B 39 -15.95 16.46 46.59
C UNK B 39 -15.96 14.95 46.40
N UNK B 40 -15.39 14.51 45.28
CA UNK B 40 -15.31 13.08 44.98
C UNK B 40 -14.27 12.85 43.91
N UNK B 41 -13.86 11.59 43.76
CA UNK B 41 -12.89 11.23 42.74
C UNK B 41 -13.54 11.19 41.37
N UNK B 42 -12.80 11.63 40.36
CA UNK B 42 -13.31 11.65 39.00
C UNK B 42 -13.57 10.23 38.51
N UNK B 43 -14.52 10.10 37.59
CA UNK B 43 -14.86 8.84 36.96
C UNK B 43 -14.66 8.92 35.46
N UNK B 44 -14.26 7.81 34.86
CA UNK B 44 -13.96 7.77 33.43
C UNK B 44 -15.25 7.63 32.63
N UNK B 45 -15.22 8.15 31.40
CA UNK B 45 -16.33 8.04 30.48
C UNK B 45 -15.85 8.41 29.09
N UNK B 46 -16.27 7.61 28.11
CA UNK B 46 -15.86 7.77 26.73
C UNK B 46 -14.34 7.65 26.60
N UNK B 47 -13.85 6.45 26.89
CA UNK B 47 -12.43 6.16 26.74
C UNK B 47 -12.02 6.23 25.27
N UNK B 48 -10.84 6.79 25.02
CA UNK B 48 -10.28 6.93 23.66
C UNK B 48 -11.22 7.68 22.72
N UNK B 49 -12.07 8.53 23.32
CA UNK B 49 -12.85 9.54 22.61
C UNK B 49 -14.03 8.99 21.82
N UNK B 50 -14.19 7.67 21.72
CA UNK B 50 -15.43 7.13 21.15
C UNK B 50 -15.78 5.72 21.67
N UNK B 51 -15.24 5.28 22.80
CA UNK B 51 -15.47 3.91 23.26
C UNK B 51 -16.58 3.80 24.31
N UNK B 52 -17.22 4.91 24.68
CA UNK B 52 -18.14 4.91 25.82
C UNK B 52 -17.40 4.38 27.03
N UNK B 53 -18.01 3.53 27.85
CA UNK B 53 -17.29 2.90 28.95
C UNK B 53 -18.03 1.64 29.35
N UNK B 54 -17.43 0.90 30.29
CA UNK B 54 -18.01 -0.37 30.73
C UNK B 54 -19.39 -0.17 31.36
N UNK B 55 -19.53 0.87 32.19
CA UNK B 55 -20.78 1.19 32.86
C UNK B 55 -21.23 2.61 32.54
N UNK B 56 -20.99 3.06 31.31
CA UNK B 56 -21.39 4.40 30.92
C UNK B 56 -22.91 4.54 30.98
N UNK B 57 -23.36 5.73 31.39
CA UNK B 57 -24.78 6.00 31.37
C UNK B 57 -25.28 6.02 29.93
N UNK B 58 -26.53 5.57 29.75
CA UNK B 58 -27.12 5.60 28.42
C UNK B 58 -27.26 7.02 27.90
N UNK B 59 -27.66 7.95 28.77
CA UNK B 59 -27.85 9.34 28.38
C UNK B 59 -26.57 10.00 27.88
N UNK B 60 -25.41 9.52 28.30
CA UNK B 60 -24.15 10.08 27.84
C UNK B 60 -23.93 9.74 26.37
N UNK B 61 -22.81 10.19 25.83
CA UNK B 61 -22.49 9.94 24.42
C UNK B 61 -21.02 10.24 24.22
N UNK B 62 -20.58 10.12 22.97
CA UNK B 62 -19.19 10.40 22.63
C UNK B 62 -19.09 10.64 21.13
N UNK B 63 -18.00 11.32 20.74
CA UNK B 63 -17.69 11.56 19.35
C UNK B 63 -16.20 11.79 19.22
N UNK B 64 -15.68 11.62 18.01
CA UNK B 64 -14.24 11.62 17.76
C UNK B 64 -13.89 12.55 16.61
N UNK B 65 -12.64 13.00 16.63
CA UNK B 65 -12.09 13.82 15.55
C UNK B 65 -10.57 13.84 15.70
N UNK B 66 -9.90 14.29 14.64
CA UNK B 66 -8.44 14.26 14.62
C UNK B 66 -7.85 15.19 15.67
N UNK B 67 -8.28 16.46 15.67
CA UNK B 67 -7.72 17.49 16.55
C UNK B 67 -8.80 18.20 17.35
N UNK B 68 -10.01 18.32 16.82
CA UNK B 68 -11.09 18.94 17.57
C UNK B 68 -11.58 18.05 18.71
N UNK B 69 -11.45 16.74 18.57
CA UNK B 69 -11.91 15.75 19.54
C UNK B 69 -13.42 15.76 19.75
N UNK B 70 -14.17 16.45 18.89
CA UNK B 70 -15.63 16.45 18.92
C UNK B 70 -16.11 16.98 20.28
N UNK B 71 -17.25 16.51 20.75
CA UNK B 71 -17.83 16.96 22.01
C UNK B 71 -18.51 15.78 22.71
N UNK B 72 -18.67 15.91 24.02
CA UNK B 72 -19.42 14.95 24.82
C UNK B 72 -20.89 15.37 24.78
N UNK B 73 -21.51 15.14 23.63
CA UNK B 73 -22.88 15.60 23.38
C UNK B 73 -23.84 14.72 24.17
N UNK B 74 -24.00 15.05 25.44
CA UNK B 74 -24.91 14.30 26.31
C UNK B 74 -26.32 14.37 25.78
N UNK B 75 -26.99 13.22 25.72
CA UNK B 75 -28.33 13.17 25.16
C UNK B 75 -29.31 13.99 25.99
N UNK B 76 -29.24 13.87 27.30
CA UNK B 76 -30.08 14.63 28.21
C UNK B 76 -29.33 14.87 29.50
N UNK B 77 -29.67 15.96 30.19
CA UNK B 77 -28.99 16.26 31.45
C UNK B 77 -29.26 15.18 32.48
N UNK B 78 -30.54 14.85 32.70
CA UNK B 78 -30.94 13.75 33.58
C UNK B 78 -30.40 13.92 35.00
N UNK B 79 -30.24 15.18 35.43
CA UNK B 79 -29.72 15.49 36.77
C UNK B 79 -28.35 14.87 37.01
N UNK B 80 -27.48 14.92 35.98
CA UNK B 80 -26.11 14.44 36.05
C UNK B 80 -25.10 15.57 35.91
N UNK B 81 -25.37 16.72 36.50
CA UNK B 81 -24.47 17.86 36.40
C UNK B 81 -23.27 17.71 37.32
N UNK B 82 -22.08 17.90 36.77
CA UNK B 82 -20.84 17.81 37.53
C UNK B 82 -19.70 18.26 36.64
N UNK B 83 -18.59 18.66 37.27
CA UNK B 83 -17.44 19.14 36.53
C UNK B 83 -16.87 18.05 35.64
N UNK B 84 -16.64 18.38 34.38
CA UNK B 84 -16.09 17.46 33.39
C UNK B 84 -14.62 17.79 33.15
N UNK B 85 -13.94 16.88 32.45
CA UNK B 85 -12.53 17.07 32.13
C UNK B 85 -12.15 16.14 31.00
N UNK B 86 -11.13 16.54 30.24
CA UNK B 86 -10.66 15.79 29.08
C UNK B 86 -9.15 15.72 29.10
N UNK B 87 -8.63 14.51 28.91
CA UNK B 87 -7.19 14.24 28.92
C UNK B 87 -6.72 13.86 27.53
N UNK B 88 -5.45 14.19 27.23
CA UNK B 88 -4.82 13.86 25.94
C UNK B 88 -3.89 12.67 26.14
N UNK B 89 -4.47 11.47 26.04
CA UNK B 89 -3.74 10.25 26.33
C UNK B 89 -2.56 10.05 25.38
N UNK B 90 -2.76 10.29 24.10
CA UNK B 90 -1.74 10.05 23.08
C UNK B 90 -0.85 11.28 22.92
N UNK B 91 -0.20 11.66 24.02
CA UNK B 91 0.71 12.80 24.05
C UNK B 91 1.90 12.47 24.94
N UNK B 92 3.01 13.15 24.71
CA UNK B 92 4.22 12.87 25.48
C UNK B 92 4.01 13.22 26.95
N UNK B 93 3.40 14.36 27.23
CA UNK B 93 3.08 14.80 28.59
C UNK B 93 1.58 15.06 28.62
N UNK B 94 0.82 14.07 29.12
CA UNK B 94 -0.63 14.18 29.13
C UNK B 94 -1.07 15.35 30.03
N UNK B 95 -1.97 16.17 29.51
CA UNK B 95 -2.50 17.32 30.23
C UNK B 95 -4.02 17.30 30.18
N UNK B 96 -4.65 17.43 31.35
CA UNK B 96 -6.10 17.41 31.48
C UNK B 96 -6.59 18.85 31.43
N UNK B 97 -7.46 19.13 30.46
CA UNK B 97 -7.98 20.48 30.28
C UNK B 97 -8.95 20.84 31.39
N UNK B 98 -9.15 22.14 31.60
CA UNK B 98 -10.11 22.65 32.58
C UNK B 98 -11.47 22.82 31.89
N UNK B 99 -12.11 21.69 31.65
CA UNK B 99 -13.35 21.68 30.88
C UNK B 99 -14.50 22.28 31.70
N UNK B 100 -15.63 22.46 31.03
CA UNK B 100 -16.76 23.15 31.62
C UNK B 100 -17.41 22.31 32.71
N UNK B 101 -18.16 22.97 33.58
CA UNK B 101 -18.94 22.31 34.62
C UNK B 101 -20.42 22.55 34.38
N UNK B 102 -21.14 21.48 34.03
CA UNK B 102 -22.57 21.60 33.80
C UNK B 102 -23.30 21.93 35.09
N UNK B 103 -24.43 22.63 34.96
CA UNK B 103 -25.23 23.02 36.10
C UNK B 103 -26.70 23.10 35.69
N UNK B 104 -27.58 22.92 36.67
CA UNK B 104 -29.00 22.96 36.39
C UNK B 104 -29.45 24.39 36.14
N UNK B 105 -30.20 24.60 35.07
CA UNK B 105 -30.70 25.92 34.72
C UNK B 105 -31.89 26.29 35.60
N GLU C 37 -37.70 -0.78 -47.00
CA GLU C 37 -37.98 -2.13 -47.51
C GLU C 37 -36.83 -3.07 -47.16
N ASN C 38 -35.63 -2.73 -47.61
CA ASN C 38 -34.45 -3.49 -47.24
C ASN C 38 -34.02 -3.16 -45.81
N LEU C 39 -33.24 -4.06 -45.23
CA LEU C 39 -32.87 -3.99 -43.83
C LEU C 39 -31.41 -3.57 -43.67
N TRP C 40 -31.19 -2.65 -42.72
CA TRP C 40 -29.87 -2.09 -42.45
C TRP C 40 -29.54 -2.25 -40.97
N VAL C 41 -28.25 -2.29 -40.66
CA VAL C 41 -27.78 -2.42 -39.28
C VAL C 41 -28.16 -1.18 -38.51
N THR C 42 -28.42 -1.32 -37.21
CA THR C 42 -28.81 -0.23 -36.34
C THR C 42 -28.21 -0.43 -34.96
N VAL C 43 -27.28 0.44 -34.60
CA VAL C 43 -26.54 0.33 -33.33
C VAL C 43 -27.39 0.94 -32.23
N TYR C 44 -27.50 0.20 -31.13
CA TYR C 44 -28.19 0.67 -29.92
C TYR C 44 -27.20 0.69 -28.77
N TYR C 45 -27.32 1.73 -27.93
CA TYR C 45 -26.50 1.87 -26.74
C TYR C 45 -27.41 2.05 -25.54
N GLY C 46 -27.48 1.02 -24.71
CA GLY C 46 -28.46 0.91 -23.66
C GLY C 46 -29.33 -0.33 -23.75
N VAL C 47 -28.90 -1.34 -24.47
CA VAL C 47 -29.68 -2.58 -24.57
C VAL C 47 -29.71 -3.28 -23.22
N PRO C 48 -30.86 -3.79 -22.73
CA PRO C 48 -30.83 -4.58 -21.49
C PRO C 48 -30.42 -6.03 -21.74
N VAL C 49 -29.13 -6.25 -21.91
CA VAL C 49 -28.54 -7.58 -22.12
C VAL C 49 -27.40 -7.75 -21.14
N TRP C 50 -27.29 -8.95 -20.57
CA TRP C 50 -26.24 -9.26 -19.61
C TRP C 50 -25.71 -10.67 -19.86
N LYS C 51 -24.49 -10.90 -19.41
CA LYS C 51 -23.86 -12.22 -19.41
C LYS C 51 -23.32 -12.50 -18.02
N ASP C 52 -23.37 -13.77 -17.62
CA ASP C 52 -22.78 -14.15 -16.35
C ASP C 52 -21.28 -13.95 -16.40
N ALA C 53 -20.73 -13.38 -15.34
CA ALA C 53 -19.31 -13.07 -15.31
C ALA C 53 -18.82 -12.99 -13.87
N GLU C 54 -17.54 -13.28 -13.69
CA GLU C 54 -16.88 -13.22 -12.39
C GLU C 54 -16.15 -11.89 -12.29
N THR C 55 -16.50 -11.09 -11.27
CA THR C 55 -16.00 -9.74 -11.14
C THR C 55 -15.63 -9.47 -9.69
N THR C 56 -15.07 -8.29 -9.45
CA THR C 56 -14.60 -7.89 -8.13
C THR C 56 -15.63 -6.99 -7.48
N LEU C 57 -16.14 -7.41 -6.34
CA LEU C 57 -17.16 -6.68 -5.60
C LEU C 57 -16.53 -5.94 -4.42
N PHE C 58 -17.12 -4.80 -4.08
CA PHE C 58 -16.70 -3.99 -2.96
C PHE C 58 -17.73 -4.11 -1.84
N CYS C 59 -17.24 -4.40 -0.66
CA CYS C 59 -18.09 -4.61 0.51
C CYS C 59 -18.63 -3.27 1.01
N ALA C 60 -19.84 -3.30 1.54
CA ALA C 60 -20.49 -2.08 2.01
C ALA C 60 -21.37 -2.44 3.20
N SER C 61 -21.59 -1.46 4.07
CA SER C 61 -22.34 -1.66 5.29
C SER C 61 -23.01 -0.36 5.72
N ASP C 62 -23.92 -0.47 6.68
CA ASP C 62 -24.59 0.71 7.22
C ASP C 62 -23.59 1.61 7.93
N ALA C 63 -23.75 2.92 7.74
CA ALA C 63 -22.83 3.91 8.30
C ALA C 63 -23.22 4.26 9.74
N LYS C 64 -23.17 3.24 10.60
CA LYS C 64 -23.37 3.48 12.03
C LYS C 64 -22.19 4.23 12.63
N ALA C 65 -20.97 3.88 12.21
CA ALA C 65 -19.75 4.60 12.59
C ALA C 65 -19.45 4.49 14.08
N TYR C 66 -20.35 5.00 14.93
CA TYR C 66 -20.12 4.99 16.36
C TYR C 66 -20.00 3.56 16.91
N GLU C 67 -20.80 2.64 16.39
CA GLU C 67 -20.81 1.29 16.92
C GLU C 67 -19.46 0.62 16.70
N THR C 68 -18.93 0.02 17.77
CA THR C 68 -17.64 -0.66 17.83
C THR C 68 -16.47 0.29 17.70
N LYS C 69 -16.69 1.61 17.65
CA LYS C 69 -15.61 2.59 17.54
C LYS C 69 -14.82 2.42 16.26
N LYS C 70 -15.39 1.73 15.27
CA LYS C 70 -14.67 1.37 14.04
C LYS C 70 -13.43 0.53 14.33
N HIS C 71 -13.42 -0.17 15.48
CA HIS C 71 -12.41 -1.17 15.78
C HIS C 71 -12.80 -2.54 15.24
N ASN C 72 -14.09 -2.78 15.05
CA ASN C 72 -14.53 -4.00 14.38
C ASN C 72 -13.90 -4.09 13.01
N VAL C 73 -13.37 -5.26 12.68
CA VAL C 73 -12.73 -5.46 11.39
C VAL C 73 -13.70 -5.24 10.25
N TRP C 74 -14.98 -5.53 10.46
CA TRP C 74 -16.02 -5.30 9.47
C TRP C 74 -16.53 -3.87 9.46
N ALA C 75 -16.03 -3.02 10.35
CA ALA C 75 -16.29 -1.58 10.29
C ALA C 75 -15.25 -0.84 9.47
N THR C 76 -13.96 -1.10 9.71
CA THR C 76 -12.93 -0.51 8.87
C THR C 76 -13.06 -0.96 7.43
N HIS C 77 -13.16 -2.26 7.20
CA HIS C 77 -13.56 -2.80 5.91
C HIS C 77 -15.07 -2.67 5.79
N CYS C 78 -15.56 -2.73 4.55
CA CYS C 78 -16.98 -2.50 4.26
C CYS C 78 -17.43 -1.13 4.72
N CYS C 79 -16.57 -0.12 4.60
CA CYS C 79 -16.81 1.16 5.26
C CYS C 79 -17.63 2.13 4.41
N VAL C 80 -17.86 1.84 3.13
CA VAL C 80 -18.67 2.75 2.32
C VAL C 80 -20.12 2.67 2.78
N PRO C 81 -20.87 3.78 2.84
CA PRO C 81 -22.25 3.69 3.36
C PRO C 81 -23.18 2.94 2.41
N THR C 82 -24.23 2.35 2.99
CA THR C 82 -25.34 1.78 2.26
C THR C 82 -26.65 2.48 2.60
N ASP C 83 -26.60 3.80 2.78
CA ASP C 83 -27.80 4.56 3.16
C ASP C 83 -28.95 4.44 2.16
N PRO C 84 -28.75 4.52 0.83
CA PRO C 84 -29.90 4.48 -0.08
C PRO C 84 -30.65 3.16 0.00
N ASN C 85 -31.95 3.23 -0.24
CA ASN C 85 -32.79 2.05 -0.14
C ASN C 85 -32.42 1.04 -1.22
N PRO C 86 -32.65 -0.25 -1.01
CA PRO C 86 -32.45 -1.21 -2.11
C PRO C 86 -33.39 -0.90 -3.26
N GLN C 87 -32.94 -1.22 -4.47
CA GLN C 87 -33.73 -0.94 -5.65
C GLN C 87 -34.86 -1.96 -5.81
N GLU C 88 -34.52 -3.25 -5.87
CA GLU C 88 -35.49 -4.33 -5.98
C GLU C 88 -36.39 -4.13 -7.19
N ILE C 89 -35.75 -3.83 -8.31
CA ILE C 89 -36.47 -3.55 -9.55
C ILE C 89 -36.90 -4.87 -10.17
N HIS C 90 -38.20 -5.16 -10.08
CA HIS C 90 -38.71 -6.44 -10.54
C HIS C 90 -38.59 -6.55 -12.06
N LEU C 91 -38.30 -7.76 -12.54
CA LEU C 91 -38.15 -8.06 -13.96
C LEU C 91 -39.33 -8.93 -14.39
N GLU C 92 -40.28 -8.33 -15.10
CA GLU C 92 -41.44 -9.07 -15.56
C GLU C 92 -41.06 -9.98 -16.72
N ASN C 93 -41.54 -11.23 -16.68
CA ASN C 93 -41.33 -12.20 -17.74
C ASN C 93 -39.84 -12.47 -17.98
N VAL C 94 -39.06 -12.51 -16.90
CA VAL C 94 -37.63 -12.80 -16.97
C VAL C 94 -37.36 -14.04 -16.12
N THR C 95 -36.77 -15.06 -16.74
CA THR C 95 -36.42 -16.31 -16.09
C THR C 95 -34.92 -16.52 -16.18
N GLU C 96 -34.26 -16.55 -15.03
CA GLU C 96 -32.80 -16.64 -14.94
C GLU C 96 -32.40 -17.95 -14.27
N GLU C 97 -31.28 -18.49 -14.72
CA GLU C 97 -30.72 -19.71 -14.16
C GLU C 97 -29.73 -19.35 -13.06
N PHE C 98 -29.86 -19.98 -11.91
CA PHE C 98 -28.99 -19.77 -10.77
C PHE C 98 -28.27 -21.08 -10.43
N ASN C 99 -27.12 -20.96 -9.77
CA ASN C 99 -26.35 -22.11 -9.33
C ASN C 99 -25.58 -21.66 -8.09
N MET C 100 -26.11 -21.99 -6.91
CA MET C 100 -25.45 -21.58 -5.67
C MET C 100 -24.15 -22.32 -5.43
N TRP C 101 -23.97 -23.51 -6.02
CA TRP C 101 -22.73 -24.26 -5.87
C TRP C 101 -21.66 -23.88 -6.88
N LYS C 102 -21.93 -22.90 -7.74
CA LYS C 102 -20.92 -22.33 -8.63
C LYS C 102 -21.02 -20.81 -8.66
N ASN C 103 -21.33 -20.22 -7.51
CA ASN C 103 -21.47 -18.77 -7.40
C ASN C 103 -20.10 -18.15 -7.15
N ASN C 104 -19.77 -17.12 -7.93
CA ASN C 104 -18.50 -16.42 -7.73
C ASN C 104 -18.43 -15.73 -6.39
N MET C 105 -19.56 -15.19 -5.92
CA MET C 105 -19.57 -14.45 -4.66
C MET C 105 -19.20 -15.31 -3.47
N VAL C 106 -19.47 -16.61 -3.49
CA VAL C 106 -19.08 -17.45 -2.37
C VAL C 106 -17.55 -17.51 -2.26
N GLU C 107 -16.87 -17.80 -3.37
CA GLU C 107 -15.41 -17.83 -3.34
C GLU C 107 -14.85 -16.46 -3.02
N GLN C 108 -15.44 -15.40 -3.56
CA GLN C 108 -14.94 -14.06 -3.30
C GLN C 108 -15.08 -13.69 -1.84
N MET C 109 -16.22 -14.02 -1.22
CA MET C 109 -16.41 -13.72 0.19
C MET C 109 -15.46 -14.54 1.06
N HIS C 110 -15.26 -15.80 0.71
CA HIS C 110 -14.33 -16.63 1.50
C HIS C 110 -12.92 -16.06 1.44
N THR C 111 -12.46 -15.72 0.23
CA THR C 111 -11.12 -15.16 0.09
C THR C 111 -11.01 -13.82 0.79
N ASP C 112 -12.06 -12.99 0.70
CA ASP C 112 -12.04 -11.70 1.39
C ASP C 112 -11.94 -11.88 2.89
N ILE C 113 -12.69 -12.83 3.45
CA ILE C 113 -12.66 -13.04 4.89
C ILE C 113 -11.30 -13.52 5.33
N ILE C 114 -10.71 -14.47 4.59
CA ILE C 114 -9.38 -14.95 4.97
C ILE C 114 -8.36 -13.83 4.88
N SER C 115 -8.41 -13.03 3.81
CA SER C 115 -7.47 -11.93 3.67
C SER C 115 -7.65 -10.91 4.77
N LEU C 116 -8.89 -10.58 5.12
CA LEU C 116 -9.14 -9.61 6.17
C LEU C 116 -8.64 -10.13 7.52
N TRP C 117 -8.86 -11.41 7.81
CA TRP C 117 -8.35 -11.97 9.05
C TRP C 117 -6.83 -11.91 9.10
N ASP C 118 -6.16 -12.28 8.01
CA ASP C 118 -4.71 -12.24 8.01
C ASP C 118 -4.20 -10.81 8.17
N GLN C 119 -4.82 -9.85 7.49
CA GLN C 119 -4.37 -8.46 7.58
C GLN C 119 -4.58 -7.92 8.99
N SER C 120 -5.71 -8.22 9.61
CA SER C 120 -5.95 -7.75 10.97
C SER C 120 -5.02 -8.40 11.98
N LEU C 121 -4.73 -9.69 11.80
CA LEU C 121 -3.90 -10.40 12.77
C LEU C 121 -2.42 -10.13 12.56
N LYS C 122 -2.03 -9.65 11.38
CA LYS C 122 -0.62 -9.50 11.02
C LYS C 122 0.12 -8.51 11.93
N PRO C 123 -0.39 -7.28 12.14
CA PRO C 123 0.32 -6.35 13.04
C PRO C 123 -0.11 -6.52 14.50
N CYS C 124 0.22 -7.68 15.07
CA CYS C 124 -0.07 -7.97 16.47
C CYS C 124 1.12 -8.70 17.06
N VAL C 125 1.07 -8.92 18.37
CA VAL C 125 2.24 -9.38 19.10
C VAL C 125 2.58 -10.81 18.71
N LYS C 126 3.86 -11.06 18.41
CA LYS C 126 4.34 -12.41 18.20
C LYS C 126 4.65 -13.05 19.55
N LEU C 127 4.25 -14.30 19.72
CA LEU C 127 4.48 -15.05 20.95
C LEU C 127 5.50 -16.16 20.74
N THR C 128 6.46 -15.97 19.84
CA THR C 128 7.50 -16.96 19.69
C THR C 128 8.33 -17.21 20.95
N PRO C 129 8.52 -16.27 21.89
CA PRO C 129 9.21 -16.63 23.13
C PRO C 129 8.44 -17.61 24.01
N LEU C 130 7.14 -17.81 23.77
CA LEU C 130 6.35 -18.71 24.60
C LEU C 130 6.58 -20.18 24.28
N CYS C 131 6.98 -20.51 23.06
CA CYS C 131 7.16 -21.92 22.70
C CYS C 131 8.42 -22.46 23.38
N VAL C 132 8.26 -22.73 24.68
CA VAL C 132 9.31 -23.26 25.53
C VAL C 132 8.78 -24.49 26.25
N THR C 133 9.60 -25.05 27.12
CA THR C 133 9.20 -26.23 27.86
C THR C 133 8.40 -25.81 29.09
N LEU C 134 7.13 -26.19 29.12
CA LEU C 134 6.19 -25.78 30.15
C LEU C 134 6.10 -26.87 31.19
N GLN C 135 6.39 -26.53 32.44
CA GLN C 135 6.10 -27.40 33.57
C GLN C 135 4.70 -27.07 34.08
N CYS C 136 3.82 -28.08 34.14
CA CYS C 136 2.41 -27.88 34.43
C CYS C 136 1.93 -28.82 35.51
N THR C 137 0.98 -28.34 36.31
CA THR C 137 0.27 -29.13 37.30
C THR C 137 -1.22 -28.82 37.18
N ASN C 138 -2.05 -29.73 37.66
CA ASN C 138 -3.48 -29.51 37.62
C ASN C 138 -3.86 -28.31 38.47
N VAL C 139 -4.99 -27.69 38.14
CA VAL C 139 -5.42 -26.50 38.87
C VAL C 139 -5.88 -26.88 40.27
N THR C 140 -6.88 -27.76 40.37
CA THR C 140 -7.44 -28.16 41.66
C THR C 140 -7.89 -26.97 42.49
N ASN C 141 -8.65 -26.06 41.89
CA ASN C 141 -9.22 -24.90 42.56
C ASN C 141 -10.73 -25.04 42.49
N ASN C 142 -11.29 -25.81 43.41
CA ASN C 142 -12.73 -26.01 43.53
C ASN C 142 -13.33 -26.49 42.21
N ILE C 143 -12.58 -27.33 41.51
CA ILE C 143 -12.99 -27.82 40.19
C ILE C 143 -14.04 -28.91 40.38
N THR C 144 -15.16 -28.77 39.68
CA THR C 144 -16.15 -29.84 39.65
C THR C 144 -15.66 -30.98 38.77
N ASP C 145 -16.36 -32.12 38.88
CA ASP C 145 -15.93 -33.32 38.17
C ASP C 145 -15.98 -33.13 36.65
N ASP C 146 -16.84 -32.24 36.16
CA ASP C 146 -16.89 -31.98 34.73
C ASP C 146 -15.58 -31.42 34.19
N MET C 147 -14.96 -30.49 34.92
CA MET C 147 -13.71 -29.86 34.51
C MET C 147 -12.51 -30.44 35.23
N ARG C 148 -12.61 -31.67 35.72
CA ARG C 148 -11.52 -32.27 36.47
C ARG C 148 -10.31 -32.47 35.57
N GLY C 149 -9.27 -31.65 35.77
CA GLY C 149 -8.09 -31.72 34.96
C GLY C 149 -8.18 -31.01 33.62
N GLU C 150 -9.28 -30.30 33.35
CA GLU C 150 -9.42 -29.62 32.07
C GLU C 150 -8.51 -28.42 31.96
N LEU C 151 -8.14 -27.81 33.09
CA LEU C 151 -7.26 -26.66 33.12
C LEU C 151 -5.90 -27.08 33.66
N LYS C 152 -4.83 -26.58 33.03
CA LYS C 152 -3.47 -26.88 33.42
C LYS C 152 -2.79 -25.60 33.85
N ASN C 153 -2.21 -25.61 35.06
CA ASN C 153 -1.47 -24.48 35.60
C ASN C 153 -0.01 -24.64 35.19
N CYS C 154 0.39 -23.94 34.13
CA CYS C 154 1.71 -24.09 33.54
C CYS C 154 2.59 -22.89 33.89
N SER C 155 3.86 -23.17 34.22
CA SER C 155 4.86 -22.14 34.47
C SER C 155 6.12 -22.49 33.70
N PHE C 156 6.82 -21.44 33.25
CA PHE C 156 7.95 -21.60 32.36
C PHE C 156 8.86 -20.39 32.48
N ASN C 157 10.11 -20.56 32.05
CA ASN C 157 11.09 -19.48 32.04
C ASN C 157 10.88 -18.66 30.78
N MET C 158 10.15 -17.55 30.90
CA MET C 158 10.00 -16.62 29.80
C MET C 158 11.25 -15.75 29.69
N THR C 159 11.62 -15.44 28.46
CA THR C 159 12.71 -14.51 28.18
C THR C 159 12.32 -13.67 26.97
N THR C 160 12.80 -12.42 26.96
CA THR C 160 12.48 -11.51 25.88
C THR C 160 13.29 -11.79 24.61
N GLU C 161 14.31 -12.64 24.68
CA GLU C 161 15.25 -12.92 23.60
C GLU C 161 15.98 -11.66 23.13
N LEU C 162 16.09 -10.65 24.00
CA LEU C 162 16.86 -9.44 23.73
C LEU C 162 18.07 -9.31 24.63
N ARG C 163 18.03 -9.90 25.82
CA ARG C 163 19.09 -9.76 26.81
C ARG C 163 19.19 -11.03 27.63
N ASP C 164 20.23 -11.10 28.46
CA ASP C 164 20.43 -12.25 29.35
C ASP C 164 19.60 -12.04 30.61
N LYS C 165 18.31 -12.33 30.47
CA LYS C 165 17.34 -12.12 31.55
C LYS C 165 16.29 -13.22 31.48
N LYS C 166 16.09 -13.91 32.61
CA LYS C 166 15.08 -14.95 32.76
C LYS C 166 14.09 -14.52 33.83
N GLN C 167 12.80 -14.59 33.50
CA GLN C 167 11.72 -14.18 34.38
C GLN C 167 10.68 -15.29 34.40
N LYS C 168 10.60 -16.02 35.50
CA LYS C 168 9.63 -17.10 35.62
C LYS C 168 8.22 -16.53 35.71
N VAL C 169 7.29 -17.12 34.96
CA VAL C 169 5.90 -16.70 34.94
C VAL C 169 5.03 -17.95 34.98
N TYR C 170 3.71 -17.73 35.02
CA TYR C 170 2.76 -18.83 34.98
C TYR C 170 1.48 -18.38 34.30
N SER C 171 0.75 -19.36 33.77
CA SER C 171 -0.48 -19.11 33.03
C SER C 171 -1.32 -20.37 33.04
N LEU C 172 -2.64 -20.20 33.12
CA LEU C 172 -3.58 -21.33 33.15
C LEU C 172 -4.05 -21.64 31.73
N PHE C 173 -3.25 -22.42 31.02
CA PHE C 173 -3.61 -22.88 29.69
C PHE C 173 -4.61 -24.03 29.77
N TYR C 174 -5.55 -24.04 28.83
CA TYR C 174 -6.51 -25.12 28.74
C TYR C 174 -5.83 -26.40 28.26
N ARG C 175 -6.46 -27.54 28.54
CA ARG C 175 -5.84 -28.82 28.25
C ARG C 175 -5.64 -29.01 26.75
N LEU C 176 -6.60 -28.58 25.94
CA LEU C 176 -6.52 -28.77 24.50
C LEU C 176 -5.34 -28.04 23.87
N ASP C 177 -4.83 -26.98 24.51
CA ASP C 177 -3.74 -26.20 23.97
C ASP C 177 -2.36 -26.74 24.34
N VAL C 178 -2.28 -27.76 25.20
CA VAL C 178 -1.05 -28.17 25.85
C VAL C 178 -0.92 -29.68 25.71
N VAL C 179 0.26 -30.14 25.26
CA VAL C 179 0.51 -31.53 24.95
C VAL C 179 1.82 -31.97 25.60
N GLN C 180 1.86 -33.23 26.04
CA GLN C 180 3.02 -33.76 26.74
C GLN C 180 4.23 -33.84 25.81
N ILE C 181 5.42 -33.68 26.40
CA ILE C 181 6.68 -33.92 25.70
C ILE C 181 7.26 -35.26 26.10
N ASN C 182 7.59 -35.43 27.39
CA ASN C 182 8.21 -36.65 27.89
C ASN C 182 7.12 -37.67 28.19
N GLU C 183 6.59 -38.25 27.13
CA GLU C 183 5.50 -39.21 27.22
C GLU C 183 5.92 -40.43 28.04
N ASN C 193 5.47 -30.92 37.38
CA ASN C 193 5.38 -32.36 37.55
C ASN C 193 5.74 -33.08 36.26
N LYS C 194 5.16 -32.64 35.16
CA LYS C 194 5.47 -33.16 33.84
C LYS C 194 5.63 -32.00 32.86
N GLU C 195 6.47 -32.21 31.85
CA GLU C 195 6.81 -31.17 30.90
C GLU C 195 5.88 -31.24 29.70
N TYR C 196 5.33 -30.10 29.31
CA TYR C 196 4.47 -29.97 28.15
C TYR C 196 4.97 -28.86 27.26
N ARG C 197 4.44 -28.82 26.04
CA ARG C 197 4.61 -27.69 25.12
C ARG C 197 3.26 -27.34 24.53
N LEU C 198 3.19 -26.17 23.88
CA LEU C 198 1.98 -25.82 23.17
C LEU C 198 1.82 -26.70 21.94
N ILE C 199 0.56 -26.90 21.52
CA ILE C 199 0.31 -27.78 20.38
C ILE C 199 0.86 -27.18 19.10
N ASN C 200 0.92 -25.85 19.00
CA ASN C 200 1.42 -25.21 17.79
C ASN C 200 2.93 -25.14 17.74
N CYS C 201 3.65 -25.65 18.76
CA CYS C 201 5.10 -25.52 18.77
C CYS C 201 5.74 -26.24 17.58
N ASN C 202 5.25 -27.43 17.22
CA ASN C 202 5.84 -28.21 16.15
C ASN C 202 5.16 -27.98 14.81
N THR C 203 4.20 -27.07 14.72
CA THR C 203 3.47 -26.80 13.47
C THR C 203 3.76 -25.41 12.93
N SER C 204 3.58 -24.37 13.74
CA SER C 204 3.74 -23.02 13.23
C SER C 204 3.85 -22.04 14.38
N ALA C 205 4.54 -20.92 14.12
CA ALA C 205 4.59 -19.85 15.10
C ALA C 205 3.20 -19.27 15.32
N ILE C 206 2.95 -18.79 16.53
CA ILE C 206 1.62 -18.38 16.96
C ILE C 206 1.63 -16.88 17.21
N THR C 207 0.67 -16.19 16.63
CA THR C 207 0.53 -14.74 16.74
C THR C 207 -0.65 -14.41 17.63
N GLN C 208 -0.43 -13.55 18.61
CA GLN C 208 -1.52 -13.12 19.48
C GLN C 208 -2.46 -12.21 18.72
N ALA C 209 -3.76 -12.31 19.02
CA ALA C 209 -4.72 -11.39 18.44
C ALA C 209 -4.68 -10.07 19.19
N CYS C 210 -4.75 -8.98 18.46
CA CYS C 210 -4.79 -7.66 19.08
C CYS C 210 -6.09 -7.52 19.88
N PRO C 211 -6.05 -7.27 21.19
CA PRO C 211 -7.32 -7.13 21.93
C PRO C 211 -8.20 -6.01 21.45
N LYS C 212 -7.63 -4.91 20.96
CA LYS C 212 -8.40 -3.80 20.45
C LYS C 212 -9.21 -4.16 19.22
N VAL C 213 -8.83 -5.21 18.50
CA VAL C 213 -9.49 -5.61 17.27
C VAL C 213 -10.62 -6.55 17.63
N SER C 214 -11.84 -6.19 17.23
CA SER C 214 -13.02 -6.99 17.48
C SER C 214 -13.44 -7.72 16.21
N PHE C 215 -13.76 -9.00 16.33
CA PHE C 215 -14.25 -9.82 15.23
C PHE C 215 -15.76 -10.05 15.32
N GLU C 216 -16.49 -9.13 15.92
CA GLU C 216 -17.93 -9.30 16.03
C GLU C 216 -18.56 -9.27 14.63
N PRO C 217 -19.48 -10.21 14.31
CA PRO C 217 -19.96 -10.28 12.92
C PRO C 217 -21.12 -9.34 12.65
N ILE C 218 -20.81 -8.05 12.51
CA ILE C 218 -21.87 -7.07 12.18
C ILE C 218 -22.35 -7.32 10.75
N PRO C 219 -23.59 -7.00 10.41
CA PRO C 219 -24.07 -7.28 9.05
C PRO C 219 -23.31 -6.45 8.02
N ILE C 220 -23.13 -7.03 6.83
CA ILE C 220 -22.49 -6.35 5.72
C ILE C 220 -23.28 -6.65 4.45
N HIS C 221 -23.08 -5.79 3.45
CA HIS C 221 -23.72 -5.92 2.15
C HIS C 221 -22.65 -5.93 1.07
N TYR C 222 -22.83 -6.82 0.10
CA TYR C 222 -21.96 -6.87 -1.07
C TYR C 222 -22.62 -6.12 -2.22
N CYS C 223 -21.95 -5.08 -2.71
CA CYS C 223 -22.43 -4.24 -3.79
C CYS C 223 -21.53 -4.42 -5.00
N ALA C 224 -22.15 -4.62 -6.16
CA ALA C 224 -21.37 -4.80 -7.37
C ALA C 224 -20.83 -3.46 -7.87
N PRO C 225 -19.70 -3.46 -8.57
CA PRO C 225 -19.17 -2.19 -9.10
C PRO C 225 -20.04 -1.69 -10.24
N ALA C 226 -19.70 -0.50 -10.72
CA ALA C 226 -20.44 0.07 -11.83
C ALA C 226 -20.25 -0.78 -13.09
N GLY C 227 -21.32 -0.94 -13.86
CA GLY C 227 -21.32 -1.76 -15.04
C GLY C 227 -21.79 -3.18 -14.81
N PHE C 228 -21.77 -3.65 -13.56
CA PHE C 228 -22.29 -4.96 -13.18
C PHE C 228 -23.54 -4.78 -12.34
N ALA C 229 -24.33 -5.84 -12.25
CA ALA C 229 -25.55 -5.82 -11.47
C ALA C 229 -25.73 -7.18 -10.83
N ILE C 230 -26.48 -7.20 -9.72
CA ILE C 230 -26.73 -8.41 -8.94
C ILE C 230 -28.20 -8.77 -9.10
N LEU C 231 -28.46 -9.93 -9.68
CA LEU C 231 -29.80 -10.46 -9.82
C LEU C 231 -30.08 -11.42 -8.67
N LYS C 232 -31.25 -11.25 -8.04
CA LYS C 232 -31.66 -12.10 -6.93
C LYS C 232 -32.92 -12.85 -7.33
N CYS C 233 -33.06 -14.07 -6.82
CA CYS C 233 -34.22 -14.90 -7.08
C CYS C 233 -35.17 -14.81 -5.90
N LYS C 234 -36.38 -14.31 -6.15
CA LYS C 234 -37.37 -14.09 -5.12
C LYS C 234 -38.35 -15.25 -4.96
N ASP C 235 -38.15 -16.36 -5.67
CA ASP C 235 -39.05 -17.51 -5.52
C ASP C 235 -38.95 -18.05 -4.10
N LYS C 236 -40.09 -18.14 -3.44
CA LYS C 236 -40.14 -18.84 -2.17
C LYS C 236 -39.86 -20.32 -2.39
N LYS C 237 -39.17 -20.94 -1.44
CA LYS C 237 -38.85 -22.36 -1.51
C LYS C 237 -37.95 -22.65 -2.71
N PHE C 238 -37.10 -21.70 -3.07
CA PHE C 238 -36.10 -21.92 -4.11
C PHE C 238 -35.15 -23.03 -3.66
N ASN C 239 -34.91 -24.00 -4.53
CA ASN C 239 -34.21 -25.21 -4.16
C ASN C 239 -32.71 -25.17 -4.47
N GLY C 240 -32.18 -24.01 -4.85
CA GLY C 240 -30.75 -23.81 -5.00
C GLY C 240 -30.26 -23.65 -6.42
N THR C 241 -30.81 -24.41 -7.37
CA THR C 241 -30.37 -24.38 -8.76
C THR C 241 -31.60 -24.35 -9.67
N GLY C 242 -31.35 -24.33 -10.97
CA GLY C 242 -32.41 -24.35 -11.94
C GLY C 242 -33.00 -22.97 -12.15
N PRO C 243 -33.95 -22.86 -13.08
CA PRO C 243 -34.53 -21.55 -13.40
C PRO C 243 -35.33 -20.99 -12.24
N CYS C 244 -35.38 -19.65 -12.19
CA CYS C 244 -36.16 -18.93 -11.22
C CYS C 244 -36.92 -17.83 -11.95
N THR C 245 -38.24 -17.74 -11.71
CA THR C 245 -39.11 -16.86 -12.47
C THR C 245 -39.27 -15.49 -11.83
N ASN C 246 -39.52 -15.41 -10.53
CA ASN C 246 -39.74 -14.14 -9.86
C ASN C 246 -38.37 -13.54 -9.53
N VAL C 247 -37.84 -12.78 -10.48
CA VAL C 247 -36.49 -12.25 -10.42
C VAL C 247 -36.55 -10.75 -10.22
N SER C 248 -35.54 -10.18 -9.57
CA SER C 248 -35.40 -8.74 -9.44
C SER C 248 -33.92 -8.38 -9.44
N THR C 249 -33.65 -7.12 -9.76
CA THR C 249 -32.29 -6.59 -9.84
C THR C 249 -32.04 -5.69 -8.64
N VAL C 250 -30.86 -5.81 -8.04
CA VAL C 250 -30.46 -5.02 -6.89
C VAL C 250 -28.99 -4.66 -7.03
N GLN C 251 -28.63 -3.48 -6.53
CA GLN C 251 -27.24 -3.05 -6.55
C GLN C 251 -26.45 -3.59 -5.36
N CYS C 252 -27.13 -3.89 -4.24
CA CYS C 252 -26.49 -4.44 -3.06
C CYS C 252 -27.38 -5.53 -2.48
N THR C 253 -26.73 -6.58 -1.97
CA THR C 253 -27.46 -7.68 -1.34
C THR C 253 -27.89 -7.28 0.06
N HIS C 254 -28.80 -8.07 0.62
CA HIS C 254 -29.30 -7.80 1.97
C HIS C 254 -28.19 -8.03 2.98
N GLY C 255 -28.43 -7.60 4.22
CA GLY C 255 -27.41 -7.67 5.25
C GLY C 255 -27.04 -9.10 5.56
N ILE C 256 -25.76 -9.42 5.46
CA ILE C 256 -25.23 -10.75 5.71
C ILE C 256 -24.26 -10.65 6.89
N LYS C 257 -24.48 -11.49 7.90
CA LYS C 257 -23.59 -11.56 9.05
C LYS C 257 -22.52 -12.62 8.79
N PRO C 258 -21.23 -12.26 8.69
CA PRO C 258 -20.25 -13.32 8.38
C PRO C 258 -19.90 -14.15 9.61
N VAL C 259 -20.84 -15.00 10.02
CA VAL C 259 -20.69 -15.81 11.22
C VAL C 259 -19.93 -17.08 10.87
N VAL C 260 -18.89 -17.38 11.65
CA VAL C 260 -18.07 -18.57 11.48
C VAL C 260 -18.56 -19.62 12.46
N SER C 261 -18.95 -20.79 11.93
CA SER C 261 -19.40 -21.87 12.80
C SER C 261 -19.46 -23.16 12.00
N THR C 262 -19.62 -24.27 12.71
CA THR C 262 -19.66 -25.60 12.12
C THR C 262 -20.77 -26.42 12.75
N GLN C 263 -21.44 -27.21 11.90
CA GLN C 263 -22.53 -28.12 12.26
C GLN C 263 -23.85 -27.41 12.57
N LEU C 264 -23.85 -26.09 12.70
CA LEU C 264 -25.05 -25.31 12.93
C LEU C 264 -24.75 -23.88 12.51
N LEU C 265 -25.44 -23.40 11.48
CA LEU C 265 -25.37 -22.00 11.13
C LEU C 265 -26.01 -21.18 12.25
N LEU C 266 -25.56 -19.94 12.40
CA LEU C 266 -26.07 -19.05 13.44
C LEU C 266 -26.32 -17.67 12.86
N ASN C 267 -27.41 -17.05 13.33
CA ASN C 267 -27.75 -15.68 12.99
C ASN C 267 -27.86 -15.49 11.47
N GLY C 268 -28.43 -16.49 10.80
CA GLY C 268 -28.68 -16.43 9.38
C GLY C 268 -30.07 -15.93 9.06
N SER C 269 -30.48 -16.16 7.80
CA SER C 269 -31.81 -15.78 7.34
C SER C 269 -32.72 -17.00 7.25
N LEU C 270 -33.91 -16.86 7.80
CA LEU C 270 -34.88 -17.93 7.87
C LEU C 270 -35.55 -18.12 6.51
N ALA C 271 -36.05 -19.33 6.28
CA ALA C 271 -36.74 -19.62 5.04
C ALA C 271 -38.13 -18.98 5.04
N GLU C 272 -38.80 -19.08 3.89
CA GLU C 272 -40.13 -18.47 3.70
C GLU C 272 -41.20 -19.53 3.93
N GLU C 273 -41.56 -19.69 5.20
CA GLU C 273 -42.69 -20.51 5.61
C GLU C 273 -42.53 -21.99 5.23
N GLU C 274 -41.30 -22.47 5.06
CA GLU C 274 -41.08 -23.89 4.82
C GLU C 274 -39.59 -24.18 4.96
N VAL C 275 -39.29 -25.28 5.64
CA VAL C 275 -37.92 -25.75 5.78
C VAL C 275 -37.43 -26.19 4.41
N ILE C 276 -36.27 -25.70 4.00
CA ILE C 276 -35.72 -25.91 2.66
C ILE C 276 -34.47 -26.76 2.79
N ILE C 277 -34.34 -27.78 1.95
CA ILE C 277 -33.18 -28.66 1.93
C ILE C 277 -32.51 -28.48 0.57
N ARG C 278 -31.21 -28.26 0.58
CA ARG C 278 -30.43 -27.99 -0.62
C ARG C 278 -29.22 -28.90 -0.66
N SER C 279 -28.90 -29.40 -1.85
CA SER C 279 -27.72 -30.24 -2.06
C SER C 279 -27.39 -30.25 -3.54
N GLU C 280 -26.10 -30.15 -3.86
CA GLU C 280 -25.69 -30.17 -5.26
C GLU C 280 -26.10 -31.48 -5.93
N ASN C 281 -25.82 -32.59 -5.27
CA ASN C 281 -26.16 -33.93 -5.76
C ASN C 281 -26.68 -34.69 -4.54
N ILE C 282 -27.99 -34.62 -4.30
CA ILE C 282 -28.55 -35.16 -3.08
C ILE C 282 -28.41 -36.67 -3.04
N THR C 283 -28.47 -37.33 -4.20
CA THR C 283 -28.30 -38.78 -4.23
C THR C 283 -26.86 -39.21 -3.98
N ASN C 284 -25.90 -38.31 -4.11
CA ASN C 284 -24.51 -38.59 -3.76
C ASN C 284 -24.34 -38.29 -2.28
N ASN C 285 -23.90 -39.29 -1.52
CA ASN C 285 -23.77 -39.12 -0.07
C ASN C 285 -22.64 -38.16 0.31
N ALA C 286 -21.59 -38.06 -0.49
CA ALA C 286 -20.43 -37.25 -0.14
C ALA C 286 -20.73 -35.76 -0.08
N LYS C 287 -21.81 -35.30 -0.71
CA LYS C 287 -22.13 -33.88 -0.72
C LYS C 287 -22.86 -33.47 0.55
N ASN C 288 -22.39 -32.38 1.14
CA ASN C 288 -23.03 -31.83 2.33
C ASN C 288 -24.43 -31.35 1.98
N ILE C 289 -25.39 -31.68 2.83
CA ILE C 289 -26.79 -31.27 2.66
C ILE C 289 -27.01 -30.03 3.51
N LEU C 290 -27.19 -28.88 2.84
CA LEU C 290 -27.38 -27.61 3.51
C LEU C 290 -28.87 -27.43 3.78
N VAL C 291 -29.24 -27.41 5.06
CA VAL C 291 -30.63 -27.32 5.49
C VAL C 291 -30.84 -25.95 6.11
N GLN C 292 -31.86 -25.25 5.62
CA GLN C 292 -32.26 -23.95 6.17
C GLN C 292 -33.62 -24.10 6.82
N LEU C 293 -33.76 -23.54 8.02
CA LEU C 293 -35.00 -23.64 8.77
C LEU C 293 -35.92 -22.46 8.47
N ASN C 294 -37.22 -22.67 8.68
CA ASN C 294 -38.20 -21.59 8.63
C ASN C 294 -38.51 -21.00 10.00
N GLU C 295 -37.85 -21.49 11.06
CA GLU C 295 -38.01 -20.93 12.39
C GLU C 295 -36.68 -21.08 13.12
N SER C 296 -36.38 -20.12 13.99
CA SER C 296 -35.12 -20.12 14.71
C SER C 296 -35.22 -20.93 15.99
N VAL C 297 -34.13 -21.62 16.31
CA VAL C 297 -33.98 -22.35 17.57
C VAL C 297 -32.99 -21.58 18.42
N GLN C 298 -33.40 -21.22 19.62
CA GLN C 298 -32.61 -20.34 20.48
C GLN C 298 -31.63 -21.15 21.32
N ILE C 299 -30.37 -20.72 21.35
CA ILE C 299 -29.33 -21.32 22.15
C ILE C 299 -28.74 -20.26 23.06
N ASN C 300 -28.62 -20.57 24.35
CA ASN C 300 -27.94 -19.74 25.32
C ASN C 300 -26.63 -20.42 25.70
N CYS C 301 -25.51 -19.82 25.30
CA CYS C 301 -24.19 -20.37 25.56
C CYS C 301 -23.48 -19.52 26.61
N THR C 302 -22.89 -20.18 27.60
CA THR C 302 -22.33 -19.53 28.77
C THR C 302 -20.98 -20.14 29.13
N ARG C 303 -20.13 -19.35 29.79
CA ARG C 303 -18.87 -19.82 30.36
C ARG C 303 -18.80 -19.29 31.79
N PRO C 304 -19.33 -20.02 32.77
CA PRO C 304 -19.56 -19.42 34.09
C PRO C 304 -18.31 -19.01 34.86
N ASN C 305 -17.12 -19.39 34.39
CA ASN C 305 -15.89 -19.03 35.11
C ASN C 305 -15.67 -17.52 35.04
N ASN C 306 -15.33 -16.92 36.18
CA ASN C 306 -15.03 -15.49 36.28
C ASN C 306 -13.51 -15.29 36.27
N ASN C 307 -12.92 -15.53 35.10
CA ASN C 307 -11.47 -15.49 34.97
C ASN C 307 -10.97 -14.07 34.73
N THR C 308 -9.68 -13.87 34.96
CA THR C 308 -9.02 -12.57 34.84
C THR C 308 -7.75 -12.71 34.02
N ARG C 309 -7.19 -11.57 33.63
CA ARG C 309 -6.00 -11.51 32.78
C ARG C 309 -4.76 -11.30 33.63
N LYS C 310 -3.61 -11.69 33.07
CA LYS C 310 -2.31 -11.52 33.70
C LYS C 310 -1.36 -10.97 32.64
N SER C 311 -1.27 -9.65 32.53
CA SER C 311 -0.47 -9.02 31.50
C SER C 311 1.00 -9.29 31.77
N ILE C 312 1.68 -9.86 30.80
CA ILE C 312 3.11 -10.13 30.85
C ILE C 312 3.75 -9.42 29.67
N ARG C 313 4.84 -8.70 29.91
CA ARG C 313 5.50 -7.93 28.87
C ARG C 313 6.63 -8.75 28.25
N ILE C 314 6.63 -8.84 26.93
CA ILE C 314 7.65 -9.57 26.20
C ILE C 314 8.74 -8.65 25.68
N GLY C 315 8.35 -7.50 25.12
CA GLY C 315 9.29 -6.62 24.45
C GLY C 315 8.86 -5.17 24.49
N PRO C 316 9.41 -4.35 23.60
CA PRO C 316 9.08 -2.92 23.63
C PRO C 316 7.65 -2.66 23.18
N GLY C 317 6.72 -2.81 24.12
CA GLY C 317 5.30 -2.71 23.81
C GLY C 317 4.67 -4.00 23.33
N GLN C 318 5.36 -5.12 23.47
CA GLN C 318 4.85 -6.43 23.08
C GLN C 318 4.37 -7.13 24.35
N TRP C 319 3.06 -7.16 24.54
CA TRP C 319 2.43 -7.72 25.73
C TRP C 319 1.76 -9.03 25.40
N PHE C 320 1.89 -9.99 26.32
CA PHE C 320 1.20 -11.27 26.25
C PHE C 320 0.27 -11.38 27.44
N TYR C 321 -1.01 -11.66 27.15
CA TYR C 321 -2.07 -11.70 28.16
C TYR C 321 -2.32 -13.16 28.52
N ALA C 322 -1.67 -13.63 29.56
CA ALA C 322 -1.91 -14.97 30.07
C ALA C 322 -3.22 -15.02 30.84
N THR C 323 -3.71 -16.24 31.06
CA THR C 323 -4.91 -16.43 31.86
C THR C 323 -4.56 -16.45 33.34
N GLY C 324 -5.04 -15.47 34.08
CA GLY C 324 -4.81 -15.39 35.50
C GLY C 324 -5.68 -16.36 36.26
N ASP C 325 -5.68 -16.21 37.58
CA ASP C 325 -6.47 -17.10 38.42
C ASP C 325 -7.96 -16.93 38.14
N ILE C 326 -8.69 -18.04 38.21
CA ILE C 326 -10.13 -18.05 38.03
C ILE C 326 -10.78 -17.83 39.38
N ILE C 327 -11.64 -16.83 39.46
CA ILE C 327 -12.27 -16.45 40.72
C ILE C 327 -13.48 -17.34 40.95
N GLY C 328 -13.57 -17.92 42.14
CA GLY C 328 -14.69 -18.76 42.49
C GLY C 328 -14.58 -20.15 41.90
N ASP C 329 -15.68 -20.89 42.07
CA ASP C 329 -15.73 -22.27 41.61
C ASP C 329 -15.64 -22.34 40.10
N ILE C 330 -15.04 -23.42 39.61
CA ILE C 330 -14.84 -23.65 38.19
C ILE C 330 -15.86 -24.68 37.73
N ARG C 331 -16.68 -24.30 36.74
CA ARG C 331 -17.70 -25.17 36.17
C ARG C 331 -17.51 -25.25 34.67
N GLN C 332 -18.17 -26.23 34.06
CA GLN C 332 -17.97 -26.50 32.65
C GLN C 332 -18.80 -25.56 31.79
N ALA C 333 -18.16 -24.96 30.79
CA ALA C 333 -18.88 -24.14 29.83
C ALA C 333 -19.86 -25.01 29.04
N HIS C 334 -21.07 -24.50 28.85
CA HIS C 334 -22.13 -25.29 28.27
C HIS C 334 -23.13 -24.40 27.56
N CYS C 335 -23.93 -25.01 26.70
CA CYS C 335 -24.99 -24.35 25.95
C CYS C 335 -26.31 -25.06 26.21
N ASN C 336 -27.38 -24.28 26.31
CA ASN C 336 -28.73 -24.80 26.54
C ASN C 336 -29.56 -24.55 25.29
N VAL C 337 -30.18 -25.61 24.78
CA VAL C 337 -31.11 -25.54 23.65
C VAL C 337 -32.47 -25.94 24.15
N SER C 338 -33.48 -25.12 23.88
CA SER C 338 -34.83 -25.42 24.33
C SER C 338 -35.31 -26.72 23.71
N LYS C 339 -35.69 -27.68 24.56
CA LYS C 339 -35.85 -29.05 24.08
C LYS C 339 -37.06 -29.19 23.15
N ALA C 340 -38.20 -28.61 23.52
CA ALA C 340 -39.39 -28.74 22.69
C ALA C 340 -39.19 -28.10 21.32
N THR C 341 -38.57 -26.92 21.29
CA THR C 341 -38.33 -26.25 20.02
C THR C 341 -37.42 -27.09 19.12
N TRP C 342 -36.36 -27.66 19.71
CA TRP C 342 -35.48 -28.52 18.93
C TRP C 342 -36.21 -29.75 18.43
N ASN C 343 -37.09 -30.32 19.26
CA ASN C 343 -37.85 -31.48 18.84
C ASN C 343 -38.72 -31.16 17.64
N GLU C 344 -39.45 -30.05 17.69
CA GLU C 344 -40.31 -29.67 16.57
C GLU C 344 -39.48 -29.39 15.31
N THR C 345 -38.35 -28.69 15.46
CA THR C 345 -37.54 -28.36 14.30
C THR C 345 -36.96 -29.60 13.66
N LEU C 346 -36.49 -30.55 14.47
CA LEU C 346 -35.98 -31.79 13.92
C LEU C 346 -37.09 -32.58 13.25
N GLY C 347 -38.30 -32.53 13.79
CA GLY C 347 -39.42 -33.19 13.14
C GLY C 347 -39.71 -32.61 11.76
N LYS C 348 -39.69 -31.28 11.66
CA LYS C 348 -39.91 -30.65 10.36
C LYS C 348 -38.81 -31.02 9.38
N VAL C 349 -37.56 -31.05 9.83
CA VAL C 349 -36.47 -31.44 8.95
C VAL C 349 -36.65 -32.90 8.51
N VAL C 350 -37.15 -33.75 9.41
CA VAL C 350 -37.40 -35.14 9.06
C VAL C 350 -38.45 -35.23 7.97
N LYS C 351 -39.52 -34.44 8.09
CA LYS C 351 -40.57 -34.45 7.08
C LYS C 351 -40.02 -34.02 5.71
N GLN C 352 -39.26 -32.93 5.69
CA GLN C 352 -38.72 -32.47 4.41
C GLN C 352 -37.71 -33.44 3.84
N LEU C 353 -36.98 -34.17 4.69
CA LEU C 353 -36.09 -35.21 4.18
C LEU C 353 -36.89 -36.38 3.61
N ARG C 354 -37.99 -36.75 4.26
CA ARG C 354 -38.86 -37.79 3.72
C ARG C 354 -39.38 -37.41 2.35
N LYS C 355 -39.64 -36.12 2.13
CA LYS C 355 -40.09 -35.69 0.80
C LYS C 355 -39.09 -36.01 -0.30
N HIS C 356 -37.80 -36.12 0.03
CA HIS C 356 -36.76 -36.43 -0.95
C HIS C 356 -36.35 -37.88 -0.97
N PHE C 357 -36.38 -38.57 0.17
CA PHE C 357 -35.92 -39.95 0.28
C PHE C 357 -37.06 -40.96 0.35
N GLY C 358 -38.30 -40.55 0.09
CA GLY C 358 -39.44 -41.45 0.20
C GLY C 358 -39.97 -41.48 1.62
N ASN C 359 -41.29 -41.41 1.78
CA ASN C 359 -41.91 -41.26 3.08
C ASN C 359 -42.26 -42.59 3.74
N ASN C 360 -41.58 -43.68 3.37
CA ASN C 360 -41.62 -44.93 4.11
C ASN C 360 -40.25 -45.34 4.64
N THR C 361 -39.24 -44.48 4.52
CA THR C 361 -37.89 -44.77 4.97
C THR C 361 -37.68 -44.28 6.40
N ILE C 362 -36.94 -45.06 7.18
CA ILE C 362 -36.60 -44.66 8.54
C ILE C 362 -35.39 -43.73 8.48
N ILE C 363 -35.57 -42.50 8.98
CA ILE C 363 -34.52 -41.50 9.00
C ILE C 363 -34.01 -41.40 10.43
N ARG C 364 -32.72 -41.62 10.60
CA ARG C 364 -32.08 -41.68 11.91
C ARG C 364 -30.96 -40.67 11.97
N PHE C 365 -30.90 -39.91 13.07
CA PHE C 365 -29.86 -38.95 13.32
C PHE C 365 -28.85 -39.53 14.31
N ALA C 366 -27.58 -39.19 14.12
CA ALA C 366 -26.50 -39.69 14.95
C ALA C 366 -25.46 -38.59 15.16
N ASN C 367 -24.61 -38.79 16.16
CA ASN C 367 -23.53 -37.86 16.40
C ASN C 367 -22.49 -37.99 15.29
N SER C 368 -21.70 -36.93 15.11
CA SER C 368 -20.75 -36.89 14.01
C SER C 368 -19.67 -37.96 14.19
N SER C 369 -18.95 -38.23 13.12
CA SER C 369 -17.88 -39.22 13.13
C SER C 369 -16.64 -38.62 13.79
N GLY C 370 -15.53 -39.35 13.71
CA GLY C 370 -14.28 -38.88 14.27
C GLY C 370 -13.63 -37.83 13.38
N GLY C 371 -12.62 -37.18 13.94
CA GLY C 371 -11.89 -36.15 13.25
C GLY C 371 -11.45 -35.05 14.20
N ASP C 372 -10.96 -33.97 13.61
CA ASP C 372 -10.50 -32.84 14.40
C ASP C 372 -11.68 -32.15 15.08
N LEU C 373 -11.37 -31.38 16.12
CA LEU C 373 -12.42 -30.63 16.83
C LEU C 373 -13.06 -29.59 15.92
N GLU C 374 -12.36 -29.15 14.87
CA GLU C 374 -12.93 -28.18 13.95
C GLU C 374 -14.19 -28.70 13.26
N VAL C 375 -14.29 -30.02 13.05
CA VAL C 375 -15.37 -30.61 12.29
C VAL C 375 -16.25 -31.54 13.12
N THR C 376 -15.72 -32.18 14.17
CA THR C 376 -16.49 -33.12 14.97
C THR C 376 -17.37 -32.44 16.00
N THR C 377 -17.24 -31.14 16.20
CA THR C 377 -17.96 -30.39 17.23
C THR C 377 -18.52 -29.11 16.64
N HIS C 378 -19.37 -28.46 17.43
CA HIS C 378 -19.96 -27.18 17.07
C HIS C 378 -19.08 -26.07 17.63
N SER C 379 -18.35 -25.39 16.76
CA SER C 379 -17.45 -24.31 17.12
C SER C 379 -18.07 -22.97 16.76
N PHE C 380 -17.75 -21.95 17.53
CA PHE C 380 -18.25 -20.60 17.25
C PHE C 380 -17.54 -19.62 18.16
N ASN C 381 -17.50 -18.37 17.72
CA ASN C 381 -16.85 -17.28 18.44
C ASN C 381 -17.92 -16.52 19.20
N CYS C 382 -18.06 -16.82 20.49
CA CYS C 382 -19.08 -16.20 21.35
C CYS C 382 -18.41 -15.17 22.24
N GLY C 383 -18.75 -13.90 22.04
CA GLY C 383 -18.22 -12.82 22.85
C GLY C 383 -16.71 -12.67 22.77
N GLY C 384 -16.07 -13.16 21.71
CA GLY C 384 -14.64 -13.13 21.57
C GLY C 384 -13.93 -14.40 21.98
N GLU C 385 -14.60 -15.31 22.66
CA GLU C 385 -14.03 -16.59 23.08
C GLU C 385 -14.47 -17.69 22.15
N PHE C 386 -13.60 -18.69 21.97
CA PHE C 386 -13.80 -19.78 21.03
C PHE C 386 -14.33 -20.99 21.80
N PHE C 387 -15.54 -21.41 21.46
CA PHE C 387 -16.19 -22.57 22.06
C PHE C 387 -16.04 -23.77 21.14
N TYR C 388 -16.21 -24.97 21.69
CA TYR C 388 -16.25 -26.21 20.93
C TYR C 388 -17.21 -27.14 21.65
N CYS C 389 -18.43 -27.24 21.13
CA CYS C 389 -19.53 -27.94 21.80
C CYS C 389 -19.79 -29.29 21.17
N ASN C 390 -19.98 -30.30 22.03
CA ASN C 390 -20.22 -31.67 21.62
C ASN C 390 -21.71 -31.84 21.34
N THR C 391 -22.06 -32.05 20.08
CA THR C 391 -23.45 -32.01 19.63
C THR C 391 -24.11 -33.39 19.56
N SER C 392 -23.55 -34.40 20.22
CA SER C 392 -24.22 -35.70 20.23
C SER C 392 -25.56 -35.65 20.94
N GLY C 393 -25.79 -34.65 21.79
CA GLY C 393 -27.05 -34.53 22.50
C GLY C 393 -28.20 -34.00 21.67
N LEU C 394 -27.95 -33.55 20.44
CA LEU C 394 -28.99 -33.03 19.55
C LEU C 394 -29.37 -34.00 18.44
N PHE C 395 -28.39 -34.53 17.73
CA PHE C 395 -28.64 -35.43 16.60
C PHE C 395 -28.66 -36.87 17.09
N ASN C 396 -29.56 -37.12 18.05
CA ASN C 396 -29.68 -38.39 18.76
C ASN C 396 -31.17 -38.74 18.78
N SER C 397 -31.59 -39.48 17.76
CA SER C 397 -33.02 -39.77 17.56
C SER C 397 -33.16 -40.69 16.36
N THR C 398 -34.18 -41.56 16.41
CA THR C 398 -34.59 -42.38 15.28
C THR C 398 -36.05 -42.06 14.99
N TRP C 399 -36.34 -41.69 13.75
CA TRP C 399 -37.68 -41.30 13.33
C TRP C 399 -38.26 -42.39 12.43
N ILE C 400 -39.33 -43.03 12.90
CA ILE C 400 -40.01 -44.08 12.16
C ILE C 400 -40.98 -43.42 11.18
N SER C 401 -41.00 -43.91 9.94
CA SER C 401 -41.81 -43.29 8.91
C SER C 401 -43.30 -43.36 9.24
N ASN C 402 -43.73 -44.37 9.99
CA ASN C 402 -45.12 -44.49 10.40
C ASN C 402 -45.39 -43.42 11.45
N THR C 403 -45.79 -42.23 10.98
CA THR C 403 -46.02 -41.08 11.85
C THR C 403 -44.75 -40.67 12.57
N SER C 413 -42.32 -29.22 27.75
CA SER C 413 -41.80 -29.01 29.10
C SER C 413 -40.70 -27.96 29.09
N ASN C 414 -40.26 -27.54 30.28
CA ASN C 414 -39.24 -26.52 30.43
C ASN C 414 -37.82 -27.11 30.46
N ASP C 415 -37.68 -28.43 30.36
CA ASP C 415 -36.36 -29.02 30.32
C ASP C 415 -35.62 -28.58 29.07
N SER C 416 -34.29 -28.53 29.18
CA SER C 416 -33.44 -28.07 28.09
C SER C 416 -32.28 -29.04 27.92
N ILE C 417 -31.79 -29.13 26.68
CA ILE C 417 -30.68 -30.00 26.36
C ILE C 417 -29.38 -29.27 26.65
N THR C 418 -28.52 -29.87 27.47
CA THR C 418 -27.26 -29.28 27.85
C THR C 418 -26.16 -29.84 26.95
N LEU C 419 -25.44 -28.96 26.27
CA LEU C 419 -24.31 -29.34 25.43
C LEU C 419 -23.02 -29.04 26.18
N PRO C 420 -22.21 -30.03 26.55
CA PRO C 420 -20.88 -29.70 27.06
C PRO C 420 -20.06 -28.99 25.99
N CYS C 421 -19.28 -28.00 26.42
CA CYS C 421 -18.44 -27.22 25.53
C CYS C 421 -17.07 -27.02 26.14
N ARG C 422 -16.03 -27.24 25.33
CA ARG C 422 -14.65 -27.07 25.74
C ARG C 422 -14.07 -25.85 25.03
N ILE C 423 -13.36 -25.02 25.78
CA ILE C 423 -12.77 -23.79 25.27
C ILE C 423 -11.38 -24.12 24.77
N LYS C 424 -10.92 -23.37 23.77
CA LYS C 424 -9.60 -23.54 23.20
C LYS C 424 -9.04 -22.18 22.85
N GLN C 425 -7.90 -21.83 23.43
CA GLN C 425 -7.30 -20.52 23.20
C GLN C 425 -6.49 -20.44 21.91
N ILE C 426 -5.80 -21.51 21.55
CA ILE C 426 -4.96 -21.54 20.35
C ILE C 426 -5.85 -22.04 19.21
N ILE C 427 -5.92 -21.26 18.13
CA ILE C 427 -6.82 -21.52 17.02
C ILE C 427 -6.00 -21.71 15.76
N ASN C 428 -6.19 -22.86 15.10
CA ASN C 428 -5.69 -23.08 13.74
C ASN C 428 -6.82 -22.74 12.76
N MET C 429 -7.03 -21.44 12.58
CA MET C 429 -8.21 -20.96 11.89
C MET C 429 -8.20 -21.36 10.42
N TRP C 430 -9.39 -21.63 9.88
CA TRP C 430 -9.63 -21.98 8.49
C TRP C 430 -9.01 -23.32 8.10
N GLN C 431 -8.63 -24.15 9.07
CA GLN C 431 -8.01 -25.45 8.82
C GLN C 431 -6.74 -25.31 7.98
N ARG C 432 -5.97 -24.25 8.22
CA ARG C 432 -4.69 -24.05 7.57
C ARG C 432 -3.56 -24.59 8.42
N ILE C 433 -2.45 -24.90 7.77
CA ILE C 433 -1.21 -25.34 8.42
C ILE C 433 -0.13 -24.33 8.07
N GLY C 434 0.43 -23.70 9.10
CA GLY C 434 1.43 -22.66 8.93
C GLY C 434 1.13 -21.37 9.67
N GLN C 435 -0.09 -21.20 10.16
CA GLN C 435 -0.46 -20.03 10.95
C GLN C 435 -1.36 -20.46 12.11
N ALA C 436 -1.21 -19.78 13.24
CA ALA C 436 -2.00 -20.07 14.43
C ALA C 436 -2.23 -18.77 15.17
N MET C 437 -3.37 -18.69 15.86
CA MET C 437 -3.78 -17.49 16.56
C MET C 437 -4.01 -17.84 18.04
N TYR C 438 -3.57 -16.94 18.91
CA TYR C 438 -3.81 -17.05 20.34
C TYR C 438 -4.91 -16.07 20.74
N ALA C 439 -6.03 -16.60 21.22
CA ALA C 439 -7.13 -15.77 21.68
C ALA C 439 -6.83 -15.28 23.09
N PRO C 440 -6.77 -13.98 23.36
CA PRO C 440 -6.48 -13.55 24.72
C PRO C 440 -7.62 -13.91 25.65
N PRO C 441 -7.36 -14.04 26.96
CA PRO C 441 -8.47 -14.28 27.89
C PRO C 441 -9.42 -13.09 27.92
N ILE C 442 -10.67 -13.38 28.25
CA ILE C 442 -11.73 -12.37 28.33
C ILE C 442 -12.27 -12.37 29.75
N GLN C 443 -12.22 -11.21 30.39
CA GLN C 443 -12.63 -11.11 31.79
C GLN C 443 -14.14 -11.23 31.92
N GLY C 444 -14.58 -11.79 33.04
CA GLY C 444 -15.99 -11.88 33.36
C GLY C 444 -16.68 -13.04 32.67
N VAL C 445 -17.83 -13.38 33.20
CA VAL C 445 -18.66 -14.44 32.64
C VAL C 445 -19.13 -14.01 31.26
N ILE C 446 -19.05 -14.93 30.30
CA ILE C 446 -19.46 -14.69 28.92
C ILE C 446 -20.81 -15.37 28.70
N ARG C 447 -21.74 -14.66 28.07
CA ARG C 447 -23.03 -15.22 27.67
C ARG C 447 -23.34 -14.77 26.26
N CYS C 448 -23.85 -15.69 25.45
CA CYS C 448 -24.31 -15.38 24.11
C CYS C 448 -25.66 -16.05 23.89
N VAL C 449 -26.60 -15.30 23.31
CA VAL C 449 -27.90 -15.80 22.93
C VAL C 449 -27.99 -15.70 21.42
N SER C 450 -28.02 -16.85 20.75
CA SER C 450 -27.89 -16.93 19.30
C SER C 450 -29.04 -17.73 18.72
N ASN C 451 -29.34 -17.46 17.45
CA ASN C 451 -30.41 -18.11 16.71
C ASN C 451 -29.83 -19.11 15.72
N ILE C 452 -30.29 -20.35 15.78
CA ILE C 452 -29.86 -21.38 14.84
C ILE C 452 -30.83 -21.37 13.66
N THR C 453 -30.42 -20.72 12.58
CA THR C 453 -31.26 -20.59 11.39
C THR C 453 -30.99 -21.68 10.35
N GLY C 454 -30.15 -22.65 10.65
CA GLY C 454 -29.86 -23.69 9.69
C GLY C 454 -28.90 -24.70 10.29
N LEU C 455 -28.57 -25.70 9.48
CA LEU C 455 -27.60 -26.70 9.90
C LEU C 455 -27.10 -27.44 8.68
N ILE C 456 -25.95 -28.09 8.83
CA ILE C 456 -25.28 -28.81 7.76
C ILE C 456 -25.35 -30.29 8.11
N LEU C 457 -25.83 -31.09 7.16
CA LEU C 457 -25.97 -32.53 7.34
C LEU C 457 -25.23 -33.27 6.24
N THR C 458 -24.57 -34.36 6.62
CA THR C 458 -24.01 -35.33 5.69
C THR C 458 -24.73 -36.65 5.89
N ARG C 459 -24.62 -37.52 4.89
CA ARG C 459 -25.35 -38.77 4.85
C ARG C 459 -24.39 -39.93 4.68
N ASP C 460 -24.72 -41.06 5.31
CA ASP C 460 -24.01 -42.32 5.14
C ASP C 460 -24.97 -43.28 4.47
N GLY C 461 -24.66 -43.67 3.23
CA GLY C 461 -25.56 -44.51 2.47
C GLY C 461 -25.75 -45.88 3.12
N GLY C 462 -26.98 -46.36 3.08
CA GLY C 462 -27.31 -47.66 3.62
C GLY C 462 -27.10 -48.79 2.64
N SER C 463 -25.91 -48.84 2.03
CA SER C 463 -25.56 -49.82 1.01
C SER C 463 -26.58 -49.67 -0.12
N THR C 464 -27.18 -50.74 -0.63
CA THR C 464 -28.21 -50.68 -1.66
C THR C 464 -29.61 -50.85 -1.11
N ASN C 465 -29.78 -51.59 -0.01
CA ASN C 465 -31.11 -51.78 0.55
C ASN C 465 -31.71 -50.45 1.00
N SER C 466 -30.91 -49.63 1.69
CA SER C 466 -31.30 -48.28 2.08
C SER C 466 -32.58 -48.28 2.90
N THR C 467 -32.72 -49.30 3.76
CA THR C 467 -33.87 -49.35 4.66
C THR C 467 -33.80 -48.24 5.70
N THR C 468 -32.61 -47.77 6.05
CA THR C 468 -32.41 -46.71 7.02
C THR C 468 -31.32 -45.78 6.52
N GLU C 469 -31.64 -44.49 6.43
CA GLU C 469 -30.70 -43.45 6.02
C GLU C 469 -30.24 -42.70 7.26
N THR C 470 -28.92 -42.64 7.44
CA THR C 470 -28.30 -42.00 8.59
C THR C 470 -27.80 -40.62 8.17
N PHE C 471 -28.36 -39.58 8.80
CA PHE C 471 -27.92 -38.20 8.61
C PHE C 471 -27.13 -37.78 9.84
N ARG C 472 -25.95 -37.22 9.61
CA ARG C 472 -25.05 -36.79 10.66
C ARG C 472 -24.67 -35.34 10.44
N PRO C 473 -24.45 -34.56 11.51
CA PRO C 473 -23.95 -33.21 11.30
C PRO C 473 -22.53 -33.26 10.77
N GLY C 474 -22.17 -32.26 9.98
CA GLY C 474 -20.87 -32.25 9.34
C GLY C 474 -20.41 -30.88 8.93
N GLY C 475 -19.85 -30.77 7.73
CA GLY C 475 -19.38 -29.51 7.22
C GLY C 475 -17.91 -29.30 7.44
N GLY C 476 -17.54 -28.08 7.85
CA GLY C 476 -16.15 -27.70 8.01
C GLY C 476 -15.59 -26.95 6.82
N ASP C 477 -16.21 -27.08 5.65
CA ASP C 477 -15.88 -26.25 4.50
C ASP C 477 -16.68 -24.96 4.64
N MET C 478 -15.99 -23.87 4.96
CA MET C 478 -16.67 -22.64 5.35
C MET C 478 -17.52 -22.06 4.23
N ARG C 479 -17.23 -22.39 2.97
CA ARG C 479 -18.05 -21.87 1.87
C ARG C 479 -19.49 -22.31 1.97
N ASP C 480 -19.75 -23.49 2.55
CA ASP C 480 -21.11 -23.92 2.83
C ASP C 480 -21.80 -23.03 3.85
N ASN C 481 -21.03 -22.29 4.65
CA ASN C 481 -21.62 -21.33 5.57
C ASN C 481 -22.07 -20.06 4.86
N TRP C 482 -21.31 -19.59 3.86
CA TRP C 482 -21.71 -18.39 3.13
C TRP C 482 -22.81 -18.70 2.12
N ARG C 483 -22.86 -19.93 1.60
CA ARG C 483 -23.85 -20.26 0.59
C ARG C 483 -25.27 -20.11 1.10
N SER C 484 -25.50 -20.35 2.39
CA SER C 484 -26.85 -20.25 2.94
C SER C 484 -27.43 -18.85 2.81
N GLU C 485 -26.58 -17.82 2.71
CA GLU C 485 -27.03 -16.46 2.50
C GLU C 485 -26.85 -15.98 1.07
N LEU C 486 -25.85 -16.50 0.35
CA LEU C 486 -25.58 -16.05 -1.01
C LEU C 486 -26.18 -16.96 -2.10
N TYR C 487 -27.07 -17.89 -1.74
CA TYR C 487 -27.71 -18.71 -2.76
C TYR C 487 -28.64 -17.90 -3.65
N LYS C 488 -29.30 -16.88 -3.12
CA LYS C 488 -30.30 -16.13 -3.86
C LYS C 488 -29.73 -15.32 -5.02
N TYR C 489 -28.45 -14.95 -4.98
CA TYR C 489 -27.91 -13.87 -5.77
C TYR C 489 -26.97 -14.39 -6.85
N LYS C 490 -26.90 -13.64 -7.96
CA LYS C 490 -25.97 -13.92 -9.06
C LYS C 490 -25.44 -12.58 -9.57
N VAL C 491 -24.19 -12.57 -10.04
CA VAL C 491 -23.54 -11.38 -10.55
C VAL C 491 -23.42 -11.51 -12.06
N VAL C 492 -23.87 -10.48 -12.78
CA VAL C 492 -23.89 -10.49 -14.24
C VAL C 492 -23.24 -9.21 -14.77
N LYS C 493 -22.66 -9.32 -15.97
CA LYS C 493 -22.01 -8.20 -16.64
C LYS C 493 -22.96 -7.59 -17.65
N ILE C 494 -23.23 -6.30 -17.51
CA ILE C 494 -24.14 -5.58 -18.41
C ILE C 494 -23.36 -5.16 -19.64
N GLU C 495 -23.96 -5.36 -20.82
CA GLU C 495 -23.35 -5.05 -22.11
C GLU C 495 -24.33 -4.18 -22.89
N PRO C 496 -24.34 -2.86 -22.68
CA PRO C 496 -25.36 -2.02 -23.32
C PRO C 496 -25.36 -2.05 -24.83
N LEU C 497 -24.23 -2.28 -25.48
CA LEU C 497 -24.17 -2.22 -26.93
C LEU C 497 -24.95 -3.36 -27.56
N GLY C 498 -25.41 -3.14 -28.78
CA GLY C 498 -26.10 -4.17 -29.54
C GLY C 498 -26.40 -3.66 -30.93
N VAL C 499 -26.81 -4.59 -31.80
CA VAL C 499 -27.19 -4.29 -33.16
C VAL C 499 -28.45 -5.06 -33.50
N ALA C 500 -29.15 -4.60 -34.53
CA ALA C 500 -30.37 -5.25 -35.00
C ALA C 500 -30.73 -4.67 -36.35
N PRO C 501 -31.54 -5.36 -37.15
CA PRO C 501 -31.98 -4.78 -38.43
C PRO C 501 -33.19 -3.88 -38.27
N THR C 502 -33.32 -2.94 -39.20
CA THR C 502 -34.52 -2.12 -39.32
C THR C 502 -34.55 -1.47 -40.69
N ARG C 503 -35.61 -0.72 -40.95
CA ARG C 503 -35.80 -0.04 -42.23
C ARG C 503 -35.43 1.43 -42.08
N CYS C 504 -34.17 1.72 -42.41
CA CYS C 504 -33.67 3.10 -42.29
C CYS C 504 -32.37 3.23 -43.09
N LYS C 505 -32.01 4.44 -43.51
CA LYS C 505 -30.72 4.65 -44.22
C LYS C 505 -30.00 5.86 -43.61
N ARG C 506 -28.77 5.66 -43.13
CA ARG C 506 -28.02 6.77 -42.50
C ARG C 506 -27.79 7.88 -43.53
N ARG C 507 -28.19 9.11 -43.19
CA ARG C 507 -28.01 10.26 -44.12
C ARG C 507 -26.57 10.75 -44.04
N VAL C 508 -26.03 11.26 -45.16
CA VAL C 508 -24.62 11.75 -45.19
C VAL C 508 -24.59 13.11 -45.91
N GLY D 12 -37.63 1.24 -14.18
CA GLY D 12 -36.35 1.25 -13.49
C GLY D 12 -35.25 0.61 -14.32
N PHE D 13 -34.08 0.48 -13.70
CA PHE D 13 -32.92 -0.14 -14.36
C PHE D 13 -33.26 -1.57 -14.77
N LEU D 14 -33.02 -1.88 -16.05
CA LEU D 14 -33.32 -3.18 -16.64
C LEU D 14 -34.79 -3.56 -16.50
N GLY D 15 -35.68 -2.57 -16.35
CA GLY D 15 -37.09 -2.87 -16.17
C GLY D 15 -37.69 -3.59 -17.35
N ALA D 16 -37.27 -3.26 -18.56
CA ALA D 16 -37.78 -3.87 -19.77
C ALA D 16 -36.95 -5.05 -20.24
N ALA D 17 -36.26 -5.74 -19.34
CA ALA D 17 -35.41 -6.85 -19.75
C ALA D 17 -36.22 -7.97 -20.39
N GLY D 18 -37.38 -8.28 -19.83
CA GLY D 18 -38.22 -9.34 -20.35
C GLY D 18 -39.14 -8.93 -21.47
N SER D 19 -39.33 -7.64 -21.70
CA SER D 19 -40.19 -7.19 -22.77
C SER D 19 -39.55 -7.48 -24.12
N THR D 20 -40.38 -7.46 -25.16
CA THR D 20 -39.88 -7.65 -26.50
C THR D 20 -39.01 -6.48 -26.93
N MET D 21 -38.25 -6.67 -28.01
CA MET D 21 -37.28 -5.67 -28.43
C MET D 21 -37.95 -4.35 -28.78
N GLY D 22 -39.09 -4.41 -29.48
CA GLY D 22 -39.79 -3.21 -29.89
C GLY D 22 -40.20 -2.33 -28.73
N ALA D 23 -40.77 -2.94 -27.68
CA ALA D 23 -41.10 -2.17 -26.50
C ALA D 23 -39.86 -1.88 -25.66
N ALA D 24 -38.90 -2.80 -25.65
CA ALA D 24 -37.72 -2.64 -24.80
C ALA D 24 -36.85 -1.48 -25.27
N SER D 25 -36.97 -1.08 -26.53
CA SER D 25 -36.12 -0.01 -27.05
C SER D 25 -36.40 1.35 -26.41
N MET D 26 -37.50 1.50 -25.66
CA MET D 26 -37.82 2.79 -25.07
C MET D 26 -37.07 3.10 -23.79
N THR D 27 -36.44 2.10 -23.16
CA THR D 27 -35.69 2.29 -21.93
C THR D 27 -34.18 2.37 -22.16
N LEU D 28 -33.79 2.70 -23.40
CA LEU D 28 -32.33 2.72 -23.73
C LEU D 28 -31.60 3.74 -22.85
N THR D 29 -32.15 4.96 -22.74
CA THR D 29 -31.45 6.03 -21.99
C THR D 29 -31.09 5.57 -20.57
N VAL D 30 -32.06 5.05 -19.81
CA VAL D 30 -31.80 4.69 -18.39
C VAL D 30 -30.62 3.71 -18.32
N GLN D 31 -30.73 2.57 -19.01
CA GLN D 31 -29.67 1.53 -18.93
C GLN D 31 -28.36 2.09 -19.50
N ALA D 32 -28.44 2.85 -20.60
CA ALA D 32 -27.23 3.39 -21.25
C ALA D 32 -26.49 4.30 -20.26
N ARG D 33 -27.21 5.19 -19.59
CA ARG D 33 -26.57 6.16 -18.65
C ARG D 33 -25.96 5.38 -17.47
N ASN D 34 -26.72 4.45 -16.88
CA ASN D 34 -26.24 3.73 -15.69
C ASN D 34 -24.84 3.16 -15.96
N LEU D 35 -24.43 3.08 -17.24
CA LEU D 35 -23.14 2.49 -17.55
C LEU D 35 -22.04 3.40 -17.02
N LEU D 36 -21.17 2.83 -16.18
CA LEU D 36 -20.21 3.59 -15.40
C LEU D 36 -20.90 4.75 -14.68
N SER D 37 -22.05 4.46 -14.07
CA SER D 37 -22.67 5.43 -13.17
C SER D 37 -21.77 5.73 -11.98
N GLY D 38 -20.88 4.79 -11.63
CA GLY D 38 -19.94 5.02 -10.55
C GLY D 38 -19.09 6.25 -10.72
N ILE D 39 -18.81 6.65 -11.96
CA ILE D 39 -17.96 7.81 -12.22
C ILE D 39 -18.59 9.07 -11.64
N VAL D 40 -19.92 9.11 -11.53
CA VAL D 40 -20.62 10.22 -10.89
C VAL D 40 -21.02 9.86 -9.46
N GLN D 41 -21.32 8.58 -9.21
CA GLN D 41 -21.84 8.19 -7.89
C GLN D 41 -20.76 8.23 -6.82
N GLN D 42 -19.58 7.67 -7.11
CA GLN D 42 -18.50 7.67 -6.14
C GLN D 42 -18.11 9.09 -5.76
N GLN D 43 -18.17 10.01 -6.73
CA GLN D 43 -17.94 11.41 -6.44
C GLN D 43 -19.10 12.01 -5.67
N SER D 44 -20.33 11.56 -5.94
CA SER D 44 -21.46 11.94 -5.12
C SER D 44 -21.37 11.31 -3.73
N ASN D 45 -20.70 10.16 -3.62
CA ASN D 45 -20.36 9.57 -2.33
C ASN D 45 -19.09 10.18 -1.72
N LEU D 46 -18.55 11.24 -2.34
CA LEU D 46 -17.36 11.93 -1.83
C LEU D 46 -16.15 11.00 -1.79
N LEU D 47 -16.09 10.04 -2.71
CA LEU D 47 -15.05 9.03 -2.72
C LEU D 47 -14.99 8.29 -1.38
N ARG D 48 -16.17 7.99 -0.84
CA ARG D 48 -16.31 7.39 0.48
C ARG D 48 -15.87 8.38 1.55
N ALA D 49 -16.05 8.02 2.82
CA ALA D 49 -15.66 8.92 3.90
C ALA D 49 -14.14 9.03 3.97
N PRO D 50 -13.61 10.07 4.62
CA PRO D 50 -12.14 10.21 4.68
C PRO D 50 -11.43 9.03 5.32
N GLU D 51 -12.03 8.43 6.35
CA GLU D 51 -11.44 7.25 6.97
C GLU D 51 -11.46 6.05 6.02
N CYS D 52 -12.43 6.00 5.09
CA CYS D 52 -12.47 4.93 4.12
C CYS D 52 -11.27 4.94 3.20
N GLN D 53 -10.81 6.13 2.78
CA GLN D 53 -9.59 6.23 2.00
C GLN D 53 -8.39 5.70 2.77
N GLN D 54 -8.30 6.06 4.06
CA GLN D 54 -7.19 5.58 4.87
C GLN D 54 -7.21 4.07 5.05
N HIS D 55 -8.39 3.49 5.22
CA HIS D 55 -8.46 2.03 5.34
C HIS D 55 -7.94 1.35 4.09
N LEU D 56 -8.34 1.85 2.91
CA LEU D 56 -7.86 1.27 1.67
C LEU D 56 -6.36 1.45 1.51
N LEU D 57 -5.84 2.63 1.82
CA LEU D 57 -4.41 2.87 1.63
C LEU D 57 -3.55 2.07 2.59
N LYS D 58 -3.98 1.93 3.86
CA LYS D 58 -3.16 1.27 4.85
C LYS D 58 -2.98 -0.22 4.55
N LEU D 59 -4.07 -0.92 4.21
CA LEU D 59 -4.03 -2.32 3.82
C LEU D 59 -3.93 -2.36 2.29
N THR D 60 -2.74 -2.71 1.81
CA THR D 60 -2.43 -2.51 0.39
C THR D 60 -3.23 -3.42 -0.53
N VAL D 61 -3.52 -4.65 -0.12
CA VAL D 61 -4.21 -5.57 -1.02
C VAL D 61 -5.61 -5.06 -1.36
N TRP D 62 -6.33 -4.52 -0.38
CA TRP D 62 -7.65 -3.97 -0.65
C TRP D 62 -7.56 -2.75 -1.56
N GLY D 63 -6.57 -1.89 -1.33
CA GLY D 63 -6.38 -0.75 -2.21
C GLY D 63 -6.15 -1.17 -3.64
N ILE D 64 -5.27 -2.15 -3.83
CA ILE D 64 -4.98 -2.63 -5.19
C ILE D 64 -6.20 -3.27 -5.81
N LYS D 65 -6.97 -4.03 -5.02
CA LYS D 65 -8.16 -4.68 -5.54
C LYS D 65 -9.20 -3.67 -6.02
N GLN D 66 -9.54 -2.70 -5.18
CA GLN D 66 -10.54 -1.71 -5.59
C GLN D 66 -10.01 -0.80 -6.69
N LEU D 67 -8.72 -0.50 -6.69
CA LEU D 67 -8.14 0.29 -7.77
C LEU D 67 -8.24 -0.44 -9.09
N GLN D 68 -7.98 -1.76 -9.09
CA GLN D 68 -8.16 -2.54 -10.30
C GLN D 68 -9.61 -2.53 -10.74
N ALA D 69 -10.55 -2.61 -9.80
CA ALA D 69 -11.95 -2.55 -10.17
C ALA D 69 -12.30 -1.23 -10.84
N ARG D 70 -11.83 -0.11 -10.27
CA ARG D 70 -12.13 1.20 -10.85
C ARG D 70 -11.49 1.35 -12.23
N VAL D 71 -10.24 0.91 -12.39
CA VAL D 71 -9.56 1.05 -13.67
C VAL D 71 -10.24 0.17 -14.71
N LEU D 72 -10.70 -1.01 -14.31
CA LEU D 72 -11.43 -1.87 -15.25
C LEU D 72 -12.73 -1.22 -15.69
N ALA D 73 -13.45 -0.60 -14.75
CA ALA D 73 -14.69 0.08 -15.12
C ALA D 73 -14.42 1.22 -16.10
N VAL D 74 -13.39 2.01 -15.84
CA VAL D 74 -13.05 3.12 -16.73
C VAL D 74 -12.66 2.58 -18.10
N GLU D 75 -11.90 1.49 -18.14
CA GLU D 75 -11.46 0.94 -19.42
C GLU D 75 -12.65 0.42 -20.22
N ARG D 76 -13.60 -0.25 -19.55
CA ARG D 76 -14.79 -0.72 -20.26
C ARG D 76 -15.59 0.45 -20.82
N TYR D 77 -15.76 1.50 -20.03
CA TYR D 77 -16.49 2.67 -20.51
C TYR D 77 -15.80 3.29 -21.72
N LEU D 78 -14.47 3.43 -21.66
CA LEU D 78 -13.75 4.03 -22.78
C LEU D 78 -13.82 3.14 -24.02
N ARG D 79 -13.78 1.82 -23.84
CA ARG D 79 -13.90 0.94 -25.00
C ARG D 79 -15.26 1.08 -25.65
N ASP D 80 -16.33 1.15 -24.85
CA ASP D 80 -17.65 1.33 -25.44
C ASP D 80 -17.77 2.65 -26.17
N GLN D 81 -17.22 3.73 -25.58
CA GLN D 81 -17.31 5.03 -26.24
C GLN D 81 -16.46 5.09 -27.50
N GLN D 82 -15.30 4.42 -27.49
CA GLN D 82 -14.50 4.36 -28.70
C GLN D 82 -15.22 3.58 -29.80
N LEU D 83 -15.87 2.48 -29.44
CA LEU D 83 -16.63 1.73 -30.43
C LEU D 83 -17.77 2.57 -31.00
N LEU D 84 -18.45 3.33 -30.16
CA LEU D 84 -19.50 4.21 -30.68
C LEU D 84 -18.91 5.28 -31.59
N GLY D 85 -17.78 5.86 -31.20
CA GLY D 85 -17.21 6.95 -31.98
C GLY D 85 -16.72 6.51 -33.33
N ILE D 86 -16.07 5.34 -33.39
CA ILE D 86 -15.49 4.89 -34.64
C ILE D 86 -16.55 4.41 -35.63
N TRP D 87 -17.80 4.25 -35.19
CA TRP D 87 -18.91 3.94 -36.08
C TRP D 87 -19.70 5.17 -36.51
N GLY D 88 -19.29 6.36 -36.10
CA GLY D 88 -20.04 7.55 -36.44
C GLY D 88 -21.34 7.73 -35.68
N CYS D 89 -21.41 7.25 -34.44
CA CYS D 89 -22.59 7.38 -33.61
C CYS D 89 -22.24 7.88 -32.21
N SER D 90 -21.26 8.78 -32.12
CA SER D 90 -20.87 9.29 -30.80
C SER D 90 -21.98 10.13 -30.21
N GLY D 91 -22.32 9.86 -28.95
CA GLY D 91 -23.33 10.61 -28.25
C GLY D 91 -24.76 10.27 -28.59
N LYS D 92 -24.99 9.24 -29.41
CA LYS D 92 -26.33 8.83 -29.82
C LYS D 92 -26.69 7.50 -29.18
N LEU D 93 -27.96 7.39 -28.79
CA LEU D 93 -28.50 6.14 -28.25
C LEU D 93 -29.05 5.24 -29.35
N ILE D 94 -29.64 5.81 -30.39
CA ILE D 94 -30.07 5.09 -31.59
C ILE D 94 -29.48 5.79 -32.79
N CYS D 95 -28.93 5.03 -33.72
CA CYS D 95 -28.40 5.59 -34.95
C CYS D 95 -28.52 4.58 -36.07
N CYS D 96 -29.05 5.04 -37.21
CA CYS D 96 -29.01 4.26 -38.43
C CYS D 96 -27.62 4.36 -39.03
N THR D 97 -27.24 3.33 -39.78
CA THR D 97 -25.90 3.25 -40.35
C THR D 97 -25.98 2.68 -41.76
N ASN D 98 -25.03 3.09 -42.60
CA ASN D 98 -24.95 2.63 -43.99
C ASN D 98 -24.23 1.28 -44.04
N VAL D 99 -24.92 0.25 -43.55
CA VAL D 99 -24.46 -1.13 -43.64
C VAL D 99 -25.69 -1.98 -43.97
N PRO D 100 -25.81 -2.57 -45.17
CA PRO D 100 -26.97 -3.41 -45.43
C PRO D 100 -26.95 -4.66 -44.57
N TRP D 101 -28.14 -5.10 -44.18
CA TRP D 101 -28.27 -6.31 -43.37
C TRP D 101 -28.12 -7.52 -44.26
N ASN D 102 -27.25 -8.44 -43.85
CA ASN D 102 -27.00 -9.67 -44.58
C ASN D 102 -28.00 -10.74 -44.16
N SER D 103 -28.43 -11.55 -45.11
CA SER D 103 -29.32 -12.66 -44.78
C SER D 103 -28.63 -13.73 -43.94
N THR D 104 -27.30 -13.83 -44.03
CA THR D 104 -26.58 -14.84 -43.27
C THR D 104 -26.73 -14.61 -41.77
N TRP D 105 -26.69 -13.35 -41.34
CA TRP D 105 -26.74 -13.07 -39.90
C TRP D 105 -28.08 -13.46 -39.31
N SER D 106 -29.17 -13.09 -39.98
CA SER D 106 -30.51 -13.49 -39.55
C SER D 106 -31.47 -13.20 -40.69
N ASN D 107 -32.28 -14.21 -41.03
CA ASN D 107 -33.24 -14.11 -42.13
C ASN D 107 -34.67 -14.23 -41.63
N ARG D 108 -34.95 -13.65 -40.46
CA ARG D 108 -36.30 -13.61 -39.93
C ARG D 108 -37.00 -12.31 -40.32
N ASN D 109 -38.32 -12.36 -40.37
CA ASN D 109 -39.11 -11.20 -40.73
C ASN D 109 -38.95 -10.11 -39.67
N LEU D 110 -39.16 -8.86 -40.09
CA LEU D 110 -38.92 -7.72 -39.21
C LEU D 110 -39.83 -7.76 -37.99
N SER D 111 -41.10 -8.15 -38.19
CA SER D 111 -42.00 -8.31 -37.06
C SER D 111 -41.52 -9.39 -36.10
N GLU D 112 -40.97 -10.48 -36.61
CA GLU D 112 -40.47 -11.54 -35.77
C GLU D 112 -39.28 -11.12 -34.92
N ILE D 113 -38.53 -10.10 -35.35
CA ILE D 113 -37.39 -9.59 -34.59
C ILE D 113 -37.81 -8.52 -33.61
N TRP D 114 -38.47 -7.46 -34.09
CA TRP D 114 -38.83 -6.36 -33.20
C TRP D 114 -40.07 -6.66 -32.36
N ASP D 115 -40.72 -7.79 -32.58
CA ASP D 115 -41.76 -8.29 -31.70
C ASP D 115 -41.58 -9.79 -31.55
N ASN D 116 -42.16 -10.35 -30.49
CA ASN D 116 -42.10 -11.77 -30.18
C ASN D 116 -40.69 -12.26 -29.89
N MET D 117 -39.82 -11.40 -29.36
CA MET D 117 -38.48 -11.83 -28.98
C MET D 117 -37.84 -10.77 -28.10
N THR D 118 -37.20 -11.22 -27.02
CA THR D 118 -36.52 -10.32 -26.10
C THR D 118 -35.11 -10.04 -26.58
N TRP D 119 -34.47 -9.05 -25.94
CA TRP D 119 -33.12 -8.67 -26.35
C TRP D 119 -32.11 -9.78 -26.06
N LEU D 120 -32.31 -10.53 -24.97
CA LEU D 120 -31.38 -11.60 -24.65
C LEU D 120 -31.42 -12.71 -25.70
N GLN D 121 -32.63 -13.10 -26.11
CA GLN D 121 -32.74 -14.13 -27.14
C GLN D 121 -32.10 -13.69 -28.45
N TRP D 122 -32.34 -12.43 -28.84
CA TRP D 122 -31.72 -11.91 -30.05
C TRP D 122 -30.20 -11.88 -29.91
N ASP D 123 -29.70 -11.49 -28.75
CA ASP D 123 -28.25 -11.43 -28.53
C ASP D 123 -27.63 -12.81 -28.66
N LYS D 124 -28.27 -13.82 -28.09
CA LYS D 124 -27.79 -15.19 -28.30
C LYS D 124 -27.92 -15.60 -29.75
N GLU D 125 -28.91 -15.06 -30.46
CA GLU D 125 -29.19 -15.50 -31.82
C GLU D 125 -28.12 -15.02 -32.80
N ILE D 126 -27.62 -13.79 -32.60
CA ILE D 126 -26.62 -13.20 -33.50
C ILE D 126 -25.29 -13.02 -32.77
N SER D 127 -25.03 -13.85 -31.77
CA SER D 127 -23.75 -13.76 -31.05
C SER D 127 -22.57 -14.13 -31.93
N ASN D 128 -22.80 -14.89 -33.01
CA ASN D 128 -21.73 -15.33 -33.89
C ASN D 128 -21.25 -14.25 -34.84
N TYR D 129 -22.12 -13.32 -35.25
CA TYR D 129 -21.81 -12.36 -36.30
C TYR D 129 -21.51 -10.96 -35.79
N THR D 130 -21.34 -10.77 -34.48
CA THR D 130 -21.17 -9.43 -33.94
C THR D 130 -19.88 -8.78 -34.44
N GLN D 131 -18.78 -9.54 -34.49
CA GLN D 131 -17.51 -8.95 -34.88
C GLN D 131 -17.52 -8.53 -36.35
N ILE D 132 -18.16 -9.33 -37.21
CA ILE D 132 -18.27 -8.95 -38.62
C ILE D 132 -19.09 -7.68 -38.75
N ILE D 133 -20.16 -7.56 -37.97
CA ILE D 133 -20.99 -6.35 -38.00
C ILE D 133 -20.15 -5.15 -37.58
N TYR D 134 -19.34 -5.30 -36.53
CA TYR D 134 -18.52 -4.18 -36.09
C TYR D 134 -17.49 -3.79 -37.14
N GLY D 135 -16.87 -4.79 -37.78
CA GLY D 135 -15.92 -4.48 -38.85
C GLY D 135 -16.57 -3.76 -40.00
N LEU D 136 -17.77 -4.19 -40.40
CA LEU D 136 -18.46 -3.52 -41.50
C LEU D 136 -18.86 -2.10 -41.11
N LEU D 137 -19.29 -1.90 -39.87
CA LEU D 137 -19.63 -0.55 -39.43
C LEU D 137 -18.41 0.36 -39.46
N GLU D 138 -17.25 -0.16 -39.03
CA GLU D 138 -16.03 0.63 -39.08
C GLU D 138 -15.66 1.00 -40.51
N GLU D 139 -15.77 0.03 -41.42
CA GLU D 139 -15.47 0.33 -42.82
C GLU D 139 -16.42 1.36 -43.38
N SER D 140 -17.71 1.26 -43.05
CA SER D 140 -18.69 2.23 -43.53
C SER D 140 -18.38 3.62 -43.02
N GLN D 141 -18.06 3.74 -41.73
CA GLN D 141 -17.73 5.06 -41.18
C GLN D 141 -16.48 5.63 -41.83
N ASN D 142 -15.46 4.80 -42.06
CA ASN D 142 -14.24 5.31 -42.67
C ASN D 142 -14.49 5.77 -44.11
N GLN D 143 -15.26 5.01 -44.87
CA GLN D 143 -15.57 5.45 -46.23
C GLN D 143 -16.41 6.72 -46.22
N GLN D 144 -17.34 6.83 -45.28
CA GLN D 144 -18.11 8.07 -45.18
C GLN D 144 -17.22 9.26 -44.87
N GLU D 145 -16.25 9.08 -43.97
CA GLU D 145 -15.37 10.20 -43.63
C GLU D 145 -14.49 10.58 -44.81
N LYS D 146 -14.00 9.60 -45.56
CA LYS D 146 -13.22 9.91 -46.76
C LYS D 146 -14.07 10.65 -47.78
N ASN D 147 -15.32 10.23 -47.96
CA ASN D 147 -16.20 10.93 -48.89
C ASN D 147 -16.50 12.35 -48.41
N GLU D 148 -16.64 12.54 -47.10
CA GLU D 148 -16.85 13.88 -46.58
C GLU D 148 -15.65 14.77 -46.84
N GLN D 149 -14.44 14.23 -46.67
CA GLN D 149 -13.24 15.00 -47.00
C GLN D 149 -13.21 15.36 -48.48
N ASP D 150 -13.55 14.41 -49.34
CA ASP D 150 -13.57 14.69 -50.78
C ASP D 150 -14.59 15.77 -51.12
N LEU D 151 -15.78 15.70 -50.52
CA LEU D 151 -16.80 16.70 -50.80
C LEU D 151 -16.40 18.07 -50.28
N LEU D 152 -15.74 18.12 -49.13
CA LEU D 152 -15.23 19.40 -48.64
C LEU D 152 -14.19 19.98 -49.59
N ALA D 153 -13.33 19.13 -50.15
CA ALA D 153 -12.42 19.60 -51.17
C ALA D 153 -13.17 20.12 -52.39
N LEU D 154 -14.24 19.43 -52.79
CA LEU D 154 -15.07 19.84 -53.91
C LEU D 154 -15.90 21.08 -53.52
N ASN E 38 -3.99 26.31 -52.67
CA ASN E 38 -4.01 26.80 -51.31
C ASN E 38 -4.26 25.66 -50.33
N LEU E 39 -3.19 25.13 -49.75
CA LEU E 39 -3.25 23.94 -48.91
C LEU E 39 -3.64 24.29 -47.49
N TRP E 40 -4.33 23.37 -46.83
CA TRP E 40 -4.86 23.56 -45.49
C TRP E 40 -4.44 22.42 -44.58
N VAL E 41 -4.32 22.72 -43.29
CA VAL E 41 -4.00 21.71 -42.30
C VAL E 41 -5.14 20.70 -42.22
N THR E 42 -4.80 19.44 -41.97
CA THR E 42 -5.77 18.42 -41.59
C THR E 42 -5.17 17.56 -40.49
N VAL E 43 -6.03 16.96 -39.68
CA VAL E 43 -5.64 16.20 -38.51
C VAL E 43 -6.04 14.75 -38.73
N TYR E 44 -5.09 13.83 -38.55
CA TYR E 44 -5.32 12.40 -38.65
C TYR E 44 -5.07 11.75 -37.31
N TYR E 45 -6.02 10.93 -36.87
CA TYR E 45 -5.90 10.13 -35.65
C TYR E 45 -5.88 8.67 -36.04
N GLY E 46 -4.90 7.94 -35.54
CA GLY E 46 -4.62 6.59 -36.01
C GLY E 46 -3.58 6.53 -37.10
N VAL E 47 -2.65 7.48 -37.14
CA VAL E 47 -1.58 7.45 -38.15
C VAL E 47 -0.58 6.37 -37.77
N PRO E 48 -0.13 5.51 -38.70
CA PRO E 48 0.86 4.49 -38.28
C PRO E 48 2.28 5.05 -38.22
N VAL E 49 2.59 5.69 -37.08
CA VAL E 49 3.95 6.15 -36.79
C VAL E 49 4.29 5.77 -35.36
N TRP E 50 5.58 5.86 -35.04
CA TRP E 50 6.05 5.47 -33.72
C TRP E 50 7.32 6.24 -33.39
N LYS E 51 7.69 6.21 -32.10
CA LYS E 51 8.94 6.75 -31.61
C LYS E 51 9.55 5.75 -30.64
N ASP E 52 10.87 5.83 -30.48
CA ASP E 52 11.52 4.97 -29.50
C ASP E 52 11.13 5.39 -28.10
N ALA E 53 10.77 4.41 -27.27
CA ALA E 53 10.28 4.67 -25.93
C ALA E 53 10.62 3.49 -25.04
N GLU E 54 10.33 3.65 -23.75
CA GLU E 54 10.64 2.66 -22.74
C GLU E 54 9.48 2.55 -21.76
N THR E 55 9.00 1.33 -21.56
CA THR E 55 7.85 1.09 -20.70
C THR E 55 7.94 -0.31 -20.12
N THR E 56 7.16 -0.55 -19.08
CA THR E 56 7.21 -1.84 -18.40
C THR E 56 6.46 -2.88 -19.21
N LEU E 57 7.17 -3.94 -19.60
CA LEU E 57 6.59 -5.07 -20.29
C LEU E 57 6.13 -6.10 -19.27
N PHE E 58 5.03 -6.79 -19.58
CA PHE E 58 4.45 -7.79 -18.69
C PHE E 58 4.69 -9.19 -19.26
N CYS E 59 4.88 -10.14 -18.35
CA CYS E 59 5.24 -11.50 -18.71
C CYS E 59 4.05 -12.24 -19.29
N ALA E 60 4.34 -13.29 -20.05
CA ALA E 60 3.31 -14.16 -20.59
C ALA E 60 3.94 -15.44 -21.10
N SER E 61 3.33 -16.57 -20.73
CA SER E 61 3.84 -17.90 -21.05
C SER E 61 2.82 -18.65 -21.88
N ASP E 62 3.29 -19.63 -22.64
CA ASP E 62 2.48 -20.34 -23.63
C ASP E 62 1.95 -21.64 -23.04
N ALA E 63 0.67 -21.64 -22.66
CA ALA E 63 -0.05 -22.86 -22.29
C ALA E 63 0.64 -23.60 -21.14
N LYS E 64 0.95 -22.84 -20.09
CA LYS E 64 1.54 -23.47 -18.90
C LYS E 64 0.57 -24.46 -18.28
N ALA E 65 -0.73 -24.11 -18.25
CA ALA E 65 -1.76 -24.98 -17.69
C ALA E 65 -1.41 -25.33 -16.24
N TYR E 66 -1.12 -26.60 -15.95
CA TYR E 66 -0.58 -27.00 -14.65
C TYR E 66 0.60 -27.96 -14.75
N GLU E 67 0.87 -28.54 -15.92
CA GLU E 67 1.99 -29.46 -16.05
C GLU E 67 3.32 -28.77 -15.76
N THR E 68 3.53 -27.60 -16.35
CA THR E 68 4.73 -26.82 -16.09
C THR E 68 4.64 -26.03 -14.79
N LYS E 69 3.45 -25.86 -14.21
CA LYS E 69 3.27 -25.12 -12.98
C LYS E 69 3.46 -26.03 -11.77
N LYS E 70 4.69 -26.54 -11.64
CA LYS E 70 5.12 -27.26 -10.45
C LYS E 70 5.69 -26.28 -9.43
N HIS E 71 4.85 -25.32 -9.06
CA HIS E 71 5.23 -24.20 -8.19
C HIS E 71 6.39 -23.39 -8.76
N ASN E 72 6.52 -23.41 -10.08
CA ASN E 72 7.64 -22.75 -10.76
C ASN E 72 7.44 -21.25 -10.68
N VAL E 73 8.50 -20.52 -10.36
CA VAL E 73 8.42 -19.07 -10.26
C VAL E 73 8.07 -18.46 -11.61
N TRP E 74 8.55 -19.08 -12.69
CA TRP E 74 8.27 -18.56 -14.03
C TRP E 74 6.88 -18.93 -14.54
N ALA E 75 6.15 -19.80 -13.84
CA ALA E 75 4.80 -20.21 -14.24
C ALA E 75 3.73 -19.69 -13.30
N THR E 76 3.92 -19.83 -12.00
CA THR E 76 2.92 -19.36 -11.04
C THR E 76 2.74 -17.85 -11.13
N HIS E 77 3.85 -17.11 -11.08
CA HIS E 77 3.77 -15.66 -11.01
C HIS E 77 3.49 -15.05 -12.39
N CYS E 78 3.96 -15.69 -13.46
CA CYS E 78 3.68 -15.23 -14.82
C CYS E 78 2.32 -15.77 -15.26
N CYS E 79 1.28 -15.22 -14.65
CA CYS E 79 -0.05 -15.79 -14.81
C CYS E 79 -0.62 -15.56 -16.20
N VAL E 80 -0.29 -14.42 -16.82
CA VAL E 80 -0.97 -14.02 -18.06
C VAL E 80 -0.66 -15.02 -19.16
N PRO E 81 -1.67 -15.53 -19.92
CA PRO E 81 -1.36 -16.47 -21.00
C PRO E 81 -1.13 -15.76 -22.33
N THR E 82 -0.41 -16.42 -23.24
CA THR E 82 -0.12 -15.88 -24.56
C THR E 82 -1.18 -16.34 -25.54
N ASP E 83 -1.18 -15.72 -26.71
CA ASP E 83 -2.11 -16.10 -27.76
C ASP E 83 -1.76 -17.50 -28.27
N PRO E 84 -2.72 -18.43 -28.34
CA PRO E 84 -2.41 -19.73 -28.98
C PRO E 84 -2.01 -19.61 -30.44
N ASN E 85 -2.35 -18.51 -31.10
CA ASN E 85 -1.92 -18.21 -32.46
C ASN E 85 -1.27 -16.82 -32.44
N PRO E 86 0.00 -16.72 -32.02
CA PRO E 86 0.64 -15.40 -31.96
C PRO E 86 0.69 -14.73 -33.33
N GLN E 87 0.49 -13.42 -33.34
CA GLN E 87 0.37 -12.65 -34.56
C GLN E 87 1.67 -11.91 -34.85
N GLU E 88 2.08 -11.96 -36.12
CA GLU E 88 3.23 -11.22 -36.62
C GLU E 88 2.78 -10.51 -37.89
N ILE E 89 3.21 -9.26 -38.05
CA ILE E 89 2.79 -8.41 -39.15
C ILE E 89 4.04 -7.86 -39.81
N HIS E 90 4.26 -8.22 -41.06
CA HIS E 90 5.40 -7.72 -41.80
C HIS E 90 5.17 -6.27 -42.22
N LEU E 91 6.25 -5.50 -42.25
CA LEU E 91 6.20 -4.08 -42.62
C LEU E 91 7.02 -3.88 -43.89
N GLU E 92 6.34 -3.91 -45.03
CA GLU E 92 7.04 -3.76 -46.31
C GLU E 92 7.63 -2.35 -46.43
N ASN E 93 8.84 -2.27 -46.96
CA ASN E 93 9.49 -0.98 -47.23
C ASN E 93 9.69 -0.18 -45.95
N VAL E 94 10.14 -0.85 -44.88
CA VAL E 94 10.37 -0.22 -43.59
C VAL E 94 11.80 -0.52 -43.16
N THR E 95 12.50 0.51 -42.69
CA THR E 95 13.85 0.39 -42.18
C THR E 95 13.94 1.12 -40.85
N GLU E 96 14.50 0.44 -39.84
CA GLU E 96 14.62 0.98 -38.50
C GLU E 96 16.03 0.73 -37.96
N GLU E 97 16.48 1.64 -37.10
CA GLU E 97 17.78 1.51 -36.45
C GLU E 97 17.61 0.80 -35.12
N PHE E 98 18.21 -0.38 -35.00
CA PHE E 98 18.23 -1.15 -33.77
C PHE E 98 19.56 -0.96 -33.06
N ASN E 99 19.58 -1.26 -31.77
CA ASN E 99 20.80 -1.17 -30.97
C ASN E 99 20.62 -2.12 -29.79
N MET E 100 21.25 -3.29 -29.87
CA MET E 100 21.14 -4.25 -28.78
C MET E 100 21.81 -3.75 -27.51
N TRP E 101 22.80 -2.86 -27.62
CA TRP E 101 23.54 -2.38 -26.47
C TRP E 101 22.88 -1.19 -25.78
N LYS E 102 21.82 -0.63 -26.36
CA LYS E 102 21.03 0.43 -25.74
C LYS E 102 19.58 0.02 -25.54
N ASN E 103 19.30 -1.29 -25.57
CA ASN E 103 17.93 -1.78 -25.53
C ASN E 103 17.47 -1.85 -24.08
N ASN E 104 16.32 -1.24 -23.78
CA ASN E 104 15.82 -1.21 -22.42
C ASN E 104 15.10 -2.49 -22.03
N MET E 105 14.74 -3.33 -23.01
CA MET E 105 14.13 -4.62 -22.69
C MET E 105 15.06 -5.47 -21.84
N VAL E 106 16.36 -5.43 -22.11
CA VAL E 106 17.31 -6.23 -21.34
C VAL E 106 17.35 -5.75 -19.89
N GLU E 107 17.39 -4.43 -19.68
CA GLU E 107 17.40 -3.90 -18.32
C GLU E 107 16.12 -4.27 -17.60
N GLN E 108 14.97 -4.17 -18.28
CA GLN E 108 13.71 -4.54 -17.66
C GLN E 108 13.69 -6.02 -17.30
N MET E 109 14.21 -6.88 -18.19
CA MET E 109 14.25 -8.30 -17.89
C MET E 109 15.13 -8.58 -16.68
N HIS E 110 16.29 -7.93 -16.60
CA HIS E 110 17.18 -8.15 -15.46
C HIS E 110 16.51 -7.71 -14.16
N THR E 111 15.88 -6.53 -14.17
CA THR E 111 15.20 -6.07 -12.97
C THR E 111 14.06 -7.00 -12.59
N ASP E 112 13.32 -7.48 -13.60
CA ASP E 112 12.20 -8.38 -13.31
C ASP E 112 12.68 -9.68 -12.70
N ILE E 113 13.75 -10.27 -13.24
CA ILE E 113 14.21 -11.55 -12.68
C ILE E 113 14.79 -11.33 -11.28
N ILE E 114 15.48 -10.21 -11.05
CA ILE E 114 16.01 -9.95 -9.72
C ILE E 114 14.87 -9.83 -8.71
N SER E 115 13.85 -9.05 -9.05
CA SER E 115 12.74 -8.86 -8.14
C SER E 115 11.96 -10.16 -7.94
N LEU E 116 11.82 -10.95 -9.00
CA LEU E 116 11.15 -12.24 -8.89
C LEU E 116 11.93 -13.18 -7.96
N TRP E 117 13.25 -13.17 -8.08
CA TRP E 117 14.08 -13.98 -7.19
C TRP E 117 13.90 -13.55 -5.74
N ASP E 118 13.91 -12.24 -5.49
CA ASP E 118 13.73 -11.76 -4.13
C ASP E 118 12.37 -12.14 -3.56
N GLN E 119 11.31 -11.99 -4.38
CA GLN E 119 9.99 -12.36 -3.90
C GLN E 119 9.88 -13.86 -3.66
N SER E 120 10.52 -14.68 -4.50
CA SER E 120 10.48 -16.12 -4.30
C SER E 120 11.17 -16.52 -3.01
N LEU E 121 12.34 -15.94 -2.73
CA LEU E 121 13.07 -16.31 -1.52
C LEU E 121 12.60 -15.60 -0.27
N LYS E 122 11.74 -14.58 -0.40
CA LYS E 122 11.32 -13.79 0.76
C LYS E 122 10.60 -14.58 1.84
N PRO E 123 9.57 -15.38 1.55
CA PRO E 123 8.87 -16.10 2.62
C PRO E 123 9.53 -17.40 3.08
N CYS E 124 10.67 -17.77 2.53
CA CYS E 124 11.30 -19.04 2.86
C CYS E 124 12.00 -18.96 4.22
N VAL E 125 12.31 -20.14 4.75
CA VAL E 125 12.91 -20.23 6.08
C VAL E 125 14.27 -19.53 6.09
N LYS E 126 14.54 -18.80 7.17
CA LYS E 126 15.85 -18.23 7.41
C LYS E 126 16.74 -19.25 8.11
N LEU E 127 18.03 -19.24 7.75
CA LEU E 127 19.01 -20.15 8.31
C LEU E 127 20.03 -19.42 9.18
N THR E 128 19.60 -18.38 9.89
CA THR E 128 20.47 -17.76 10.88
C THR E 128 20.97 -18.72 11.95
N PRO E 129 20.17 -19.66 12.48
CA PRO E 129 20.72 -20.58 13.50
C PRO E 129 21.86 -21.46 13.01
N LEU E 130 22.09 -21.59 11.70
CA LEU E 130 23.19 -22.41 11.20
C LEU E 130 24.55 -21.82 11.53
N CYS E 131 24.69 -20.49 11.58
CA CYS E 131 26.01 -19.88 11.70
C CYS E 131 26.51 -20.10 13.12
N VAL E 132 27.04 -21.30 13.35
CA VAL E 132 27.58 -21.71 14.63
C VAL E 132 28.90 -22.42 14.38
N THR E 133 29.63 -22.69 15.46
CA THR E 133 30.90 -23.39 15.33
C THR E 133 30.65 -24.84 14.93
N LEU E 134 31.20 -25.24 13.78
CA LEU E 134 30.99 -26.56 13.22
C LEU E 134 32.22 -27.42 13.43
N GLN E 135 32.03 -28.61 14.00
CA GLN E 135 33.06 -29.63 14.11
C GLN E 135 32.99 -30.49 12.86
N CYS E 136 34.03 -30.42 12.03
CA CYS E 136 34.04 -31.08 10.73
C CYS E 136 35.25 -32.00 10.60
N THR E 137 35.06 -33.09 9.86
CA THR E 137 36.09 -34.06 9.54
C THR E 137 36.00 -34.44 8.07
N ASN E 138 37.10 -34.92 7.52
CA ASN E 138 37.13 -35.32 6.12
C ASN E 138 36.20 -36.51 5.87
N VAL E 139 35.70 -36.59 4.64
CA VAL E 139 34.89 -37.72 4.20
C VAL E 139 35.79 -38.68 3.45
N THR E 140 35.93 -39.90 3.97
CA THR E 140 36.82 -40.92 3.41
C THR E 140 36.11 -42.22 3.07
N ASN E 141 34.78 -42.24 3.07
CA ASN E 141 34.05 -43.47 2.76
C ASN E 141 34.02 -43.71 1.25
N ASN E 142 34.97 -44.52 0.77
CA ASN E 142 35.06 -44.88 -0.65
C ASN E 142 35.21 -43.65 -1.55
N ILE E 143 36.05 -42.70 -1.12
CA ILE E 143 36.25 -41.45 -1.85
C ILE E 143 37.40 -41.64 -2.83
N THR E 144 37.17 -41.26 -4.08
CA THR E 144 38.22 -41.32 -5.09
C THR E 144 39.21 -40.17 -4.89
N ASP E 145 40.36 -40.27 -5.56
CA ASP E 145 41.40 -39.27 -5.36
C ASP E 145 41.00 -37.90 -5.91
N ASP E 146 40.04 -37.88 -6.84
CA ASP E 146 39.63 -36.60 -7.42
C ASP E 146 38.96 -35.70 -6.39
N MET E 147 38.12 -36.27 -5.53
CA MET E 147 37.30 -35.49 -4.60
C MET E 147 37.87 -35.45 -3.19
N ARG E 148 39.13 -35.85 -3.00
CA ARG E 148 39.72 -35.83 -1.67
C ARG E 148 39.78 -34.42 -1.14
N GLY E 149 39.25 -34.22 0.07
CA GLY E 149 39.25 -32.92 0.71
C GLY E 149 38.17 -31.98 0.21
N GLU E 150 37.33 -32.41 -0.73
CA GLU E 150 36.30 -31.54 -1.29
C GLU E 150 34.97 -31.64 -0.56
N LEU E 151 34.75 -32.72 0.19
CA LEU E 151 33.48 -32.98 0.87
C LEU E 151 33.76 -33.23 2.34
N LYS E 152 33.13 -32.43 3.21
CA LYS E 152 33.38 -32.46 4.64
C LYS E 152 32.11 -32.83 5.40
N ASN E 153 32.30 -33.46 6.56
CA ASN E 153 31.22 -34.00 7.38
C ASN E 153 31.17 -33.21 8.68
N CYS E 154 30.26 -32.24 8.75
CA CYS E 154 30.20 -31.28 9.85
C CYS E 154 29.06 -31.63 10.80
N SER E 155 29.36 -31.62 12.11
CA SER E 155 28.38 -31.76 13.17
C SER E 155 28.37 -30.50 14.02
N PHE E 156 27.19 -30.07 14.44
CA PHE E 156 27.09 -28.79 15.11
C PHE E 156 25.78 -28.69 15.87
N ASN E 157 25.76 -27.82 16.88
CA ASN E 157 24.59 -27.58 17.71
C ASN E 157 23.57 -26.78 16.91
N MET E 158 22.30 -27.18 16.99
CA MET E 158 21.22 -26.55 16.26
C MET E 158 19.96 -26.54 17.12
N THR E 159 19.19 -25.46 17.00
CA THR E 159 18.02 -25.28 17.84
C THR E 159 16.88 -26.20 17.38
N THR E 160 15.88 -26.31 18.25
CA THR E 160 14.68 -27.11 18.01
C THR E 160 13.48 -26.18 18.00
N GLU E 161 12.27 -26.77 17.94
CA GLU E 161 11.07 -25.94 18.03
C GLU E 161 10.96 -25.25 19.38
N LEU E 162 11.44 -25.88 20.45
CA LEU E 162 11.47 -25.27 21.78
C LEU E 162 12.76 -24.50 21.95
N ARG E 163 12.66 -23.28 22.48
CA ARG E 163 13.84 -22.45 22.65
C ARG E 163 14.76 -22.97 23.75
N ASP E 164 14.29 -23.84 24.64
CA ASP E 164 15.08 -24.32 25.76
C ASP E 164 15.93 -25.55 25.44
N LYS E 165 15.77 -26.13 24.25
CA LYS E 165 16.42 -27.39 23.90
C LYS E 165 17.29 -27.19 22.65
N LYS E 166 18.38 -27.95 22.60
CA LYS E 166 19.28 -27.97 21.46
C LYS E 166 19.56 -29.42 21.08
N GLN E 167 19.77 -29.64 19.79
CA GLN E 167 20.03 -30.96 19.24
C GLN E 167 21.32 -30.94 18.43
N LYS E 168 22.16 -31.95 18.65
CA LYS E 168 23.39 -32.12 17.91
C LYS E 168 23.09 -32.93 16.65
N VAL E 169 23.28 -32.31 15.49
CA VAL E 169 22.97 -32.92 14.20
C VAL E 169 24.22 -32.83 13.33
N TYR E 170 24.21 -33.63 12.25
CA TYR E 170 25.32 -33.69 11.33
C TYR E 170 24.83 -33.48 9.91
N SER E 171 25.71 -32.92 9.09
CA SER E 171 25.41 -32.60 7.70
C SER E 171 26.71 -32.60 6.92
N LEU E 172 26.60 -32.80 5.60
CA LEU E 172 27.73 -32.72 4.70
C LEU E 172 27.73 -31.40 3.96
N PHE E 173 28.89 -30.74 3.94
CA PHE E 173 29.07 -29.47 3.23
C PHE E 173 30.28 -29.59 2.31
N TYR E 174 30.14 -28.98 1.14
CA TYR E 174 31.26 -28.93 0.20
C TYR E 174 32.28 -27.89 0.66
N ARG E 175 33.50 -28.03 0.16
CA ARG E 175 34.61 -27.22 0.65
C ARG E 175 34.37 -25.73 0.41
N LEU E 176 33.74 -25.39 -0.71
CA LEU E 176 33.54 -23.99 -1.05
C LEU E 176 32.52 -23.31 -0.13
N ASP E 177 31.68 -24.06 0.56
CA ASP E 177 30.68 -23.50 1.45
C ASP E 177 31.18 -23.27 2.86
N VAL E 178 32.40 -23.71 3.19
CA VAL E 178 32.86 -23.80 4.57
C VAL E 178 34.29 -23.28 4.63
N VAL E 179 34.57 -22.43 5.61
CA VAL E 179 35.86 -21.75 5.75
C VAL E 179 36.43 -22.06 7.12
N GLN E 180 37.76 -22.16 7.19
CA GLN E 180 38.41 -22.57 8.42
C GLN E 180 38.62 -21.38 9.35
N ILE E 181 38.41 -21.63 10.65
CA ILE E 181 38.63 -20.64 11.70
C ILE E 181 39.42 -21.31 12.82
N ASN E 182 40.04 -20.46 13.66
CA ASN E 182 40.90 -20.92 14.75
C ASN E 182 42.00 -21.83 14.20
N GLU E 183 42.69 -21.34 13.17
CA GLU E 183 43.72 -22.14 12.51
C GLU E 183 44.86 -22.47 13.48
N ASN E 184 45.31 -21.48 14.24
CA ASN E 184 46.43 -21.67 15.16
C ASN E 184 45.93 -22.12 16.53
N ASN E 193 41.81 -25.56 13.03
CA ASN E 193 42.31 -26.89 12.72
C ASN E 193 41.17 -27.83 12.36
N LYS E 194 40.19 -27.90 13.28
CA LYS E 194 39.01 -28.75 13.11
C LYS E 194 37.71 -27.97 13.08
N GLU E 195 37.68 -26.75 13.60
CA GLU E 195 36.47 -25.95 13.64
C GLU E 195 36.36 -25.08 12.40
N TYR E 196 35.17 -25.08 11.80
CA TYR E 196 34.86 -24.24 10.65
C TYR E 196 33.56 -23.51 10.90
N ARG E 197 33.36 -22.42 10.16
CA ARG E 197 32.09 -21.72 10.09
C ARG E 197 31.59 -21.78 8.66
N LEU E 198 30.35 -21.36 8.45
CA LEU E 198 29.85 -21.20 7.10
C LEU E 198 30.51 -19.99 6.43
N ILE E 199 30.65 -20.05 5.12
CA ILE E 199 31.37 -19.01 4.39
C ILE E 199 30.68 -17.67 4.52
N ASN E 200 29.36 -17.66 4.67
CA ASN E 200 28.58 -16.43 4.83
C ASN E 200 28.17 -16.19 6.27
N CYS E 201 29.03 -16.52 7.23
CA CYS E 201 28.78 -16.13 8.61
C CYS E 201 29.07 -14.66 8.86
N ASN E 202 30.06 -14.09 8.18
CA ASN E 202 30.55 -12.74 8.50
C ASN E 202 30.09 -11.66 7.54
N THR E 203 29.37 -12.00 6.47
CA THR E 203 28.92 -11.03 5.48
C THR E 203 27.42 -10.88 5.38
N SER E 204 26.65 -11.95 5.52
CA SER E 204 25.23 -11.91 5.19
C SER E 204 24.47 -12.98 5.94
N ALA E 205 23.16 -12.80 5.99
CA ALA E 205 22.27 -13.81 6.53
C ALA E 205 21.85 -14.77 5.43
N ILE E 206 21.86 -16.06 5.75
CA ILE E 206 21.65 -17.13 4.76
C ILE E 206 20.18 -17.50 4.78
N THR E 207 19.53 -17.36 3.63
CA THR E 207 18.13 -17.72 3.45
C THR E 207 18.06 -19.01 2.66
N GLN E 208 17.22 -19.94 3.11
CA GLN E 208 17.04 -21.19 2.39
C GLN E 208 16.09 -21.00 1.22
N ALA E 209 16.39 -21.64 0.10
CA ALA E 209 15.43 -21.71 -0.98
C ALA E 209 14.29 -22.63 -0.58
N CYS E 210 13.06 -22.21 -0.86
CA CYS E 210 11.92 -23.01 -0.48
C CYS E 210 11.95 -24.36 -1.21
N PRO E 211 11.71 -25.47 -0.52
CA PRO E 211 11.58 -26.73 -1.25
C PRO E 211 10.27 -26.76 -2.04
N LYS E 212 10.23 -27.63 -3.05
CA LYS E 212 9.10 -27.72 -3.95
C LYS E 212 8.81 -26.38 -4.63
N VAL E 213 9.86 -25.61 -4.90
CA VAL E 213 9.77 -24.38 -5.66
C VAL E 213 10.95 -24.36 -6.63
N SER E 214 10.68 -24.65 -7.89
CA SER E 214 11.72 -24.90 -8.87
C SER E 214 12.00 -23.64 -9.66
N PHE E 215 13.29 -23.31 -9.81
CA PHE E 215 13.73 -22.21 -10.65
C PHE E 215 14.02 -22.66 -12.07
N GLU E 216 13.38 -23.71 -12.53
CA GLU E 216 13.61 -24.25 -13.86
C GLU E 216 13.22 -23.20 -14.90
N PRO E 217 14.07 -22.89 -15.88
CA PRO E 217 13.66 -21.93 -16.92
C PRO E 217 12.48 -22.46 -17.71
N ILE E 218 11.50 -21.58 -17.94
CA ILE E 218 10.37 -21.84 -18.82
C ILE E 218 10.39 -20.75 -19.88
N PRO E 219 9.98 -21.02 -21.12
CA PRO E 219 9.89 -19.93 -22.10
C PRO E 219 8.99 -18.80 -21.62
N ILE E 220 9.49 -17.58 -21.75
CA ILE E 220 8.78 -16.36 -21.36
C ILE E 220 8.63 -15.49 -22.59
N HIS E 221 7.42 -15.02 -22.84
CA HIS E 221 7.14 -14.08 -23.92
C HIS E 221 6.85 -12.71 -23.33
N TYR E 222 7.70 -11.74 -23.66
CA TYR E 222 7.51 -10.37 -23.21
C TYR E 222 6.59 -9.65 -24.19
N CYS E 223 5.47 -9.14 -23.67
CA CYS E 223 4.44 -8.50 -24.47
C CYS E 223 4.39 -7.02 -24.14
N ALA E 224 4.13 -6.20 -25.15
CA ALA E 224 4.04 -4.77 -24.93
C ALA E 224 2.67 -4.40 -24.36
N PRO E 225 2.56 -3.37 -23.54
CA PRO E 225 1.24 -2.94 -23.09
C PRO E 225 0.43 -2.34 -24.21
N ALA E 226 -0.76 -1.86 -23.85
CA ALA E 226 -1.61 -1.19 -24.83
C ALA E 226 -0.94 0.09 -25.31
N GLY E 227 -1.03 0.34 -26.62
CA GLY E 227 -0.51 1.56 -27.20
C GLY E 227 0.94 1.51 -27.62
N PHE E 228 1.67 0.47 -27.23
CA PHE E 228 3.05 0.26 -27.65
C PHE E 228 3.12 -0.91 -28.61
N ALA E 229 4.29 -1.14 -29.17
CA ALA E 229 4.50 -2.25 -30.09
C ALA E 229 5.96 -2.66 -30.05
N ILE E 230 6.21 -3.92 -30.39
CA ILE E 230 7.55 -4.49 -30.41
C ILE E 230 7.93 -4.74 -31.87
N LEU E 231 9.05 -4.17 -32.29
CA LEU E 231 9.56 -4.34 -33.65
C LEU E 231 10.62 -5.43 -33.65
N LYS E 232 10.44 -6.40 -34.53
CA LYS E 232 11.30 -7.57 -34.63
C LYS E 232 12.17 -7.45 -35.86
N CYS E 233 13.48 -7.64 -35.70
CA CYS E 233 14.43 -7.54 -36.81
C CYS E 233 14.75 -8.95 -37.33
N LYS E 234 14.41 -9.20 -38.59
CA LYS E 234 14.60 -10.51 -39.21
C LYS E 234 15.81 -10.56 -40.13
N ASP E 235 16.58 -9.48 -40.25
CA ASP E 235 17.69 -9.44 -41.19
C ASP E 235 18.74 -10.48 -40.80
N LYS E 236 19.00 -11.42 -41.70
CA LYS E 236 19.98 -12.46 -41.42
C LYS E 236 21.36 -11.85 -41.24
N LYS E 237 22.16 -12.45 -40.35
CA LYS E 237 23.48 -11.96 -40.02
C LYS E 237 23.46 -10.54 -39.49
N PHE E 238 22.41 -10.19 -38.74
CA PHE E 238 22.34 -8.88 -38.12
C PHE E 238 23.38 -8.79 -37.01
N ASN E 239 24.27 -7.81 -37.10
CA ASN E 239 25.39 -7.70 -36.18
C ASN E 239 25.07 -6.89 -34.94
N GLY E 240 23.81 -6.48 -34.75
CA GLY E 240 23.34 -5.97 -33.48
C GLY E 240 23.04 -4.49 -33.42
N THR E 241 23.68 -3.67 -34.27
CA THR E 241 23.59 -2.21 -34.15
C THR E 241 23.18 -1.49 -35.43
N GLY E 242 23.28 -2.12 -36.59
CA GLY E 242 23.04 -1.43 -37.83
C GLY E 242 21.56 -1.32 -38.15
N PRO E 243 21.22 -0.61 -39.23
CA PRO E 243 19.84 -0.62 -39.71
C PRO E 243 19.42 -2.01 -40.14
N CYS E 244 18.15 -2.32 -39.94
CA CYS E 244 17.59 -3.64 -40.22
C CYS E 244 16.37 -3.51 -41.10
N THR E 245 16.39 -4.17 -42.25
CA THR E 245 15.24 -4.29 -43.13
C THR E 245 14.45 -5.54 -42.77
N ASN E 246 13.36 -5.76 -43.49
CA ASN E 246 12.51 -6.93 -43.27
C ASN E 246 11.97 -6.96 -41.84
N VAL E 247 11.65 -5.78 -41.32
CA VAL E 247 11.18 -5.63 -39.95
C VAL E 247 9.74 -6.10 -39.86
N SER E 248 9.37 -6.69 -38.73
CA SER E 248 8.01 -7.10 -38.46
C SER E 248 7.62 -6.73 -37.04
N THR E 249 6.34 -6.43 -36.87
CA THR E 249 5.77 -6.07 -35.57
C THR E 249 5.16 -7.31 -34.94
N VAL E 250 5.24 -7.40 -33.61
CA VAL E 250 4.63 -8.50 -32.86
C VAL E 250 4.09 -7.94 -31.55
N GLN E 251 3.01 -8.57 -31.07
CA GLN E 251 2.49 -8.26 -29.75
C GLN E 251 3.41 -8.78 -28.65
N CYS E 252 4.04 -9.93 -28.87
CA CYS E 252 4.86 -10.58 -27.86
C CYS E 252 6.13 -11.12 -28.51
N THR E 253 7.18 -11.24 -27.70
CA THR E 253 8.42 -11.83 -28.14
C THR E 253 8.31 -13.35 -28.16
N HIS E 254 9.24 -13.98 -28.87
CA HIS E 254 9.25 -15.44 -28.92
C HIS E 254 9.63 -15.99 -27.55
N GLY E 255 9.60 -17.31 -27.43
CA GLY E 255 9.87 -17.96 -26.16
C GLY E 255 11.30 -17.74 -25.70
N ILE E 256 11.47 -16.92 -24.66
CA ILE E 256 12.78 -16.62 -24.08
C ILE E 256 12.92 -17.45 -22.82
N LYS E 257 13.97 -18.27 -22.77
CA LYS E 257 14.27 -19.03 -21.57
C LYS E 257 15.19 -18.20 -20.67
N PRO E 258 14.72 -17.71 -19.52
CA PRO E 258 15.64 -16.92 -18.68
C PRO E 258 16.69 -17.79 -18.02
N VAL E 259 17.69 -18.19 -18.80
CA VAL E 259 18.75 -19.08 -18.35
C VAL E 259 19.87 -18.24 -17.74
N VAL E 260 20.41 -18.72 -16.62
CA VAL E 260 21.51 -18.08 -15.92
C VAL E 260 22.77 -18.89 -16.20
N SER E 261 23.78 -18.24 -16.77
CA SER E 261 25.04 -18.90 -17.05
C SER E 261 26.14 -17.87 -17.15
N THR E 262 27.39 -18.34 -17.07
CA THR E 262 28.56 -17.51 -17.18
C THR E 262 29.54 -18.16 -18.14
N GLN E 263 30.21 -17.33 -18.94
CA GLN E 263 31.21 -17.71 -19.94
C GLN E 263 30.72 -18.80 -20.92
N LEU E 264 29.40 -18.98 -21.03
CA LEU E 264 28.78 -19.90 -21.97
C LEU E 264 27.28 -19.62 -21.89
N LEU E 265 26.61 -19.75 -23.04
CA LEU E 265 25.18 -19.53 -23.12
C LEU E 265 24.50 -20.85 -23.42
N LEU E 266 23.48 -21.18 -22.61
CA LEU E 266 22.83 -22.48 -22.65
C LEU E 266 21.37 -22.33 -23.02
N ASN E 267 20.90 -23.22 -23.91
CA ASN E 267 19.48 -23.29 -24.29
C ASN E 267 19.00 -21.95 -24.85
N GLY E 268 19.60 -21.53 -25.96
CA GLY E 268 19.28 -20.27 -26.59
C GLY E 268 18.92 -20.40 -28.06
N SER E 269 18.47 -19.30 -28.66
CA SER E 269 18.15 -19.31 -30.07
C SER E 269 19.42 -19.29 -30.91
N LEU E 270 19.51 -20.20 -31.86
CA LEU E 270 20.69 -20.34 -32.71
C LEU E 270 20.63 -19.32 -33.85
N ALA E 271 21.82 -18.94 -34.32
CA ALA E 271 21.90 -18.09 -35.50
C ALA E 271 21.54 -18.90 -36.75
N GLU E 272 21.38 -18.19 -37.86
CA GLU E 272 21.02 -18.80 -39.13
C GLU E 272 22.16 -18.69 -40.13
N GLU E 273 22.59 -19.84 -40.64
CA GLU E 273 23.48 -19.94 -41.81
C GLU E 273 24.93 -19.56 -41.52
N GLU E 274 25.24 -19.04 -40.34
CA GLU E 274 26.58 -18.57 -40.04
C GLU E 274 26.70 -18.21 -38.57
N VAL E 275 27.91 -18.38 -38.04
CA VAL E 275 28.22 -17.89 -36.70
C VAL E 275 28.32 -16.37 -36.76
N ILE E 276 27.70 -15.70 -35.80
CA ILE E 276 27.59 -14.24 -35.77
C ILE E 276 28.41 -13.73 -34.60
N ILE E 277 29.24 -12.71 -34.85
CA ILE E 277 30.03 -12.05 -33.83
C ILE E 277 29.44 -10.69 -33.57
N ARG E 278 29.19 -10.37 -32.30
CA ARG E 278 28.60 -9.10 -31.91
C ARG E 278 29.40 -8.49 -30.77
N SER E 279 29.49 -7.16 -30.77
CA SER E 279 30.16 -6.44 -29.70
C SER E 279 29.78 -4.98 -29.81
N GLU E 280 29.78 -4.30 -28.67
CA GLU E 280 29.49 -2.87 -28.67
C GLU E 280 30.56 -2.09 -29.42
N ASN E 281 31.82 -2.48 -29.24
CA ASN E 281 32.94 -1.83 -29.90
C ASN E 281 34.02 -2.90 -30.03
N ILE E 282 34.18 -3.44 -31.24
CA ILE E 282 35.02 -4.61 -31.45
C ILE E 282 36.46 -4.35 -31.06
N THR E 283 36.95 -3.11 -31.20
CA THR E 283 38.33 -2.77 -30.90
C THR E 283 38.53 -2.30 -29.47
N ASN E 284 37.49 -2.30 -28.63
CA ASN E 284 37.60 -1.93 -27.22
C ASN E 284 37.80 -3.21 -26.42
N ASN E 285 38.91 -3.27 -25.67
CA ASN E 285 39.24 -4.47 -24.91
C ASN E 285 38.31 -4.67 -23.71
N ALA E 286 37.64 -3.63 -23.24
CA ALA E 286 36.76 -3.74 -22.09
C ALA E 286 35.38 -4.29 -22.43
N LYS E 287 35.02 -4.33 -23.71
CA LYS E 287 33.72 -4.82 -24.13
C LYS E 287 33.81 -6.30 -24.50
N ASN E 288 32.89 -7.08 -23.94
CA ASN E 288 32.82 -8.50 -24.23
C ASN E 288 32.41 -8.72 -25.67
N ILE E 289 32.71 -9.91 -26.18
CA ILE E 289 32.33 -10.30 -27.54
C ILE E 289 31.35 -11.45 -27.40
N LEU E 290 30.08 -11.18 -27.70
CA LEU E 290 29.04 -12.21 -27.69
C LEU E 290 29.09 -12.94 -29.02
N VAL E 291 29.30 -14.24 -28.96
CA VAL E 291 29.33 -15.11 -30.13
C VAL E 291 28.09 -15.97 -30.10
N GLN E 292 27.35 -15.99 -31.21
CA GLN E 292 26.17 -16.82 -31.35
C GLN E 292 26.46 -17.92 -32.36
N LEU E 293 26.25 -19.16 -31.95
CA LEU E 293 26.51 -20.31 -32.81
C LEU E 293 25.29 -20.62 -33.68
N ASN E 294 25.56 -21.11 -34.89
CA ASN E 294 24.53 -21.59 -35.78
C ASN E 294 24.30 -23.10 -35.66
N GLU E 295 25.04 -23.78 -34.80
CA GLU E 295 24.90 -25.21 -34.60
C GLU E 295 25.21 -25.52 -33.16
N SER E 296 24.20 -26.00 -32.43
CA SER E 296 24.35 -26.23 -31.00
C SER E 296 25.39 -27.32 -30.74
N VAL E 297 26.06 -27.19 -29.59
CA VAL E 297 27.05 -28.15 -29.13
C VAL E 297 26.42 -28.91 -27.96
N GLN E 298 26.27 -30.22 -28.13
CA GLN E 298 25.68 -31.02 -27.07
C GLN E 298 26.63 -31.08 -25.88
N ILE E 299 26.10 -30.78 -24.70
CA ILE E 299 26.86 -30.85 -23.44
C ILE E 299 26.04 -31.64 -22.44
N ASN E 300 26.64 -32.68 -21.88
CA ASN E 300 26.02 -33.48 -20.81
C ASN E 300 26.77 -33.19 -19.52
N CYS E 301 26.03 -32.80 -18.48
CA CYS E 301 26.59 -32.49 -17.17
C CYS E 301 25.89 -33.37 -16.14
N THR E 302 26.67 -33.91 -15.20
CA THR E 302 26.19 -34.93 -14.29
C THR E 302 26.82 -34.76 -12.92
N ARG E 303 26.04 -35.05 -11.88
CA ARG E 303 26.52 -35.15 -10.51
C ARG E 303 26.36 -36.60 -10.08
N PRO E 304 27.33 -37.48 -10.34
CA PRO E 304 27.08 -38.92 -10.19
C PRO E 304 26.78 -39.37 -8.77
N ASN E 305 27.08 -38.56 -7.76
CA ASN E 305 26.78 -38.92 -6.38
C ASN E 305 25.28 -39.10 -6.20
N ASN E 306 24.89 -40.16 -5.49
CA ASN E 306 23.50 -40.41 -5.15
C ASN E 306 23.28 -39.89 -3.74
N ASN E 307 22.92 -38.61 -3.62
CA ASN E 307 22.74 -37.97 -2.33
C ASN E 307 21.40 -38.31 -1.72
N THR E 308 21.38 -38.36 -0.39
CA THR E 308 20.14 -38.41 0.38
C THR E 308 19.96 -37.07 1.06
N ARG E 309 18.73 -36.81 1.53
CA ARG E 309 18.39 -35.54 2.15
C ARG E 309 17.74 -35.78 3.51
N LYS E 310 18.32 -35.16 4.54
CA LYS E 310 17.73 -35.13 5.87
C LYS E 310 16.79 -33.95 5.97
N SER E 311 15.94 -33.97 7.00
CA SER E 311 15.00 -32.91 7.28
C SER E 311 15.00 -32.65 8.77
N ILE E 312 15.49 -31.48 9.17
CA ILE E 312 15.66 -31.11 10.58
C ILE E 312 14.82 -29.88 10.85
N ARG E 313 14.08 -29.88 11.95
CA ARG E 313 13.36 -28.71 12.40
C ARG E 313 14.32 -27.77 13.11
N ILE E 314 14.15 -26.46 12.90
CA ILE E 314 14.92 -25.44 13.60
C ILE E 314 14.04 -24.47 14.37
N GLY E 315 12.73 -24.49 14.15
CA GLY E 315 11.85 -23.54 14.79
C GLY E 315 10.42 -23.99 14.71
N PRO E 316 9.48 -23.10 15.02
CA PRO E 316 8.08 -23.49 15.00
C PRO E 316 7.56 -23.66 13.58
N GLY E 317 7.76 -24.85 13.02
CA GLY E 317 7.39 -25.13 11.65
C GLY E 317 8.43 -24.77 10.62
N GLN E 318 9.66 -24.48 11.04
CA GLN E 318 10.76 -24.13 10.15
C GLN E 318 11.63 -25.37 9.98
N TRP E 319 11.81 -25.80 8.73
CA TRP E 319 12.57 -27.00 8.40
C TRP E 319 13.86 -26.63 7.70
N PHE E 320 14.93 -27.36 8.00
CA PHE E 320 16.23 -27.18 7.38
C PHE E 320 16.69 -28.49 6.76
N TYR E 321 17.12 -28.43 5.51
CA TYR E 321 17.49 -29.61 4.74
C TYR E 321 19.00 -29.72 4.63
N ALA E 322 19.51 -30.89 4.99
CA ALA E 322 20.94 -31.14 5.08
C ALA E 322 21.30 -32.39 4.30
N THR E 323 22.41 -32.31 3.56
CA THR E 323 22.87 -33.45 2.77
C THR E 323 23.25 -34.59 3.71
N GLY E 324 22.41 -35.62 3.76
CA GLY E 324 22.55 -36.65 4.76
C GLY E 324 23.78 -37.52 4.56
N ASP E 325 23.77 -38.31 3.50
CA ASP E 325 24.87 -39.21 3.21
C ASP E 325 24.77 -39.63 1.76
N ILE E 326 25.84 -40.25 1.25
CA ILE E 326 25.93 -40.69 -0.13
C ILE E 326 25.81 -42.20 -0.15
N ILE E 327 24.84 -42.71 -0.93
CA ILE E 327 24.58 -44.14 -0.96
C ILE E 327 25.76 -44.89 -1.57
N GLY E 328 26.23 -44.44 -2.72
CA GLY E 328 27.29 -45.11 -3.46
C GLY E 328 28.66 -44.53 -3.18
N ASP E 329 29.54 -44.64 -4.16
CA ASP E 329 30.86 -44.06 -4.09
C ASP E 329 30.81 -42.57 -4.45
N ILE E 330 31.91 -41.87 -4.24
CA ILE E 330 32.00 -40.43 -4.42
C ILE E 330 32.80 -40.16 -5.68
N ARG E 331 32.22 -39.39 -6.61
CA ARG E 331 32.87 -39.01 -7.84
C ARG E 331 32.51 -37.57 -8.17
N GLN E 332 33.49 -36.84 -8.72
CA GLN E 332 33.33 -35.43 -8.99
C GLN E 332 32.25 -35.19 -10.05
N ALA E 333 31.52 -34.09 -9.87
CA ALA E 333 30.62 -33.64 -10.90
C ALA E 333 31.41 -33.14 -12.11
N HIS E 334 31.00 -33.57 -13.30
CA HIS E 334 31.75 -33.29 -14.51
C HIS E 334 30.79 -33.06 -15.65
N CYS E 335 31.29 -32.42 -16.71
CA CYS E 335 30.55 -32.17 -17.92
C CYS E 335 31.30 -32.76 -19.11
N ASN E 336 30.55 -33.32 -20.05
CA ASN E 336 31.10 -33.91 -21.26
C ASN E 336 30.65 -33.10 -22.46
N VAL E 337 31.59 -32.79 -23.36
CA VAL E 337 31.33 -32.08 -24.60
C VAL E 337 31.98 -32.85 -25.72
N SER E 338 31.25 -33.07 -26.81
CA SER E 338 31.77 -33.86 -27.91
C SER E 338 33.00 -33.21 -28.51
N LYS E 339 34.08 -33.98 -28.65
CA LYS E 339 35.37 -33.40 -29.02
C LYS E 339 35.35 -32.87 -30.45
N ALA E 340 34.90 -33.69 -31.41
CA ALA E 340 34.92 -33.26 -32.80
C ALA E 340 33.97 -32.09 -33.04
N THR E 341 32.79 -32.13 -32.42
CA THR E 341 31.84 -31.04 -32.58
C THR E 341 32.41 -29.74 -32.02
N TRP E 342 33.07 -29.81 -30.86
CA TRP E 342 33.67 -28.61 -30.29
C TRP E 342 34.81 -28.11 -31.17
N ASN E 343 35.59 -29.02 -31.75
CA ASN E 343 36.65 -28.61 -32.66
C ASN E 343 36.08 -27.85 -33.86
N GLU E 344 35.01 -28.38 -34.46
CA GLU E 344 34.39 -27.71 -35.60
C GLU E 344 33.82 -26.35 -35.19
N THR E 345 33.19 -26.27 -34.01
CA THR E 345 32.60 -25.01 -33.58
C THR E 345 33.68 -23.96 -33.35
N LEU E 346 34.80 -24.35 -32.72
CA LEU E 346 35.89 -23.40 -32.56
C LEU E 346 36.48 -22.99 -33.90
N GLY E 347 36.55 -23.94 -34.84
CA GLY E 347 37.01 -23.58 -36.18
C GLY E 347 36.13 -22.52 -36.82
N LYS E 348 34.81 -22.70 -36.73
CA LYS E 348 33.89 -21.70 -37.29
C LYS E 348 34.03 -20.36 -36.59
N VAL E 349 34.17 -20.37 -35.26
CA VAL E 349 34.29 -19.12 -34.53
C VAL E 349 35.56 -18.38 -34.94
N VAL E 350 36.68 -19.10 -35.07
CA VAL E 350 37.92 -18.46 -35.49
C VAL E 350 37.79 -17.95 -36.92
N LYS E 351 37.11 -18.71 -37.78
CA LYS E 351 36.88 -18.29 -39.16
C LYS E 351 36.15 -16.96 -39.20
N GLN E 352 35.12 -16.80 -38.37
CA GLN E 352 34.40 -15.54 -38.35
C GLN E 352 35.22 -14.43 -37.70
N LEU E 353 36.01 -14.75 -36.68
CA LEU E 353 36.81 -13.72 -36.04
C LEU E 353 37.90 -13.19 -36.96
N ARG E 354 38.36 -14.01 -37.91
CA ARG E 354 39.35 -13.53 -38.86
C ARG E 354 38.81 -12.36 -39.68
N LYS E 355 37.53 -12.38 -40.04
CA LYS E 355 36.96 -11.29 -40.83
C LYS E 355 37.05 -9.96 -40.09
N HIS E 356 36.85 -10.02 -38.77
CA HIS E 356 36.91 -8.79 -37.93
C HIS E 356 38.35 -8.51 -37.51
N PHE E 357 39.23 -9.51 -37.54
CA PHE E 357 40.62 -9.30 -37.04
C PHE E 357 41.65 -9.65 -38.13
N GLY E 358 41.24 -9.62 -39.40
CA GLY E 358 42.16 -9.94 -40.51
C GLY E 358 42.39 -11.42 -40.66
N ASN E 359 42.39 -11.93 -41.90
CA ASN E 359 42.58 -13.39 -42.14
C ASN E 359 43.94 -13.82 -41.60
N ASN E 360 44.98 -13.01 -41.83
CA ASN E 360 46.36 -13.36 -41.38
C ASN E 360 46.53 -12.91 -39.93
N THR E 361 45.75 -13.48 -39.00
CA THR E 361 45.87 -13.13 -37.56
C THR E 361 45.96 -14.42 -36.75
N ILE E 362 46.86 -14.46 -35.75
CA ILE E 362 47.03 -15.68 -34.91
C ILE E 362 45.95 -15.69 -33.84
N ILE E 363 44.77 -16.24 -34.15
CA ILE E 363 43.68 -16.34 -33.14
C ILE E 363 44.08 -17.42 -32.13
N ARG E 364 44.40 -17.01 -30.91
CA ARG E 364 44.83 -17.98 -29.86
C ARG E 364 43.82 -17.95 -28.71
N PHE E 365 43.42 -19.13 -28.23
CA PHE E 365 42.48 -19.19 -27.12
C PHE E 365 43.23 -19.51 -25.84
N ALA E 366 42.67 -19.12 -24.71
CA ALA E 366 43.26 -19.43 -23.41
C ALA E 366 42.13 -19.52 -22.39
N ASN E 367 42.44 -20.12 -21.24
CA ASN E 367 41.43 -20.32 -20.23
C ASN E 367 41.13 -18.99 -19.53
N SER E 368 40.21 -19.04 -18.57
CA SER E 368 39.79 -17.83 -17.89
C SER E 368 40.92 -17.24 -17.06
N SER E 369 40.87 -15.94 -16.85
CA SER E 369 41.82 -15.27 -15.98
C SER E 369 41.43 -15.48 -14.53
N GLY E 370 42.21 -14.90 -13.63
CA GLY E 370 41.92 -15.03 -12.21
C GLY E 370 40.65 -14.30 -11.81
N GLY E 371 40.04 -14.78 -10.74
CA GLY E 371 38.83 -14.18 -10.22
C GLY E 371 38.06 -15.17 -9.37
N ASP E 372 36.89 -14.72 -8.91
CA ASP E 372 36.01 -15.60 -8.15
C ASP E 372 35.38 -16.64 -9.06
N LEU E 373 34.82 -17.68 -8.45
CA LEU E 373 34.28 -18.80 -9.23
C LEU E 373 33.09 -18.37 -10.07
N GLU E 374 32.37 -17.32 -9.66
CA GLU E 374 31.24 -16.86 -10.46
C GLU E 374 31.68 -16.35 -11.82
N VAL E 375 32.91 -15.87 -11.95
CA VAL E 375 33.38 -15.21 -13.16
C VAL E 375 34.35 -16.09 -13.95
N THR E 376 35.23 -16.82 -13.26
CA THR E 376 36.26 -17.60 -13.94
C THR E 376 35.74 -18.92 -14.49
N THR E 377 34.74 -19.52 -13.86
CA THR E 377 34.24 -20.84 -14.25
C THR E 377 32.89 -20.72 -14.91
N HIS E 378 32.43 -21.85 -15.46
CA HIS E 378 31.12 -21.93 -16.10
C HIS E 378 30.11 -22.34 -15.04
N SER E 379 29.30 -21.38 -14.60
CA SER E 379 28.23 -21.63 -13.64
C SER E 379 26.92 -21.84 -14.37
N PHE E 380 26.06 -22.68 -13.81
CA PHE E 380 24.72 -22.86 -14.35
C PHE E 380 23.90 -23.69 -13.37
N ASN E 381 22.60 -23.42 -13.35
CA ASN E 381 21.67 -24.18 -12.55
C ASN E 381 21.24 -25.42 -13.32
N CYS E 382 21.33 -26.58 -12.68
CA CYS E 382 21.04 -27.87 -13.32
C CYS E 382 20.24 -28.72 -12.34
N GLY E 383 18.94 -28.82 -12.58
CA GLY E 383 18.07 -29.61 -11.74
C GLY E 383 17.80 -29.02 -10.37
N GLY E 384 18.21 -27.78 -10.13
CA GLY E 384 18.12 -27.15 -8.82
C GLY E 384 19.42 -27.15 -8.06
N GLU E 385 20.44 -27.87 -8.53
CA GLU E 385 21.78 -27.78 -7.98
C GLU E 385 22.65 -26.89 -8.85
N PHE E 386 23.56 -26.15 -8.21
CA PHE E 386 24.38 -25.15 -8.87
C PHE E 386 25.76 -25.71 -9.14
N PHE E 387 26.17 -25.71 -10.41
CA PHE E 387 27.47 -26.21 -10.82
C PHE E 387 28.46 -25.08 -10.97
N TYR E 388 29.74 -25.41 -10.97
CA TYR E 388 30.82 -24.48 -11.25
C TYR E 388 31.89 -25.28 -11.99
N CYS E 389 31.92 -25.14 -13.32
CA CYS E 389 32.74 -25.97 -14.18
C CYS E 389 33.94 -25.20 -14.74
N ASN E 390 35.12 -25.80 -14.60
CA ASN E 390 36.37 -25.22 -15.07
C ASN E 390 36.51 -25.55 -16.55
N THR E 391 36.44 -24.53 -17.41
CA THR E 391 36.36 -24.71 -18.85
C THR E 391 37.70 -24.58 -19.55
N SER E 392 38.82 -24.64 -18.82
CA SER E 392 40.12 -24.52 -19.46
C SER E 392 40.40 -25.66 -20.44
N GLY E 393 39.67 -26.77 -20.32
CA GLY E 393 39.83 -27.86 -21.26
C GLY E 393 39.25 -27.61 -22.63
N LEU E 394 38.51 -26.51 -22.81
CA LEU E 394 37.95 -26.12 -24.10
C LEU E 394 38.77 -25.06 -24.80
N PHE E 395 39.04 -23.95 -24.13
CA PHE E 395 39.73 -22.80 -24.74
C PHE E 395 41.24 -22.99 -24.61
N ASN E 396 41.75 -23.97 -25.35
CA ASN E 396 43.21 -24.25 -25.31
C ASN E 396 43.70 -24.53 -26.73
N SER E 397 43.27 -23.73 -27.71
CA SER E 397 43.63 -23.99 -29.13
C SER E 397 44.17 -22.72 -29.78
N THR E 398 45.27 -22.82 -30.52
CA THR E 398 45.83 -21.65 -31.26
C THR E 398 45.56 -21.85 -32.75
N TRP E 399 45.22 -20.77 -33.47
CA TRP E 399 44.87 -20.90 -34.91
C TRP E 399 45.80 -20.00 -35.74
N ILE E 400 46.48 -20.58 -36.74
CA ILE E 400 47.44 -19.80 -37.58
C ILE E 400 47.02 -19.93 -39.05
N SER E 401 45.74 -20.24 -39.30
CA SER E 401 45.24 -20.44 -40.68
C SER E 401 45.89 -21.69 -41.29
N ASN E 402 46.51 -22.53 -40.45
CA ASN E 402 47.16 -23.78 -40.91
C ASN E 402 47.15 -23.83 -42.44
N SER E 413 38.44 -39.33 -32.63
CA SER E 413 37.02 -39.40 -32.93
C SER E 413 36.26 -40.11 -31.81
N ASN E 414 35.09 -39.59 -31.48
CA ASN E 414 34.16 -40.10 -30.46
C ASN E 414 34.62 -39.78 -29.04
N ASP E 415 35.81 -39.21 -28.85
CA ASP E 415 36.25 -38.86 -27.51
C ASP E 415 35.44 -37.66 -27.00
N SER E 416 35.56 -37.41 -25.70
CA SER E 416 34.85 -36.33 -25.03
C SER E 416 35.80 -35.59 -24.11
N ILE E 417 35.62 -34.27 -24.04
CA ILE E 417 36.45 -33.41 -23.20
C ILE E 417 35.80 -33.35 -21.82
N THR E 418 36.34 -34.11 -20.87
CA THR E 418 35.75 -34.22 -19.54
C THR E 418 36.14 -32.99 -18.73
N LEU E 419 35.19 -32.09 -18.51
CA LEU E 419 35.44 -30.89 -17.72
C LEU E 419 35.08 -31.14 -16.25
N PRO E 420 36.00 -30.98 -15.30
CA PRO E 420 35.60 -31.12 -13.90
C PRO E 420 34.71 -29.97 -13.47
N CYS E 421 33.86 -30.25 -12.49
CA CYS E 421 32.95 -29.25 -11.93
C CYS E 421 32.88 -29.40 -10.42
N ARG E 422 32.80 -28.26 -9.74
CA ARG E 422 32.59 -28.20 -8.31
C ARG E 422 31.15 -27.79 -8.05
N ILE E 423 30.63 -28.21 -6.90
CA ILE E 423 29.27 -27.91 -6.47
C ILE E 423 29.35 -26.98 -5.28
N LYS E 424 28.52 -25.94 -5.28
CA LYS E 424 28.49 -24.94 -4.23
C LYS E 424 27.05 -24.71 -3.83
N GLN E 425 26.77 -24.82 -2.54
CA GLN E 425 25.40 -24.65 -2.03
C GLN E 425 25.10 -23.22 -1.63
N ILE E 426 25.92 -22.61 -0.79
CA ILE E 426 25.69 -21.27 -0.28
C ILE E 426 26.14 -20.30 -1.38
N ILE E 427 25.21 -19.54 -1.94
CA ILE E 427 25.42 -18.81 -3.18
C ILE E 427 25.14 -17.34 -2.93
N ASN E 428 26.08 -16.48 -3.35
CA ASN E 428 25.86 -15.03 -3.42
C ASN E 428 25.50 -14.67 -4.86
N MET E 429 24.25 -14.94 -5.21
CA MET E 429 23.83 -14.80 -6.60
C MET E 429 23.67 -13.33 -6.97
N TRP E 430 23.77 -13.06 -8.27
CA TRP E 430 23.55 -11.73 -8.84
C TRP E 430 24.61 -10.73 -8.41
N GLN E 431 25.80 -11.21 -7.99
CA GLN E 431 26.89 -10.34 -7.56
C GLN E 431 26.47 -9.43 -6.41
N ARG E 432 25.61 -9.95 -5.53
CA ARG E 432 25.14 -9.23 -4.35
C ARG E 432 25.73 -9.91 -3.12
N ILE E 433 26.32 -9.12 -2.24
CA ILE E 433 26.86 -9.62 -0.98
C ILE E 433 25.84 -9.51 0.15
N GLY E 434 24.74 -8.75 -0.05
CA GLY E 434 23.80 -8.52 1.04
C GLY E 434 23.13 -9.79 1.54
N GLN E 435 22.72 -10.66 0.63
CA GLN E 435 22.03 -11.91 0.97
C GLN E 435 22.64 -13.04 0.18
N ALA E 436 22.51 -14.26 0.71
CA ALA E 436 23.06 -15.46 0.08
C ALA E 436 22.06 -16.60 0.25
N MET E 437 21.48 -17.05 -0.85
CA MET E 437 20.53 -18.16 -0.80
C MET E 437 21.28 -19.46 -0.55
N TYR E 438 20.62 -20.39 0.14
CA TYR E 438 21.16 -21.72 0.37
C TYR E 438 20.35 -22.72 -0.44
N ALA E 439 20.97 -23.33 -1.45
CA ALA E 439 20.27 -24.24 -2.33
C ALA E 439 20.24 -25.64 -1.71
N PRO E 440 19.08 -26.17 -1.32
CA PRO E 440 19.08 -27.43 -0.58
C PRO E 440 19.51 -28.59 -1.46
N PRO E 441 20.02 -29.67 -0.89
CA PRO E 441 20.44 -30.80 -1.71
C PRO E 441 19.25 -31.49 -2.35
N ILE E 442 19.54 -32.24 -3.41
CA ILE E 442 18.52 -32.91 -4.22
C ILE E 442 18.81 -34.41 -4.20
N GLN E 443 17.79 -35.19 -3.89
CA GLN E 443 17.96 -36.64 -3.83
C GLN E 443 18.26 -37.19 -5.22
N GLY E 444 19.04 -38.26 -5.25
CA GLY E 444 19.30 -38.98 -6.48
C GLY E 444 20.44 -38.37 -7.28
N VAL E 445 20.54 -38.83 -8.52
CA VAL E 445 21.58 -38.44 -9.45
C VAL E 445 20.98 -37.48 -10.46
N ILE E 446 21.67 -36.37 -10.72
CA ILE E 446 21.19 -35.32 -11.61
C ILE E 446 21.95 -35.42 -12.92
N ARG E 447 21.22 -35.27 -14.03
CA ARG E 447 21.81 -35.18 -15.36
C ARG E 447 21.05 -34.14 -16.16
N CYS E 448 21.78 -33.17 -16.71
CA CYS E 448 21.21 -32.10 -17.52
C CYS E 448 21.87 -32.14 -18.89
N VAL E 449 21.14 -32.64 -19.89
CA VAL E 449 21.61 -32.60 -21.28
C VAL E 449 21.08 -31.32 -21.90
N SER E 450 21.98 -30.35 -22.10
CA SER E 450 21.61 -29.02 -22.57
C SER E 450 22.37 -28.71 -23.84
N ASN E 451 22.03 -27.58 -24.45
CA ASN E 451 22.61 -27.14 -25.71
C ASN E 451 23.35 -25.83 -25.48
N ILE E 452 24.63 -25.80 -25.87
CA ILE E 452 25.40 -24.56 -25.88
C ILE E 452 25.07 -23.83 -27.17
N THR E 453 24.52 -22.62 -27.04
CA THR E 453 24.12 -21.80 -28.17
C THR E 453 24.75 -20.42 -28.14
N GLY E 454 25.91 -20.27 -27.51
CA GLY E 454 26.57 -18.98 -27.48
C GLY E 454 27.72 -18.93 -26.50
N LEU E 455 28.82 -18.31 -26.90
CA LEU E 455 29.99 -18.13 -26.08
C LEU E 455 30.10 -16.67 -25.68
N ILE E 456 30.96 -16.40 -24.70
CA ILE E 456 31.27 -15.03 -24.26
C ILE E 456 32.78 -14.91 -24.20
N LEU E 457 33.35 -14.15 -25.14
CA LEU E 457 34.79 -13.99 -25.28
C LEU E 457 35.19 -12.55 -24.96
N THR E 458 36.33 -12.40 -24.29
CA THR E 458 36.90 -11.10 -23.96
C THR E 458 38.34 -11.08 -24.47
N ARG E 459 38.56 -10.40 -25.58
CA ARG E 459 39.89 -10.32 -26.18
C ARG E 459 40.87 -9.63 -25.23
N ASP E 460 42.10 -10.12 -25.21
CA ASP E 460 43.13 -9.54 -24.36
C ASP E 460 43.66 -8.24 -24.98
N GLY E 461 44.67 -7.64 -24.34
CA GLY E 461 45.17 -6.36 -24.83
C GLY E 461 45.84 -6.49 -26.19
N GLY E 462 46.96 -7.19 -26.25
CA GLY E 462 47.62 -7.48 -27.51
C GLY E 462 48.08 -6.25 -28.28
N SER E 463 48.39 -5.15 -27.57
CA SER E 463 48.77 -3.92 -28.25
C SER E 463 50.09 -4.09 -29.00
N THR E 464 51.12 -4.58 -28.32
CA THR E 464 52.37 -4.94 -28.96
C THR E 464 52.28 -6.39 -29.45
N ASN E 465 53.12 -6.71 -30.44
CA ASN E 465 53.11 -7.99 -31.17
C ASN E 465 51.67 -8.44 -31.45
N SER E 466 50.93 -7.59 -32.14
CA SER E 466 49.51 -7.83 -32.39
C SER E 466 49.26 -8.98 -33.36
N THR E 467 50.31 -9.62 -33.89
CA THR E 467 50.12 -10.79 -34.72
C THR E 467 49.36 -11.90 -33.99
N THR E 468 49.61 -12.04 -32.69
CA THR E 468 49.02 -13.09 -31.86
C THR E 468 48.08 -12.44 -30.85
N GLU E 469 46.78 -12.49 -31.13
CA GLU E 469 45.76 -12.01 -30.22
C GLU E 469 45.08 -13.18 -29.52
N THR E 470 44.90 -13.04 -28.20
CA THR E 470 44.40 -14.11 -27.35
C THR E 470 43.00 -13.77 -26.87
N PHE E 471 42.09 -14.74 -26.97
CA PHE E 471 40.73 -14.64 -26.47
C PHE E 471 40.58 -15.50 -25.22
N ARG E 472 39.87 -14.96 -24.23
CA ARG E 472 39.61 -15.64 -22.97
C ARG E 472 38.12 -15.60 -22.67
N PRO E 473 37.56 -16.66 -22.07
CA PRO E 473 36.16 -16.57 -21.65
C PRO E 473 36.00 -15.56 -20.53
N GLY E 474 34.85 -14.91 -20.50
CA GLY E 474 34.59 -13.85 -19.55
C GLY E 474 33.14 -13.80 -19.21
N GLY E 475 32.55 -12.62 -19.31
CA GLY E 475 31.16 -12.44 -18.98
C GLY E 475 30.97 -12.07 -17.52
N GLY E 476 30.05 -12.75 -16.85
CA GLY E 476 29.72 -12.48 -15.46
C GLY E 476 28.65 -11.41 -15.30
N ASP E 477 28.40 -10.63 -16.35
CA ASP E 477 27.29 -9.67 -16.36
C ASP E 477 26.07 -10.40 -16.91
N MET E 478 25.05 -10.60 -16.08
CA MET E 478 23.90 -11.40 -16.47
C MET E 478 23.12 -10.76 -17.61
N ARG E 479 23.29 -9.46 -17.85
CA ARG E 479 22.58 -8.80 -18.95
C ARG E 479 22.99 -9.39 -20.29
N ASP E 480 24.26 -9.78 -20.43
CA ASP E 480 24.70 -10.42 -21.66
C ASP E 480 24.01 -11.75 -21.90
N ASN E 481 23.60 -12.44 -20.83
CA ASN E 481 22.92 -13.73 -21.01
C ASN E 481 21.57 -13.59 -21.70
N TRP E 482 21.00 -12.38 -21.73
CA TRP E 482 19.75 -12.12 -22.41
C TRP E 482 19.88 -11.14 -23.58
N ARG E 483 21.01 -10.44 -23.70
CA ARG E 483 21.23 -9.62 -24.89
C ARG E 483 21.24 -10.48 -26.15
N SER E 484 21.69 -11.72 -26.05
CA SER E 484 21.67 -12.62 -27.19
C SER E 484 20.27 -13.08 -27.56
N GLU E 485 19.31 -12.94 -26.65
CA GLU E 485 17.91 -13.28 -26.91
C GLU E 485 17.07 -12.10 -27.33
N LEU E 486 17.37 -10.90 -26.82
CA LEU E 486 16.58 -9.70 -27.07
C LEU E 486 17.22 -8.75 -28.08
N TYR E 487 18.21 -9.19 -28.85
CA TYR E 487 18.84 -8.28 -29.80
C TYR E 487 17.92 -7.96 -30.98
N LYS E 488 16.94 -8.80 -31.26
CA LYS E 488 16.04 -8.60 -32.39
C LYS E 488 14.87 -7.66 -32.06
N TYR E 489 14.63 -7.35 -30.79
CA TYR E 489 13.42 -6.68 -30.36
C TYR E 489 13.70 -5.25 -29.92
N LYS E 490 12.78 -4.36 -30.27
CA LYS E 490 12.84 -2.96 -29.90
C LYS E 490 11.44 -2.52 -29.51
N VAL E 491 11.34 -1.69 -28.47
CA VAL E 491 10.05 -1.20 -27.97
C VAL E 491 9.86 0.22 -28.46
N VAL E 492 8.70 0.49 -29.06
CA VAL E 492 8.38 1.81 -29.59
C VAL E 492 6.94 2.14 -29.22
N LYS E 493 6.73 3.40 -28.80
CA LYS E 493 5.41 3.92 -28.53
C LYS E 493 4.79 4.43 -29.82
N ILE E 494 3.47 4.39 -29.87
CA ILE E 494 2.73 4.83 -31.05
C ILE E 494 2.31 6.27 -30.86
N GLU E 495 2.51 7.08 -31.89
CA GLU E 495 2.12 8.49 -31.91
C GLU E 495 0.96 8.62 -32.90
N PRO E 496 -0.24 8.21 -32.51
CA PRO E 496 -1.34 8.13 -33.50
C PRO E 496 -1.71 9.47 -34.12
N LEU E 497 -1.60 10.57 -33.39
CA LEU E 497 -1.96 11.88 -33.94
C LEU E 497 -0.92 12.34 -34.95
N GLY E 498 -1.38 13.13 -35.90
CA GLY E 498 -0.49 13.69 -36.91
C GLY E 498 -1.23 14.74 -37.71
N VAL E 499 -0.45 15.53 -38.46
CA VAL E 499 -0.99 16.59 -39.30
C VAL E 499 -0.34 16.50 -40.67
N ALA E 500 -1.04 17.04 -41.66
CA ALA E 500 -0.57 16.99 -43.04
C ALA E 500 -1.31 18.06 -43.82
N PRO E 501 -0.81 18.44 -45.01
CA PRO E 501 -1.53 19.41 -45.84
C PRO E 501 -2.53 18.76 -46.79
N THR E 502 -3.73 19.31 -46.88
CA THR E 502 -4.72 18.89 -47.86
C THR E 502 -5.45 20.10 -48.44
N ARG E 503 -6.46 19.83 -49.26
CA ARG E 503 -7.16 20.85 -50.03
C ARG E 503 -8.60 21.07 -49.56
N CYS E 504 -8.92 20.65 -48.33
CA CYS E 504 -10.26 20.76 -47.78
C CYS E 504 -10.24 21.72 -46.60
N LYS E 505 -11.24 22.60 -46.53
CA LYS E 505 -11.41 23.53 -45.43
C LYS E 505 -12.77 23.30 -44.76
N ARG E 506 -12.79 23.44 -43.45
CA ARG E 506 -14.04 23.23 -42.72
C ARG E 506 -15.03 24.34 -43.08
N ARG E 507 -16.30 23.97 -43.13
CA ARG E 507 -17.35 24.92 -43.45
C ARG E 507 -17.77 25.70 -42.20
N LEU F 11 -1.85 -5.60 -43.34
CA LEU F 11 -3.30 -5.72 -43.24
C LEU F 11 -3.77 -5.38 -41.83
N GLY F 12 -3.03 -5.85 -40.84
CA GLY F 12 -3.35 -5.63 -39.44
C GLY F 12 -2.71 -4.37 -38.90
N PHE F 13 -2.38 -4.42 -37.61
CA PHE F 13 -1.76 -3.29 -36.93
C PHE F 13 -0.47 -2.89 -37.63
N LEU F 14 -0.32 -1.59 -37.89
CA LEU F 14 0.83 -1.02 -38.60
C LEU F 14 1.04 -1.68 -39.96
N GLY F 15 -0.03 -2.20 -40.57
CA GLY F 15 0.13 -2.89 -41.85
C GLY F 15 0.65 -1.98 -42.94
N ALA F 16 0.32 -0.69 -42.88
CA ALA F 16 0.73 0.29 -43.87
C ALA F 16 1.84 1.20 -43.37
N ALA F 17 2.66 0.73 -42.42
CA ALA F 17 3.66 1.60 -41.81
C ALA F 17 4.66 2.10 -42.85
N GLY F 18 4.94 1.29 -43.87
CA GLY F 18 5.82 1.65 -44.95
C GLY F 18 5.14 2.12 -46.22
N SER F 19 3.81 2.04 -46.28
CA SER F 19 3.10 2.51 -47.46
C SER F 19 3.10 4.03 -47.51
N THR F 20 2.74 4.56 -48.67
CA THR F 20 2.68 6.01 -48.85
C THR F 20 1.59 6.60 -47.96
N MET F 21 1.65 7.92 -47.79
CA MET F 21 0.73 8.60 -46.88
C MET F 21 -0.72 8.44 -47.32
N GLY F 22 -0.97 8.57 -48.63
CA GLY F 22 -2.33 8.43 -49.11
C GLY F 22 -2.89 7.03 -48.92
N ALA F 23 -2.06 6.02 -49.21
CA ALA F 23 -2.53 4.64 -49.12
C ALA F 23 -2.67 4.20 -47.66
N ALA F 24 -1.77 4.69 -46.79
CA ALA F 24 -1.82 4.29 -45.39
C ALA F 24 -2.98 4.92 -44.63
N SER F 25 -3.67 5.91 -45.21
CA SER F 25 -4.78 6.57 -44.54
C SER F 25 -6.04 5.71 -44.50
N MET F 26 -6.03 4.52 -45.10
CA MET F 26 -7.18 3.63 -45.06
C MET F 26 -7.21 2.74 -43.82
N THR F 27 -6.07 2.47 -43.20
CA THR F 27 -5.99 1.60 -42.03
C THR F 27 -6.13 2.35 -40.72
N LEU F 28 -6.63 3.59 -40.76
CA LEU F 28 -6.76 4.38 -39.55
C LEU F 28 -7.71 3.72 -38.55
N THR F 29 -8.71 2.99 -39.04
CA THR F 29 -9.66 2.36 -38.13
C THR F 29 -8.98 1.33 -37.24
N VAL F 30 -8.22 0.40 -37.83
CA VAL F 30 -7.55 -0.62 -37.03
C VAL F 30 -6.45 0.02 -36.19
N GLN F 31 -5.76 1.03 -36.74
CA GLN F 31 -4.71 1.70 -35.98
C GLN F 31 -5.28 2.36 -34.74
N ALA F 32 -6.47 2.95 -34.84
CA ALA F 32 -7.09 3.57 -33.68
C ALA F 32 -7.67 2.53 -32.73
N ARG F 33 -8.20 1.43 -33.28
CA ARG F 33 -8.77 0.40 -32.44
C ARG F 33 -7.74 -0.22 -31.52
N ASN F 34 -6.54 -0.47 -32.02
CA ASN F 34 -5.53 -1.16 -31.21
C ASN F 34 -4.96 -0.29 -30.09
N LEU F 35 -5.29 1.00 -30.00
CA LEU F 35 -4.65 1.86 -29.01
C LEU F 35 -5.12 1.59 -27.60
N LEU F 36 -6.40 1.22 -27.41
CA LEU F 36 -6.99 1.08 -26.09
C LEU F 36 -7.23 -0.36 -25.67
N SER F 37 -7.52 -1.25 -26.62
CA SER F 37 -7.89 -2.62 -26.25
C SER F 37 -6.75 -3.33 -25.54
N GLY F 38 -5.53 -3.15 -26.02
CA GLY F 38 -4.42 -3.82 -25.38
C GLY F 38 -4.46 -5.31 -25.61
N ILE F 39 -3.75 -6.02 -24.75
CA ILE F 39 -3.65 -7.48 -24.80
C ILE F 39 -4.31 -8.12 -23.58
N VAL F 40 -4.07 -7.57 -22.40
CA VAL F 40 -4.72 -8.04 -21.18
C VAL F 40 -6.14 -7.49 -21.15
N GLN F 41 -7.10 -8.37 -20.88
CA GLN F 41 -8.51 -7.99 -20.85
C GLN F 41 -9.22 -8.68 -19.69
N GLU F 51 -5.12 -17.92 -15.86
CA GLU F 51 -4.83 -16.63 -15.25
C GLU F 51 -5.27 -16.62 -13.79
N CYS F 52 -4.36 -16.96 -12.90
CA CYS F 52 -4.63 -16.93 -11.46
C CYS F 52 -4.21 -15.57 -10.91
N GLN F 53 -5.18 -14.84 -10.38
CA GLN F 53 -4.93 -13.50 -9.86
C GLN F 53 -4.34 -13.50 -8.45
N GLN F 54 -4.30 -14.64 -7.77
CA GLN F 54 -3.72 -14.68 -6.44
C GLN F 54 -2.24 -14.32 -6.45
N HIS F 55 -1.52 -14.84 -7.44
CA HIS F 55 -0.05 -14.57 -7.55
C HIS F 55 0.18 -13.36 -8.45
N LEU F 56 -0.83 -12.51 -8.62
CA LEU F 56 -0.66 -11.27 -9.43
C LEU F 56 -0.79 -10.06 -8.50
N LEU F 57 -1.58 -10.21 -7.42
CA LEU F 57 -1.79 -9.08 -6.47
C LEU F 57 -0.44 -8.67 -5.85
N LYS F 58 0.57 -9.52 -6.00
CA LYS F 58 1.92 -9.19 -5.46
C LYS F 58 2.22 -7.72 -5.79
N LEU F 59 2.50 -6.90 -4.78
CA LEU F 59 2.75 -5.46 -5.01
C LEU F 59 4.10 -5.28 -5.72
N THR F 60 5.11 -6.05 -5.33
CA THR F 60 6.46 -5.87 -5.92
C THR F 60 6.45 -6.16 -7.43
N VAL F 61 5.78 -7.25 -7.84
CA VAL F 61 5.81 -7.64 -9.28
C VAL F 61 4.39 -8.02 -9.73
N TRP F 62 4.10 -7.89 -11.03
CA TRP F 62 2.76 -8.23 -11.56
C TRP F 62 1.69 -7.40 -10.83
N GLY F 63 2.11 -6.39 -10.06
CA GLY F 63 1.16 -5.59 -9.28
C GLY F 63 1.02 -4.18 -9.82
N ILE F 64 1.39 -3.18 -9.02
CA ILE F 64 1.23 -1.76 -9.44
C ILE F 64 1.80 -1.59 -10.86
N LYS F 65 3.05 -1.99 -11.07
CA LYS F 65 3.71 -1.83 -12.40
C LYS F 65 2.69 -2.08 -13.51
N GLN F 66 1.97 -3.21 -13.45
CA GLN F 66 0.98 -3.55 -14.51
C GLN F 66 -0.13 -2.48 -14.50
N LEU F 67 -0.82 -2.33 -13.37
CA LEU F 67 -1.86 -1.31 -13.27
C LEU F 67 -1.33 0.05 -13.71
N GLN F 68 -0.07 0.33 -13.42
CA GLN F 68 0.55 1.57 -13.92
C GLN F 68 0.60 1.58 -15.44
N ALA F 69 0.90 0.43 -16.05
CA ALA F 69 0.89 0.36 -17.51
C ALA F 69 -0.51 0.61 -18.06
N ARG F 70 -1.52 0.02 -17.44
CA ARG F 70 -2.89 0.23 -17.90
C ARG F 70 -3.30 1.69 -17.77
N VAL F 71 -2.99 2.31 -16.63
CA VAL F 71 -3.36 3.70 -16.43
C VAL F 71 -2.60 4.60 -17.38
N LEU F 72 -1.34 4.27 -17.69
CA LEU F 72 -0.58 5.05 -18.65
C LEU F 72 -1.22 4.98 -20.03
N ALA F 73 -1.63 3.79 -20.45
CA ALA F 73 -2.29 3.66 -21.75
C ALA F 73 -3.58 4.48 -21.78
N VAL F 74 -4.38 4.38 -20.72
CA VAL F 74 -5.64 5.14 -20.67
C VAL F 74 -5.36 6.64 -20.71
N GLU F 75 -4.32 7.09 -19.99
CA GLU F 75 -4.03 8.51 -19.94
C GLU F 75 -3.55 9.02 -21.30
N ARG F 76 -2.72 8.24 -21.99
CA ARG F 76 -2.28 8.67 -23.33
C ARG F 76 -3.47 8.74 -24.28
N TYR F 77 -4.36 7.74 -24.24
CA TYR F 77 -5.53 7.77 -25.10
C TYR F 77 -6.42 8.97 -24.77
N LEU F 78 -6.58 9.28 -23.48
CA LEU F 78 -7.43 10.39 -23.10
C LEU F 78 -6.81 11.72 -23.50
N ARG F 79 -5.48 11.85 -23.42
CA ARG F 79 -4.85 13.07 -23.89
C ARG F 79 -5.07 13.24 -25.38
N ASP F 80 -4.92 12.18 -26.16
CA ASP F 80 -5.16 12.29 -27.59
C ASP F 80 -6.62 12.68 -27.88
N GLN F 81 -7.57 12.08 -27.16
CA GLN F 81 -8.97 12.40 -27.42
C GLN F 81 -9.30 13.82 -26.97
N GLN F 82 -8.70 14.28 -25.87
CA GLN F 82 -8.97 15.65 -25.45
C GLN F 82 -8.38 16.65 -26.45
N LEU F 83 -7.19 16.35 -26.98
CA LEU F 83 -6.64 17.22 -28.01
C LEU F 83 -7.55 17.23 -29.24
N LEU F 84 -8.08 16.08 -29.61
CA LEU F 84 -9.03 16.05 -30.72
C LEU F 84 -10.27 16.86 -30.41
N GLY F 85 -10.77 16.79 -29.18
CA GLY F 85 -11.95 17.56 -28.83
C GLY F 85 -11.70 19.06 -28.88
N ILE F 86 -10.57 19.50 -28.35
CA ILE F 86 -10.31 20.94 -28.26
C ILE F 86 -9.98 21.51 -29.63
N TRP F 87 -9.33 20.73 -30.50
CA TRP F 87 -8.93 21.24 -31.80
C TRP F 87 -10.12 21.49 -32.72
N GLY F 88 -11.31 21.00 -32.35
CA GLY F 88 -12.48 21.16 -33.18
C GLY F 88 -12.71 19.99 -34.11
N CYS F 89 -12.06 18.86 -33.83
CA CYS F 89 -12.21 17.64 -34.60
C CYS F 89 -12.45 16.51 -33.60
N SER F 90 -13.71 16.33 -33.21
CA SER F 90 -14.09 15.40 -32.16
C SER F 90 -14.84 14.21 -32.74
N GLY F 91 -14.43 13.01 -32.36
CA GLY F 91 -15.08 11.80 -32.82
C GLY F 91 -14.98 11.64 -34.33
N LYS F 92 -13.81 11.89 -34.88
CA LYS F 92 -13.62 11.83 -36.32
C LYS F 92 -12.16 11.56 -36.61
N LEU F 93 -11.88 10.48 -37.33
CA LEU F 93 -10.49 10.13 -37.63
C LEU F 93 -9.86 11.11 -38.61
N ILE F 94 -10.59 11.46 -39.66
CA ILE F 94 -10.11 12.35 -40.71
C ILE F 94 -10.94 13.62 -40.64
N CYS F 95 -10.28 14.77 -40.61
CA CYS F 95 -11.00 16.04 -40.47
C CYS F 95 -10.15 17.18 -41.00
N CYS F 96 -10.82 18.18 -41.56
CA CYS F 96 -10.19 19.39 -42.05
C CYS F 96 -10.28 20.45 -40.97
N THR F 97 -9.65 21.59 -41.22
CA THR F 97 -9.65 22.68 -40.27
C THR F 97 -9.41 24.01 -40.99
N ASN F 98 -9.40 25.10 -40.21
CA ASN F 98 -9.35 26.46 -40.76
C ASN F 98 -7.98 27.10 -40.60
N VAL F 99 -6.93 26.33 -40.33
CA VAL F 99 -5.57 26.84 -40.21
C VAL F 99 -4.89 26.64 -41.57
N PRO F 100 -4.58 27.71 -42.31
CA PRO F 100 -3.92 27.49 -43.60
C PRO F 100 -2.52 26.93 -43.43
N TRP F 101 -2.10 26.14 -44.42
CA TRP F 101 -0.80 25.50 -44.33
C TRP F 101 0.30 26.51 -44.64
N ASN F 102 1.21 26.68 -43.69
CA ASN F 102 2.29 27.64 -43.81
C ASN F 102 3.42 27.04 -44.64
N SER F 103 3.97 27.83 -45.55
CA SER F 103 5.10 27.36 -46.33
C SER F 103 6.34 27.13 -45.46
N THR F 104 6.43 27.82 -44.33
CA THR F 104 7.59 27.64 -43.44
C THR F 104 7.65 26.23 -42.91
N TRP F 105 6.50 25.65 -42.54
CA TRP F 105 6.49 24.29 -42.01
C TRP F 105 6.95 23.30 -43.05
N SER F 106 6.56 23.48 -44.31
CA SER F 106 7.01 22.63 -45.39
C SER F 106 6.73 23.32 -46.72
N ASN F 107 7.77 23.45 -47.54
CA ASN F 107 7.64 23.93 -48.91
C ASN F 107 7.26 22.82 -49.88
N ARG F 108 7.17 21.59 -49.41
CA ARG F 108 6.81 20.46 -50.27
C ARG F 108 5.34 20.55 -50.66
N ASN F 109 5.01 20.01 -51.84
CA ASN F 109 3.66 20.06 -52.38
C ASN F 109 3.01 18.68 -52.35
N LEU F 110 1.72 18.65 -52.72
CA LEU F 110 0.89 17.47 -52.44
C LEU F 110 1.37 16.23 -53.18
N SER F 111 1.71 16.36 -54.47
CA SER F 111 2.14 15.19 -55.22
C SER F 111 3.39 14.55 -54.65
N GLU F 112 4.25 15.33 -54.01
CA GLU F 112 5.43 14.81 -53.33
C GLU F 112 5.14 14.36 -51.90
N ILE F 113 3.99 14.72 -51.35
CA ILE F 113 3.64 14.40 -49.96
C ILE F 113 2.75 13.16 -49.89
N TRP F 114 1.59 13.20 -50.55
CA TRP F 114 0.68 12.06 -50.52
C TRP F 114 1.17 10.90 -51.38
N ASP F 115 2.23 11.08 -52.15
CA ASP F 115 2.94 10.01 -52.82
C ASP F 115 4.44 10.23 -52.62
N ASN F 116 5.20 9.14 -52.75
CA ASN F 116 6.66 9.14 -52.64
C ASN F 116 7.15 9.45 -51.22
N MET F 117 6.36 9.16 -50.19
CA MET F 117 6.82 9.37 -48.82
C MET F 117 5.89 8.64 -47.87
N THR F 118 6.49 8.08 -46.82
CA THR F 118 5.76 7.38 -45.77
C THR F 118 5.49 8.32 -44.60
N TRP F 119 4.54 7.92 -43.75
CA TRP F 119 4.13 8.78 -42.65
C TRP F 119 5.27 9.03 -41.66
N LEU F 120 6.13 8.04 -41.43
CA LEU F 120 7.25 8.24 -40.51
C LEU F 120 8.19 9.33 -41.00
N GLN F 121 8.50 9.32 -42.30
CA GLN F 121 9.39 10.35 -42.85
C GLN F 121 8.75 11.73 -42.72
N TRP F 122 7.46 11.83 -43.01
CA TRP F 122 6.79 13.12 -42.87
C TRP F 122 6.80 13.59 -41.42
N ASP F 123 6.52 12.68 -40.49
CA ASP F 123 6.49 13.07 -39.07
C ASP F 123 7.86 13.53 -38.62
N LYS F 124 8.91 12.89 -39.12
CA LYS F 124 10.26 13.33 -38.77
C LYS F 124 10.60 14.65 -39.46
N GLU F 125 9.94 14.95 -40.59
CA GLU F 125 10.27 16.17 -41.32
C GLU F 125 9.71 17.42 -40.64
N ILE F 126 8.51 17.32 -40.07
CA ILE F 126 7.84 18.46 -39.45
C ILE F 126 7.72 18.29 -37.94
N SER F 127 8.68 17.58 -37.33
CA SER F 127 8.55 17.23 -35.91
C SER F 127 8.55 18.47 -35.02
N ASN F 128 9.30 19.50 -35.41
CA ASN F 128 9.54 20.65 -34.53
C ASN F 128 8.66 21.87 -34.84
N TYR F 129 7.64 21.72 -35.69
CA TYR F 129 6.58 22.71 -35.84
C TYR F 129 5.26 22.23 -35.22
N THR F 130 5.27 21.09 -34.55
CA THR F 130 4.03 20.46 -34.12
C THR F 130 3.32 21.29 -33.06
N GLN F 131 4.07 21.84 -32.10
CA GLN F 131 3.46 22.63 -31.05
C GLN F 131 2.98 23.99 -31.53
N ILE F 132 3.54 24.50 -32.63
CA ILE F 132 2.98 25.69 -33.26
C ILE F 132 1.66 25.35 -33.93
N ILE F 133 1.63 24.21 -34.63
CA ILE F 133 0.42 23.81 -35.34
C ILE F 133 -0.71 23.56 -34.34
N TYR F 134 -0.40 22.90 -33.22
CA TYR F 134 -1.42 22.62 -32.22
C TYR F 134 -1.98 23.90 -31.62
N GLY F 135 -1.12 24.86 -31.33
CA GLY F 135 -1.60 26.14 -30.82
C GLY F 135 -2.51 26.84 -31.79
N LEU F 136 -2.13 26.84 -33.08
CA LEU F 136 -3.00 27.45 -34.08
C LEU F 136 -4.34 26.74 -34.16
N LEU F 137 -4.34 25.40 -34.09
CA LEU F 137 -5.59 24.66 -34.15
C LEU F 137 -6.49 25.00 -32.97
N GLU F 138 -5.92 25.06 -31.76
CA GLU F 138 -6.73 25.38 -30.58
C GLU F 138 -7.31 26.79 -30.69
N GLU F 139 -6.49 27.74 -31.11
CA GLU F 139 -7.00 29.11 -31.24
C GLU F 139 -8.09 29.20 -32.29
N SER F 140 -7.92 28.51 -33.42
CA SER F 140 -8.93 28.53 -34.47
C SER F 140 -10.24 27.94 -33.98
N GLN F 141 -10.19 26.81 -33.27
CA GLN F 141 -11.43 26.22 -32.79
C GLN F 141 -12.10 27.11 -31.75
N ASN F 142 -11.32 27.76 -30.88
CA ASN F 142 -11.93 28.67 -29.92
C ASN F 142 -12.60 29.84 -30.63
N GLN F 143 -11.96 30.37 -31.67
CA GLN F 143 -12.58 31.43 -32.45
C GLN F 143 -13.88 30.96 -33.07
N GLN F 144 -13.90 29.74 -33.62
CA GLN F 144 -15.11 29.24 -34.25
C GLN F 144 -16.22 29.05 -33.23
N GLU F 145 -15.89 28.55 -32.04
CA GLU F 145 -16.92 28.39 -31.01
C GLU F 145 -17.49 29.73 -30.58
N LYS F 146 -16.64 30.74 -30.40
CA LYS F 146 -17.15 32.05 -30.03
C LYS F 146 -18.00 32.65 -31.14
N ASN F 147 -17.59 32.47 -32.40
CA ASN F 147 -18.39 32.96 -33.52
C ASN F 147 -19.74 32.26 -33.58
N GLU F 148 -19.77 30.95 -33.33
CA GLU F 148 -21.04 30.24 -33.35
C GLU F 148 -21.96 30.73 -32.23
N GLN F 149 -21.40 30.97 -31.04
CA GLN F 149 -22.19 31.53 -29.96
C GLN F 149 -22.77 32.88 -30.36
N ASP F 150 -21.95 33.74 -30.96
CA ASP F 150 -22.43 35.06 -31.37
C ASP F 150 -23.52 34.94 -32.42
N LEU F 151 -23.33 34.08 -33.41
CA LEU F 151 -24.31 33.97 -34.49
C LEU F 151 -25.63 33.41 -33.97
N LEU F 152 -25.58 32.37 -33.15
CA LEU F 152 -26.81 31.83 -32.58
C LEU F 152 -27.47 32.81 -31.62
N ALA F 153 -26.70 33.74 -31.04
CA ALA F 153 -27.32 34.81 -30.27
C ALA F 153 -28.07 35.77 -31.18
N LEU F 154 -27.45 36.16 -32.30
CA LEU F 154 -28.05 37.11 -33.23
C LEU F 154 -29.01 36.39 -34.18
N ASN G 38 -35.35 37.20 -20.60
CA ASN G 38 -35.04 36.31 -21.72
C ASN G 38 -33.55 36.00 -21.76
N LEU G 39 -33.09 35.19 -20.80
CA LEU G 39 -31.72 34.73 -20.72
C LEU G 39 -31.69 33.23 -20.54
N TRP G 40 -30.66 32.59 -21.08
CA TRP G 40 -30.55 31.14 -21.14
C TRP G 40 -29.21 30.68 -20.59
N VAL G 41 -29.21 29.47 -20.03
CA VAL G 41 -28.03 28.93 -19.37
C VAL G 41 -27.00 28.54 -20.40
N THR G 42 -25.74 28.93 -20.15
CA THR G 42 -24.58 28.46 -20.90
C THR G 42 -23.77 27.54 -20.00
N VAL G 43 -23.05 26.61 -20.61
CA VAL G 43 -22.12 25.73 -19.90
C VAL G 43 -20.72 25.98 -20.44
N TYR G 44 -19.83 26.44 -19.58
CA TYR G 44 -18.44 26.72 -19.92
C TYR G 44 -17.55 25.66 -19.31
N TYR G 45 -16.64 25.11 -20.13
CA TYR G 45 -15.61 24.19 -19.68
C TYR G 45 -14.27 24.88 -19.89
N GLY G 46 -13.40 24.77 -18.89
CA GLY G 46 -12.17 25.52 -18.85
C GLY G 46 -12.24 26.83 -18.09
N VAL G 47 -13.26 27.01 -17.27
CA VAL G 47 -13.41 28.27 -16.51
C VAL G 47 -12.25 28.38 -15.52
N PRO G 48 -11.63 29.57 -15.34
CA PRO G 48 -10.58 29.67 -14.31
C PRO G 48 -11.17 29.91 -12.92
N VAL G 49 -11.58 28.82 -12.27
CA VAL G 49 -12.08 28.86 -10.90
C VAL G 49 -11.42 27.76 -10.09
N TRP G 50 -11.49 27.90 -8.77
CA TRP G 50 -10.90 26.93 -7.87
C TRP G 50 -11.63 26.98 -6.54
N LYS G 51 -11.42 25.92 -5.75
CA LYS G 51 -11.92 25.85 -4.38
C LYS G 51 -10.85 25.26 -3.48
N ASP G 52 -10.87 25.66 -2.22
CA ASP G 52 -9.94 25.10 -1.25
C ASP G 52 -10.17 23.60 -1.13
N ALA G 53 -9.07 22.85 -1.06
CA ALA G 53 -9.16 21.40 -1.08
C ALA G 53 -7.95 20.78 -0.41
N GLU G 54 -8.09 19.50 -0.10
CA GLU G 54 -7.03 18.69 0.49
C GLU G 54 -6.63 17.63 -0.54
N THR G 55 -5.33 17.46 -0.73
CA THR G 55 -4.82 16.42 -1.62
C THR G 55 -3.41 16.05 -1.18
N THR G 56 -2.87 15.01 -1.82
CA THR G 56 -1.55 14.49 -1.50
C THR G 56 -0.54 15.04 -2.49
N LEU G 57 0.44 15.78 -1.98
CA LEU G 57 1.47 16.39 -2.81
C LEU G 57 2.67 15.45 -2.89
N PHE G 58 3.30 15.40 -4.06
CA PHE G 58 4.45 14.55 -4.30
C PHE G 58 5.73 15.39 -4.29
N CYS G 59 6.76 14.83 -3.67
CA CYS G 59 8.02 15.53 -3.48
C CYS G 59 8.78 15.64 -4.79
N ALA G 60 9.67 16.62 -4.87
CA ALA G 60 10.57 16.77 -6.00
C ALA G 60 11.75 17.63 -5.57
N SER G 61 12.93 17.28 -6.08
CA SER G 61 14.17 17.94 -5.70
C SER G 61 14.97 18.28 -6.96
N ASP G 62 16.03 19.05 -6.77
CA ASP G 62 16.93 19.39 -7.87
C ASP G 62 17.78 18.17 -8.18
N ALA G 63 17.68 17.68 -9.41
CA ALA G 63 18.40 16.46 -9.78
C ALA G 63 19.91 16.67 -9.86
N LYS G 64 20.36 17.93 -9.97
CA LYS G 64 21.79 18.19 -10.10
C LYS G 64 22.56 17.73 -8.87
N ALA G 65 21.93 17.76 -7.70
CA ALA G 65 22.54 17.29 -6.46
C ALA G 65 22.28 15.82 -6.19
N TYR G 66 21.73 15.07 -7.15
CA TYR G 66 21.42 13.67 -6.92
C TYR G 66 22.70 12.86 -6.73
N GLU G 67 23.66 13.00 -7.65
CA GLU G 67 24.86 12.18 -7.60
C GLU G 67 25.71 12.51 -6.37
N THR G 68 25.86 13.80 -6.06
CA THR G 68 26.60 14.19 -4.87
C THR G 68 25.92 13.69 -3.60
N LYS G 69 24.59 13.65 -3.61
CA LYS G 69 23.79 13.24 -2.47
C LYS G 69 23.03 11.95 -2.76
N LYS G 70 23.67 10.98 -3.42
CA LYS G 70 22.99 9.76 -3.85
C LYS G 70 22.44 8.95 -2.68
N HIS G 71 23.16 8.91 -1.55
CA HIS G 71 22.74 8.15 -0.38
C HIS G 71 21.78 8.91 0.51
N ASN G 72 21.52 10.18 0.22
CA ASN G 72 20.65 10.99 1.07
C ASN G 72 19.23 10.42 1.07
N VAL G 73 18.56 10.56 2.21
CA VAL G 73 17.19 10.07 2.32
C VAL G 73 16.28 10.83 1.36
N TRP G 74 16.36 12.15 1.38
CA TRP G 74 15.46 12.96 0.56
C TRP G 74 15.78 12.86 -0.93
N ALA G 75 17.07 12.79 -1.28
CA ALA G 75 17.42 12.59 -2.68
C ALA G 75 16.93 11.23 -3.17
N THR G 76 17.01 10.21 -2.33
CA THR G 76 16.50 8.89 -2.70
C THR G 76 15.00 8.93 -2.91
N HIS G 77 14.26 9.48 -1.95
CA HIS G 77 12.81 9.50 -2.05
C HIS G 77 12.34 10.47 -3.13
N CYS G 78 12.88 11.68 -3.13
CA CYS G 78 12.44 12.73 -4.05
C CYS G 78 13.21 12.63 -5.38
N CYS G 79 13.04 11.48 -6.04
CA CYS G 79 13.74 11.22 -7.29
C CYS G 79 13.14 11.98 -8.47
N VAL G 80 11.93 12.50 -8.33
CA VAL G 80 11.30 13.20 -9.46
C VAL G 80 12.05 14.50 -9.73
N PRO G 81 12.62 14.72 -10.91
CA PRO G 81 13.32 15.98 -11.13
C PRO G 81 12.36 17.15 -11.25
N THR G 82 12.82 18.31 -10.80
CA THR G 82 12.05 19.53 -10.89
C THR G 82 12.32 20.24 -12.21
N ASP G 83 11.55 21.28 -12.47
CA ASP G 83 11.83 22.14 -13.61
C ASP G 83 13.16 22.83 -13.37
N PRO G 84 14.14 22.77 -14.29
CA PRO G 84 15.37 23.54 -14.08
C PRO G 84 15.16 25.03 -13.95
N ASN G 85 14.14 25.59 -14.62
CA ASN G 85 13.80 27.00 -14.51
C ASN G 85 12.30 27.12 -14.28
N PRO G 86 11.84 26.93 -13.04
CA PRO G 86 10.40 27.03 -12.77
C PRO G 86 9.86 28.42 -13.09
N GLN G 87 8.62 28.45 -13.57
CA GLN G 87 7.93 29.67 -13.91
C GLN G 87 6.61 29.77 -13.16
N GLU G 88 6.35 30.97 -12.65
CA GLU G 88 5.15 31.26 -11.87
C GLU G 88 4.29 32.25 -12.62
N ILE G 89 2.98 32.04 -12.53
CA ILE G 89 2.00 32.83 -13.25
C ILE G 89 1.42 33.83 -12.27
N HIS G 90 1.64 35.12 -12.52
CA HIS G 90 1.05 36.13 -11.66
C HIS G 90 -0.43 36.31 -11.99
N LEU G 91 -1.25 36.42 -10.96
CA LEU G 91 -2.70 36.56 -11.09
C LEU G 91 -3.07 38.01 -10.83
N GLU G 92 -3.11 38.81 -11.88
CA GLU G 92 -3.44 40.22 -11.73
C GLU G 92 -4.88 40.38 -11.26
N ASN G 93 -5.07 41.30 -10.30
CA ASN G 93 -6.39 41.57 -9.74
C ASN G 93 -7.03 40.32 -9.15
N VAL G 94 -6.30 39.64 -8.27
CA VAL G 94 -6.78 38.43 -7.61
C VAL G 94 -6.47 38.52 -6.13
N THR G 95 -7.52 38.59 -5.31
CA THR G 95 -7.40 38.61 -3.86
C THR G 95 -7.83 37.27 -3.30
N GLU G 96 -6.95 36.63 -2.55
CA GLU G 96 -7.16 35.29 -2.02
C GLU G 96 -6.90 35.30 -0.52
N GLU G 97 -7.60 34.42 0.19
CA GLU G 97 -7.51 34.30 1.64
C GLU G 97 -6.65 33.09 1.97
N PHE G 98 -5.75 33.26 2.94
CA PHE G 98 -4.82 32.24 3.37
C PHE G 98 -4.96 32.03 4.87
N ASN G 99 -4.51 30.86 5.34
CA ASN G 99 -4.47 30.59 6.77
C ASN G 99 -3.39 29.54 7.01
N MET G 100 -2.23 29.98 7.51
CA MET G 100 -1.13 29.06 7.73
C MET G 100 -1.40 28.08 8.86
N TRP G 101 -2.30 28.41 9.80
CA TRP G 101 -2.59 27.54 10.92
C TRP G 101 -3.73 26.57 10.66
N LYS G 102 -4.27 26.55 9.44
CA LYS G 102 -5.20 25.51 9.00
C LYS G 102 -4.72 24.85 7.71
N ASN G 103 -3.41 24.87 7.47
CA ASN G 103 -2.85 24.40 6.21
C ASN G 103 -2.64 22.90 6.28
N ASN G 104 -3.24 22.16 5.34
CA ASN G 104 -3.02 20.72 5.28
C ASN G 104 -1.67 20.36 4.70
N MET G 105 -1.01 21.30 4.01
CA MET G 105 0.33 21.02 3.53
C MET G 105 1.31 20.79 4.66
N VAL G 106 1.14 21.47 5.79
CA VAL G 106 2.00 21.24 6.95
C VAL G 106 1.81 19.82 7.46
N GLU G 107 0.56 19.37 7.57
CA GLU G 107 0.31 18.01 8.03
C GLU G 107 0.88 16.99 7.05
N GLN G 108 0.72 17.24 5.75
CA GLN G 108 1.26 16.34 4.75
C GLN G 108 2.77 16.26 4.85
N MET G 109 3.43 17.40 5.01
CA MET G 109 4.88 17.39 5.15
C MET G 109 5.31 16.65 6.41
N HIS G 110 4.61 16.86 7.51
CA HIS G 110 4.97 16.19 8.76
C HIS G 110 4.85 14.68 8.61
N THR G 111 3.73 14.22 8.04
CA THR G 111 3.54 12.79 7.85
C THR G 111 4.59 12.22 6.90
N ASP G 112 4.90 12.93 5.82
CA ASP G 112 5.90 12.45 4.88
C ASP G 112 7.28 12.37 5.55
N ILE G 113 7.63 13.35 6.38
CA ILE G 113 8.93 13.33 7.02
C ILE G 113 9.03 12.17 8.00
N ILE G 114 7.99 11.95 8.81
CA ILE G 114 8.03 10.83 9.74
C ILE G 114 8.10 9.51 8.99
N SER G 115 7.33 9.39 7.90
CA SER G 115 7.38 8.17 7.10
C SER G 115 8.77 7.96 6.50
N LEU G 116 9.41 9.03 6.04
CA LEU G 116 10.75 8.91 5.47
C LEU G 116 11.74 8.42 6.51
N TRP G 117 11.70 8.99 7.71
CA TRP G 117 12.64 8.55 8.74
C TRP G 117 12.38 7.10 9.14
N ASP G 118 11.12 6.72 9.30
CA ASP G 118 10.81 5.35 9.68
C ASP G 118 11.25 4.37 8.60
N GLN G 119 11.04 4.70 7.32
CA GLN G 119 11.50 3.82 6.26
C GLN G 119 13.01 3.73 6.22
N SER G 120 13.71 4.85 6.38
CA SER G 120 15.17 4.82 6.33
C SER G 120 15.76 4.02 7.47
N LEU G 121 15.12 4.02 8.64
CA LEU G 121 15.58 3.21 9.76
C LEU G 121 15.00 1.80 9.76
N LYS G 122 14.05 1.49 8.88
CA LYS G 122 13.44 0.16 8.84
C LYS G 122 14.41 -0.97 8.52
N PRO G 123 15.22 -0.91 7.46
CA PRO G 123 16.11 -2.04 7.16
C PRO G 123 17.40 -2.09 7.96
N CYS G 124 17.70 -1.06 8.75
CA CYS G 124 18.98 -0.99 9.45
C CYS G 124 18.95 -1.90 10.69
N VAL G 125 20.15 -2.20 11.19
CA VAL G 125 20.31 -3.20 12.22
C VAL G 125 19.62 -2.78 13.51
N LYS G 126 19.01 -3.74 14.19
CA LYS G 126 18.47 -3.52 15.52
C LYS G 126 19.56 -3.70 16.57
N LEU G 127 19.50 -2.88 17.62
CA LEU G 127 20.48 -2.92 18.70
C LEU G 127 19.91 -3.54 19.98
N THR G 128 18.92 -4.42 19.84
CA THR G 128 18.47 -5.17 21.00
C THR G 128 19.56 -6.03 21.65
N PRO G 129 20.57 -6.55 20.93
CA PRO G 129 21.65 -7.26 21.64
C PRO G 129 22.41 -6.40 22.62
N LEU G 130 22.46 -5.09 22.44
CA LEU G 130 23.25 -4.21 23.31
C LEU G 130 22.73 -4.17 24.74
N CYS G 131 21.46 -4.48 24.98
CA CYS G 131 20.88 -4.25 26.29
C CYS G 131 21.42 -5.30 27.26
N VAL G 132 22.63 -5.05 27.76
CA VAL G 132 23.30 -5.91 28.71
C VAL G 132 23.95 -5.04 29.77
N THR G 133 24.23 -5.65 30.92
CA THR G 133 24.85 -4.93 32.01
C THR G 133 26.25 -4.47 31.61
N LEU G 134 26.52 -3.19 31.79
CA LEU G 134 27.75 -2.57 31.32
C LEU G 134 28.67 -2.24 32.49
N GLN G 135 29.95 -2.58 32.35
CA GLN G 135 30.96 -2.29 33.36
C GLN G 135 31.65 -0.99 32.94
N CYS G 136 31.20 0.13 33.51
CA CYS G 136 31.64 1.46 33.09
C CYS G 136 32.45 2.15 34.17
N THR G 137 33.42 2.94 33.72
CA THR G 137 34.27 3.75 34.59
C THR G 137 34.44 5.12 33.95
N ASN G 138 34.76 6.11 34.80
CA ASN G 138 34.92 7.48 34.30
C ASN G 138 36.09 7.55 33.33
N VAL G 139 35.97 8.44 32.33
CA VAL G 139 37.04 8.61 31.36
C VAL G 139 38.29 9.16 32.04
N THR G 140 38.17 10.37 32.61
CA THR G 140 39.22 11.09 33.35
C THR G 140 40.60 10.96 32.68
N ASN G 141 40.64 11.31 31.40
CA ASN G 141 41.88 11.29 30.61
C ASN G 141 42.00 12.64 29.91
N ASN G 142 42.71 13.57 30.56
CA ASN G 142 42.93 14.92 30.01
C ASN G 142 41.62 15.63 29.71
N ILE G 143 40.63 15.44 30.58
CA ILE G 143 39.33 16.07 30.42
C ILE G 143 39.37 17.45 31.07
N THR G 144 38.57 18.37 30.54
CA THR G 144 38.39 19.68 31.14
C THR G 144 37.36 19.61 32.26
N ASP G 145 37.20 20.73 32.97
CA ASP G 145 36.31 20.75 34.12
C ASP G 145 34.86 20.53 33.69
N ASP G 146 34.46 21.09 32.54
CA ASP G 146 33.08 21.01 32.10
C ASP G 146 32.64 19.58 31.79
N MET G 147 33.54 18.74 31.30
CA MET G 147 33.20 17.39 30.86
C MET G 147 33.43 16.34 31.93
N ARG G 148 33.63 16.73 33.18
CA ARG G 148 33.82 15.76 34.25
C ARG G 148 32.53 15.00 34.47
N GLY G 149 32.59 13.68 34.30
CA GLY G 149 31.42 12.84 34.43
C GLY G 149 30.50 12.84 33.22
N GLU G 150 30.84 13.57 32.17
CA GLU G 150 29.98 13.60 30.98
C GLU G 150 30.10 12.33 30.16
N LEU G 151 31.30 11.77 30.05
CA LEU G 151 31.56 10.58 29.25
C LEU G 151 31.87 9.40 30.16
N LYS G 152 31.42 8.22 29.75
CA LYS G 152 31.68 6.97 30.44
C LYS G 152 32.34 5.99 29.48
N ASN G 153 33.24 5.18 30.02
CA ASN G 153 33.98 4.18 29.26
C ASN G 153 33.45 2.81 29.65
N CYS G 154 32.52 2.28 28.86
CA CYS G 154 31.79 1.07 29.19
C CYS G 154 32.37 -0.12 28.44
N SER G 155 32.39 -1.27 29.10
CA SER G 155 32.73 -2.55 28.49
C SER G 155 31.63 -3.56 28.78
N PHE G 156 31.42 -4.49 27.85
CA PHE G 156 30.30 -5.42 27.96
C PHE G 156 30.52 -6.60 27.02
N ASN G 157 29.70 -7.62 27.19
CA ASN G 157 29.75 -8.82 26.36
C ASN G 157 28.69 -8.72 25.26
N MET G 158 29.13 -8.77 24.00
CA MET G 158 28.27 -8.67 22.84
C MET G 158 28.38 -9.94 22.00
N THR G 159 27.29 -10.26 21.30
CA THR G 159 27.29 -11.41 20.40
C THR G 159 28.28 -11.20 19.26
N THR G 160 28.67 -12.31 18.64
CA THR G 160 29.67 -12.33 17.58
C THR G 160 29.01 -12.84 16.30
N GLU G 161 29.83 -13.07 15.28
CA GLU G 161 29.31 -13.65 14.04
C GLU G 161 28.66 -15.00 14.30
N LEU G 162 29.37 -15.87 15.00
CA LEU G 162 28.83 -17.16 15.39
C LEU G 162 27.85 -16.97 16.55
N ARG G 163 26.74 -17.70 16.49
CA ARG G 163 25.69 -17.50 17.49
C ARG G 163 26.17 -17.87 18.88
N ASP G 164 27.05 -18.86 18.99
CA ASP G 164 27.42 -19.44 20.28
C ASP G 164 28.74 -18.92 20.83
N LYS G 165 29.30 -17.85 20.26
CA LYS G 165 30.50 -17.22 20.77
C LYS G 165 30.19 -15.78 21.19
N LYS G 166 30.90 -15.33 22.22
CA LYS G 166 30.73 -14.00 22.78
C LYS G 166 32.07 -13.29 22.83
N GLN G 167 32.03 -11.97 22.67
CA GLN G 167 33.21 -11.13 22.68
C GLN G 167 33.03 -10.01 23.70
N LYS G 168 34.13 -9.65 24.36
CA LYS G 168 34.16 -8.50 25.26
C LYS G 168 34.72 -7.31 24.49
N VAL G 169 33.93 -6.24 24.39
CA VAL G 169 34.32 -5.02 23.69
C VAL G 169 34.13 -3.85 24.64
N TYR G 170 34.56 -2.67 24.18
CA TYR G 170 34.42 -1.45 24.96
C TYR G 170 34.06 -0.29 24.04
N SER G 171 33.35 0.67 24.59
CA SER G 171 32.87 1.82 23.85
C SER G 171 32.62 2.96 24.81
N LEU G 172 32.51 4.17 24.27
CA LEU G 172 32.26 5.37 25.04
C LEU G 172 30.83 5.85 24.82
N PHE G 173 30.12 6.09 25.93
CA PHE G 173 28.75 6.58 25.91
C PHE G 173 28.66 7.88 26.68
N TYR G 174 27.86 8.80 26.16
CA TYR G 174 27.61 10.05 26.88
C TYR G 174 26.71 9.78 28.07
N ARG G 175 26.84 10.64 29.09
CA ARG G 175 26.14 10.38 30.35
C ARG G 175 24.63 10.34 30.17
N LEU G 176 24.10 11.02 29.16
CA LEU G 176 22.67 10.99 28.90
C LEU G 176 22.20 9.68 28.27
N ASP G 177 23.11 8.77 27.96
CA ASP G 177 22.77 7.50 27.32
C ASP G 177 22.92 6.29 28.24
N VAL G 178 23.12 6.49 29.55
CA VAL G 178 23.30 5.39 30.48
C VAL G 178 22.65 5.74 31.81
N VAL G 179 22.16 4.69 32.48
CA VAL G 179 21.51 4.80 33.79
C VAL G 179 22.16 3.80 34.73
N GLN G 180 22.46 4.24 35.95
CA GLN G 180 23.09 3.38 36.93
C GLN G 180 22.08 2.36 37.47
N ILE G 181 22.59 1.19 37.83
CA ILE G 181 21.80 0.10 38.39
C ILE G 181 22.24 -0.12 39.82
N ASN G 182 21.37 0.18 40.78
CA ASN G 182 21.69 0.04 42.19
C ASN G 182 21.31 -1.34 42.72
N LYS G 194 29.01 0.79 39.29
CA LYS G 194 29.71 0.48 38.06
C LYS G 194 28.79 -0.11 37.00
N GLU G 195 27.72 -0.77 37.42
CA GLU G 195 26.82 -1.44 36.49
C GLU G 195 25.84 -0.43 35.91
N TYR G 196 25.79 -0.36 34.58
CA TYR G 196 24.93 0.58 33.87
C TYR G 196 24.18 -0.15 32.76
N ARG G 197 23.03 0.41 32.39
CA ARG G 197 22.27 -0.01 31.23
C ARG G 197 21.97 1.21 30.38
N LEU G 198 21.51 0.98 29.15
CA LEU G 198 21.08 2.09 28.32
C LEU G 198 19.81 2.70 28.89
N ILE G 199 19.42 3.86 28.35
CA ILE G 199 18.27 4.59 28.88
C ILE G 199 16.99 3.78 28.69
N ASN G 200 16.82 3.22 27.50
CA ASN G 200 15.66 2.41 27.16
C ASN G 200 16.13 1.01 26.83
N CYS G 201 16.93 0.45 27.73
CA CYS G 201 17.43 -0.92 27.58
C CYS G 201 16.29 -1.89 27.32
N ASN G 202 15.22 -1.80 28.12
CA ASN G 202 14.21 -2.84 28.22
C ASN G 202 12.80 -2.29 27.98
N THR G 203 12.68 -1.10 27.38
CA THR G 203 11.38 -0.46 27.19
C THR G 203 11.18 0.15 25.82
N SER G 204 12.19 0.26 24.97
CA SER G 204 12.04 0.82 23.63
C SER G 204 12.82 -0.01 22.62
N ALA G 205 12.37 0.07 21.36
CA ALA G 205 13.01 -0.64 20.25
C ALA G 205 14.08 0.27 19.65
N ILE G 206 15.29 0.14 20.17
CA ILE G 206 16.41 0.95 19.69
C ILE G 206 16.86 0.40 18.35
N THR G 207 16.97 1.27 17.35
CA THR G 207 17.40 0.91 16.01
C THR G 207 18.56 1.80 15.60
N GLN G 208 19.63 1.18 15.11
CA GLN G 208 20.78 1.93 14.65
C GLN G 208 20.51 2.49 13.27
N ALA G 209 20.82 3.78 13.09
CA ALA G 209 20.74 4.36 11.77
C ALA G 209 21.85 3.79 10.89
N CYS G 210 21.52 3.50 9.64
CA CYS G 210 22.54 3.03 8.71
C CYS G 210 23.57 4.14 8.51
N PRO G 211 24.87 3.89 8.71
CA PRO G 211 25.83 5.00 8.69
C PRO G 211 25.97 5.65 7.33
N LYS G 212 25.90 4.88 6.26
CA LYS G 212 26.03 5.42 4.91
C LYS G 212 24.91 6.37 4.54
N VAL G 213 23.73 6.22 5.14
CA VAL G 213 22.59 7.06 4.84
C VAL G 213 22.85 8.45 5.40
N SER G 214 22.76 9.45 4.53
CA SER G 214 23.00 10.84 4.92
C SER G 214 21.67 11.51 5.26
N PHE G 215 21.61 12.09 6.46
CA PHE G 215 20.43 12.81 6.92
C PHE G 215 20.56 14.32 6.73
N GLU G 216 21.50 14.77 5.92
CA GLU G 216 21.68 16.20 5.71
C GLU G 216 20.42 16.77 5.05
N PRO G 217 19.88 17.88 5.53
CA PRO G 217 18.78 18.51 4.81
C PRO G 217 19.22 18.97 3.42
N ILE G 218 18.35 18.75 2.44
CA ILE G 218 18.53 19.29 1.10
C ILE G 218 17.20 19.91 0.67
N PRO G 219 17.23 20.89 -0.23
CA PRO G 219 15.97 21.52 -0.64
C PRO G 219 15.09 20.53 -1.37
N ILE G 220 13.80 20.54 -1.01
CA ILE G 220 12.78 19.74 -1.68
C ILE G 220 11.64 20.65 -2.07
N HIS G 221 10.91 20.24 -3.10
CA HIS G 221 9.80 21.00 -3.65
C HIS G 221 8.54 20.14 -3.62
N TYR G 222 7.49 20.67 -3.01
CA TYR G 222 6.19 20.01 -2.99
C TYR G 222 5.37 20.51 -4.17
N CYS G 223 5.16 19.63 -5.14
CA CYS G 223 4.48 19.95 -6.38
C CYS G 223 3.07 19.38 -6.35
N ALA G 224 2.12 20.13 -6.87
CA ALA G 224 0.74 19.68 -6.85
C ALA G 224 0.51 18.62 -7.92
N PRO G 225 -0.31 17.61 -7.67
CA PRO G 225 -0.66 16.68 -8.74
C PRO G 225 -1.54 17.37 -9.76
N ALA G 226 -1.64 16.77 -10.94
CA ALA G 226 -2.40 17.36 -12.02
C ALA G 226 -3.87 17.48 -11.65
N GLY G 227 -4.48 18.59 -12.04
CA GLY G 227 -5.82 18.94 -11.62
C GLY G 227 -5.87 19.91 -10.46
N PHE G 228 -4.77 20.09 -9.74
CA PHE G 228 -4.67 21.01 -8.63
C PHE G 228 -3.63 22.09 -8.95
N ALA G 229 -3.60 23.12 -8.11
CA ALA G 229 -2.62 24.19 -8.24
C ALA G 229 -2.35 24.75 -6.86
N ILE G 230 -1.19 25.39 -6.73
CA ILE G 230 -0.74 25.97 -5.47
C ILE G 230 -0.64 27.48 -5.64
N LEU G 231 -1.34 28.21 -4.78
CA LEU G 231 -1.34 29.66 -4.80
C LEU G 231 -0.32 30.20 -3.82
N LYS G 232 0.60 31.02 -4.30
CA LYS G 232 1.65 31.61 -3.49
C LYS G 232 1.31 33.07 -3.21
N CYS G 233 1.30 33.43 -1.92
CA CYS G 233 1.06 34.82 -1.51
C CYS G 233 2.40 35.54 -1.43
N LYS G 234 2.51 36.67 -2.10
CA LYS G 234 3.76 37.43 -2.18
C LYS G 234 3.66 38.78 -1.49
N ASP G 235 2.64 39.02 -0.67
CA ASP G 235 2.57 40.26 0.07
C ASP G 235 3.72 40.35 1.07
N LYS G 236 4.40 41.49 1.08
CA LYS G 236 5.35 41.78 2.13
C LYS G 236 4.62 42.06 3.43
N LYS G 237 5.24 41.69 4.55
CA LYS G 237 4.63 41.84 5.87
C LYS G 237 3.34 41.05 5.98
N PHE G 238 3.27 39.90 5.33
CA PHE G 238 2.11 39.03 5.48
C PHE G 238 2.17 38.35 6.83
N ASN G 239 1.21 38.67 7.70
CA ASN G 239 1.22 38.23 9.09
C ASN G 239 0.68 36.82 9.27
N GLY G 240 0.61 36.02 8.21
CA GLY G 240 0.32 34.60 8.31
C GLY G 240 -1.10 34.19 7.99
N THR G 241 -2.04 35.13 7.94
CA THR G 241 -3.44 34.79 7.70
C THR G 241 -4.16 36.00 7.14
N GLY G 242 -5.36 35.76 6.63
CA GLY G 242 -6.20 36.81 6.11
C GLY G 242 -6.03 37.01 4.62
N PRO G 243 -6.68 38.02 4.06
CA PRO G 243 -6.57 38.26 2.61
C PRO G 243 -5.15 38.58 2.20
N CYS G 244 -4.81 38.15 0.99
CA CYS G 244 -3.53 38.48 0.35
C CYS G 244 -3.82 38.93 -1.07
N THR G 245 -3.13 39.99 -1.50
CA THR G 245 -3.46 40.67 -2.76
C THR G 245 -2.46 40.46 -3.87
N ASN G 246 -1.22 40.09 -3.56
CA ASN G 246 -0.19 39.84 -4.57
C ASN G 246 -0.02 38.32 -4.64
N VAL G 247 -0.86 37.67 -5.45
CA VAL G 247 -1.01 36.23 -5.47
C VAL G 247 -0.57 35.72 -6.83
N SER G 248 0.19 34.62 -6.83
CA SER G 248 0.62 33.97 -8.06
C SER G 248 0.50 32.46 -7.90
N THR G 249 0.28 31.78 -9.02
CA THR G 249 0.12 30.34 -9.07
C THR G 249 1.46 29.68 -9.40
N VAL G 250 1.73 28.54 -8.78
CA VAL G 250 2.94 27.78 -9.02
C VAL G 250 2.62 26.31 -8.98
N GLN G 251 3.28 25.55 -9.85
CA GLN G 251 3.14 24.09 -9.85
C GLN G 251 4.03 23.43 -8.82
N CYS G 252 5.06 24.13 -8.32
CA CYS G 252 5.95 23.59 -7.30
C CYS G 252 6.36 24.70 -6.35
N THR G 253 6.37 24.37 -5.07
CA THR G 253 6.81 25.32 -4.05
C THR G 253 8.30 25.56 -4.19
N HIS G 254 8.76 26.67 -3.62
CA HIS G 254 10.19 26.95 -3.57
C HIS G 254 10.89 25.89 -2.73
N GLY G 255 12.20 25.85 -2.86
CA GLY G 255 12.97 24.83 -2.14
C GLY G 255 12.84 25.03 -0.64
N ILE G 256 12.39 23.98 0.05
CA ILE G 256 12.23 23.98 1.50
C ILE G 256 13.16 22.94 2.07
N LYS G 257 14.12 23.38 2.86
CA LYS G 257 15.00 22.43 3.53
C LYS G 257 14.26 21.79 4.71
N PRO G 258 14.14 20.45 4.78
CA PRO G 258 13.42 19.89 5.94
C PRO G 258 14.29 19.83 7.19
N VAL G 259 14.59 21.01 7.73
CA VAL G 259 15.50 21.12 8.86
C VAL G 259 14.74 20.84 10.15
N VAL G 260 15.41 20.21 11.11
CA VAL G 260 14.82 19.81 12.39
C VAL G 260 15.51 20.61 13.49
N SER G 261 14.74 21.38 14.23
CA SER G 261 15.24 22.08 15.40
C SER G 261 14.05 22.49 16.26
N THR G 262 14.33 22.93 17.49
CA THR G 262 13.31 23.09 18.51
C THR G 262 13.04 24.54 18.88
N GLN G 263 14.08 25.26 19.33
CA GLN G 263 13.87 26.60 19.86
C GLN G 263 14.15 27.68 18.82
N LEU G 264 15.08 27.43 17.91
CA LEU G 264 15.45 28.39 16.88
C LEU G 264 15.54 27.68 15.55
N LEU G 265 14.79 28.17 14.57
CA LEU G 265 14.80 27.60 13.23
C LEU G 265 16.14 27.88 12.58
N LEU G 266 16.58 26.96 11.73
CA LEU G 266 17.87 27.05 11.07
C LEU G 266 17.71 26.90 9.56
N ASN G 267 18.52 27.66 8.83
CA ASN G 267 18.61 27.55 7.38
C ASN G 267 17.27 27.78 6.69
N GLY G 268 16.45 28.67 7.26
CA GLY G 268 15.20 29.03 6.68
C GLY G 268 15.33 30.16 5.67
N SER G 269 14.21 30.77 5.33
CA SER G 269 14.15 31.88 4.40
C SER G 269 13.83 33.17 5.14
N LEU G 270 14.64 34.18 4.88
CA LEU G 270 14.54 35.47 5.58
C LEU G 270 13.31 36.23 5.11
N ALA G 271 12.67 36.92 6.05
CA ALA G 271 11.50 37.70 5.73
C ALA G 271 11.88 38.98 5.00
N GLU G 272 10.91 39.51 4.25
CA GLU G 272 11.08 40.80 3.59
C GLU G 272 10.75 41.93 4.57
N GLU G 273 11.32 43.10 4.31
CA GLU G 273 11.09 44.31 5.11
C GLU G 273 11.57 43.99 6.54
N GLU G 274 10.74 44.20 7.57
CA GLU G 274 11.18 44.05 8.94
C GLU G 274 10.87 42.64 9.46
N VAL G 275 11.24 42.40 10.72
CA VAL G 275 10.93 41.14 11.36
C VAL G 275 9.42 40.98 11.45
N ILE G 276 8.92 39.81 11.07
CA ILE G 276 7.49 39.53 11.02
C ILE G 276 7.16 38.62 12.18
N ILE G 277 6.07 38.96 12.89
CA ILE G 277 5.59 38.18 14.02
C ILE G 277 4.27 37.53 13.62
N ARG G 278 4.17 36.22 13.80
CA ARG G 278 3.01 35.44 13.43
C ARG G 278 2.52 34.64 14.63
N SER G 279 1.20 34.55 14.79
CA SER G 279 0.61 33.74 15.82
C SER G 279 -0.88 33.63 15.54
N GLU G 280 -1.45 32.45 15.82
CA GLU G 280 -2.88 32.27 15.59
C GLU G 280 -3.70 33.20 16.46
N ASN G 281 -3.18 33.54 17.64
CA ASN G 281 -3.82 34.51 18.52
C ASN G 281 -2.72 35.08 19.40
N ILE G 282 -2.25 36.29 19.07
CA ILE G 282 -1.14 36.88 19.81
C ILE G 282 -1.52 37.11 21.26
N THR G 283 -2.79 37.44 21.53
CA THR G 283 -3.22 37.68 22.90
C THR G 283 -3.37 36.39 23.70
N ASN G 284 -3.68 35.27 23.05
CA ASN G 284 -3.78 33.99 23.73
C ASN G 284 -2.37 33.48 23.99
N ASN G 285 -1.96 33.44 25.27
CA ASN G 285 -0.60 33.06 25.61
C ASN G 285 -0.33 31.58 25.42
N ALA G 286 -1.35 30.76 25.16
CA ALA G 286 -1.13 29.33 24.94
C ALA G 286 -0.63 29.01 23.53
N LYS G 287 -0.63 29.97 22.61
CA LYS G 287 -0.24 29.74 21.23
C LYS G 287 1.18 30.24 20.99
N ASN G 288 1.97 29.41 20.32
CA ASN G 288 3.34 29.77 19.98
C ASN G 288 3.37 30.95 19.03
N ILE G 289 4.41 31.76 19.14
CA ILE G 289 4.60 32.95 18.33
C ILE G 289 5.78 32.70 17.41
N LEU G 290 5.50 32.48 16.13
CA LEU G 290 6.54 32.22 15.15
C LEU G 290 7.06 33.55 14.63
N VAL G 291 8.31 33.86 14.95
CA VAL G 291 8.98 35.09 14.53
C VAL G 291 9.93 34.72 13.41
N GLN G 292 9.85 35.44 12.30
CA GLN G 292 10.75 35.26 11.17
C GLN G 292 11.61 36.50 11.00
N LEU G 293 12.92 36.30 10.93
CA LEU G 293 13.87 37.41 10.85
C LEU G 293 14.04 37.85 9.40
N ASN G 294 14.42 39.13 9.24
CA ASN G 294 14.87 39.66 7.96
C ASN G 294 16.39 39.77 7.91
N GLU G 295 17.10 39.09 8.80
CA GLU G 295 18.55 39.09 8.82
C GLU G 295 19.03 37.78 9.42
N SER G 296 19.95 37.13 8.73
CA SER G 296 20.49 35.87 9.22
C SER G 296 21.53 36.14 10.31
N VAL G 297 21.36 35.46 11.45
CA VAL G 297 22.30 35.51 12.56
C VAL G 297 23.15 34.25 12.47
N GLN G 298 24.43 34.42 12.17
CA GLN G 298 25.30 33.27 11.93
C GLN G 298 25.59 32.56 13.24
N ILE G 299 25.69 31.23 13.17
CA ILE G 299 26.00 30.39 14.31
C ILE G 299 27.10 29.43 13.91
N ASN G 300 28.17 29.37 14.71
CA ASN G 300 29.28 28.45 14.49
C ASN G 300 29.29 27.44 15.63
N CYS G 301 28.78 26.25 15.37
CA CYS G 301 28.76 25.16 16.34
C CYS G 301 29.90 24.20 16.02
N THR G 302 30.41 23.54 17.05
CA THR G 302 31.52 22.62 16.87
C THR G 302 31.48 21.56 17.96
N ARG G 303 32.19 20.45 17.70
CA ARG G 303 32.31 19.32 18.60
C ARG G 303 33.79 18.99 18.70
N PRO G 304 34.57 19.78 19.44
CA PRO G 304 36.04 19.63 19.37
C PRO G 304 36.53 18.33 19.99
N ASN G 305 36.29 17.23 19.30
CA ASN G 305 36.82 15.92 19.67
C ASN G 305 37.14 15.16 18.39
N ASN G 306 38.28 14.49 18.38
CA ASN G 306 38.75 13.73 17.22
C ASN G 306 38.36 12.26 17.36
N ASN G 307 37.04 12.02 17.29
CA ASN G 307 36.52 10.68 17.52
C ASN G 307 36.94 9.72 16.41
N THR G 308 36.97 8.43 16.75
CA THR G 308 37.18 7.35 15.80
C THR G 308 36.04 6.36 15.93
N ARG G 309 35.47 5.96 14.80
CA ARG G 309 34.29 5.10 14.78
C ARG G 309 34.75 3.65 14.76
N LYS G 310 34.68 2.98 15.90
CA LYS G 310 35.03 1.57 16.00
C LYS G 310 33.88 0.73 15.46
N SER G 311 34.21 -0.18 14.54
CA SER G 311 33.22 -1.04 13.90
C SER G 311 33.29 -2.43 14.54
N ILE G 312 32.16 -2.91 15.04
CA ILE G 312 32.06 -4.19 15.73
C ILE G 312 30.98 -5.02 15.05
N ARG G 313 31.25 -6.30 14.84
CA ARG G 313 30.24 -7.20 14.30
C ARG G 313 29.31 -7.68 15.40
N ILE G 314 28.00 -7.51 15.18
CA ILE G 314 26.99 -8.10 16.04
C ILE G 314 26.70 -9.54 15.63
N GLY G 315 26.43 -9.75 14.35
CA GLY G 315 26.07 -11.04 13.82
C GLY G 315 26.32 -11.09 12.34
N PRO G 316 25.65 -11.99 11.61
CA PRO G 316 25.83 -12.03 10.16
C PRO G 316 25.40 -10.72 9.51
N GLY G 317 26.37 -10.03 8.91
CA GLY G 317 26.10 -8.80 8.20
C GLY G 317 25.54 -7.67 9.04
N GLN G 318 25.69 -7.74 10.36
CA GLN G 318 25.16 -6.75 11.28
C GLN G 318 26.32 -6.12 12.05
N TRP G 319 26.51 -4.82 11.88
CA TRP G 319 27.64 -4.10 12.45
C TRP G 319 27.14 -3.11 13.49
N PHE G 320 27.91 -2.97 14.56
CA PHE G 320 27.72 -1.92 15.55
C PHE G 320 28.84 -0.91 15.41
N TYR G 321 28.48 0.37 15.34
CA TYR G 321 29.44 1.46 15.16
C TYR G 321 29.57 2.21 16.48
N ALA G 322 30.61 1.89 17.23
CA ALA G 322 30.83 2.42 18.56
C ALA G 322 31.79 3.60 18.52
N THR G 323 31.73 4.42 19.56
CA THR G 323 32.65 5.55 19.70
C THR G 323 33.93 5.07 20.37
N GLY G 324 35.02 5.05 19.61
CA GLY G 324 36.29 4.57 20.10
C GLY G 324 36.95 5.58 21.02
N ASP G 325 38.26 5.41 21.19
CA ASP G 325 39.01 6.33 22.04
C ASP G 325 38.98 7.73 21.46
N ILE G 326 38.93 8.73 22.34
CA ILE G 326 38.98 10.12 21.92
C ILE G 326 40.43 10.54 21.76
N ILE G 327 40.82 10.85 20.53
CA ILE G 327 42.17 11.31 20.23
C ILE G 327 42.24 12.79 20.57
N GLY G 328 43.28 13.18 21.27
CA GLY G 328 43.42 14.56 21.70
C GLY G 328 42.63 14.84 22.97
N ASP G 329 42.61 16.12 23.32
CA ASP G 329 41.95 16.54 24.55
C ASP G 329 40.44 16.59 24.38
N ILE G 330 39.73 16.37 25.48
CA ILE G 330 38.27 16.30 25.50
C ILE G 330 37.75 17.65 25.96
N ARG G 331 36.99 18.32 25.08
CA ARG G 331 36.41 19.62 25.35
C ARG G 331 34.94 19.61 24.97
N GLN G 332 34.16 20.42 25.67
CA GLN G 332 32.71 20.42 25.51
C GLN G 332 32.32 20.97 24.15
N ALA G 333 31.21 20.45 23.63
CA ALA G 333 30.65 21.00 22.40
C ALA G 333 29.88 22.27 22.71
N HIS G 334 30.09 23.29 21.86
CA HIS G 334 29.54 24.61 22.12
C HIS G 334 29.24 25.30 20.80
N CYS G 335 28.41 26.35 20.90
CA CYS G 335 28.00 27.16 19.75
C CYS G 335 28.24 28.63 20.05
N ASN G 336 28.76 29.34 19.06
CA ASN G 336 29.07 30.76 19.16
C ASN G 336 28.08 31.55 18.33
N VAL G 337 27.59 32.65 18.89
CA VAL G 337 26.72 33.59 18.19
C VAL G 337 27.33 34.98 18.36
N SER G 338 27.37 35.75 17.29
CA SER G 338 27.91 37.11 17.37
C SER G 338 27.06 37.94 18.32
N LYS G 339 27.72 38.61 19.27
CA LYS G 339 27.00 39.24 20.36
C LYS G 339 26.21 40.46 19.89
N ALA G 340 26.85 41.32 19.09
CA ALA G 340 26.16 42.51 18.60
C ALA G 340 25.01 42.14 17.67
N THR G 341 25.23 41.16 16.79
CA THR G 341 24.18 40.75 15.87
C THR G 341 22.98 40.21 16.62
N TRP G 342 23.22 39.36 17.62
CA TRP G 342 22.10 38.81 18.39
C TRP G 342 21.40 39.88 19.21
N ASN G 343 22.17 40.81 19.78
CA ASN G 343 21.55 41.90 20.52
C ASN G 343 20.64 42.72 19.64
N GLU G 344 21.09 43.05 18.43
CA GLU G 344 20.27 43.82 17.51
C GLU G 344 19.06 43.01 17.05
N THR G 345 19.23 41.69 16.86
CA THR G 345 18.10 40.87 16.47
C THR G 345 17.03 40.85 17.55
N LEU G 346 17.44 40.69 18.81
CA LEU G 346 16.47 40.76 19.90
C LEU G 346 15.84 42.14 19.99
N GLY G 347 16.61 43.18 19.69
CA GLY G 347 16.04 44.52 19.65
C GLY G 347 14.95 44.65 18.61
N LYS G 348 15.20 44.13 17.41
CA LYS G 348 14.18 44.17 16.36
C LYS G 348 12.94 43.38 16.78
N VAL G 349 13.13 42.20 17.36
CA VAL G 349 11.99 41.39 17.79
C VAL G 349 11.19 42.12 18.86
N VAL G 350 11.89 42.78 19.80
CA VAL G 350 11.19 43.52 20.84
C VAL G 350 10.40 44.67 20.25
N LYS G 351 11.02 45.41 19.31
CA LYS G 351 10.33 46.54 18.71
C LYS G 351 9.07 46.10 17.97
N GLN G 352 9.17 45.00 17.23
CA GLN G 352 7.98 44.50 16.53
C GLN G 352 6.94 43.94 17.49
N LEU G 353 7.37 43.34 18.59
CA LEU G 353 6.41 42.83 19.56
C LEU G 353 5.65 43.96 20.23
N ARG G 354 6.31 45.12 20.40
CA ARG G 354 5.67 46.23 21.11
C ARG G 354 4.43 46.73 20.40
N LYS G 355 4.34 46.52 19.08
CA LYS G 355 3.16 46.98 18.34
C LYS G 355 1.90 46.21 18.75
N HIS G 356 2.04 44.99 19.26
CA HIS G 356 0.89 44.16 19.64
C HIS G 356 0.51 44.28 21.11
N PHE G 357 1.27 45.02 21.92
CA PHE G 357 1.03 45.11 23.35
C PHE G 357 0.98 46.52 23.90
N GLY G 358 1.63 47.49 23.26
CA GLY G 358 1.58 48.88 23.69
C GLY G 358 2.91 49.58 23.57
N ASN G 359 2.86 50.90 23.42
CA ASN G 359 4.09 51.69 23.32
C ASN G 359 4.87 51.72 24.61
N ASN G 360 4.19 51.69 25.76
CA ASN G 360 4.84 51.69 27.06
C ASN G 360 5.05 50.27 27.59
N THR G 361 5.16 49.29 26.69
CA THR G 361 5.31 47.90 27.09
C THR G 361 6.77 47.59 27.37
N ILE G 362 7.04 47.09 28.56
CA ILE G 362 8.33 46.54 28.92
C ILE G 362 8.33 45.08 28.52
N ILE G 363 9.34 44.67 27.76
CA ILE G 363 9.48 43.29 27.31
C ILE G 363 10.81 42.76 27.81
N ARG G 364 10.76 41.65 28.52
CA ARG G 364 11.95 40.97 29.01
C ARG G 364 11.95 39.54 28.48
N PHE G 365 13.15 38.96 28.42
CA PHE G 365 13.35 37.61 27.93
C PHE G 365 13.85 36.73 29.06
N ALA G 366 13.42 35.46 29.05
CA ALA G 366 13.84 34.49 30.04
C ALA G 366 14.15 33.18 29.34
N ASN G 367 15.00 32.38 29.98
CA ASN G 367 15.38 31.10 29.43
C ASN G 367 14.21 30.12 29.54
N SER G 368 14.37 28.95 28.93
CA SER G 368 13.27 28.01 28.82
C SER G 368 12.84 27.50 30.18
N SER G 369 11.58 27.09 30.28
CA SER G 369 11.04 26.50 31.50
C SER G 369 11.53 25.06 31.60
N GLY G 370 11.04 24.33 32.61
CA GLY G 370 11.43 22.95 32.78
C GLY G 370 10.79 22.06 31.75
N GLY G 371 11.24 20.81 31.74
CA GLY G 371 10.75 19.80 30.82
C GLY G 371 11.86 18.89 30.35
N ASP G 372 11.51 18.06 29.38
CA ASP G 372 12.49 17.14 28.81
C ASP G 372 13.58 17.91 28.08
N LEU G 373 14.75 17.27 27.95
CA LEU G 373 15.86 17.89 27.25
C LEU G 373 15.53 18.14 25.78
N GLU G 374 14.59 17.38 25.23
CA GLU G 374 14.27 17.53 23.81
C GLU G 374 13.53 18.84 23.51
N VAL G 375 12.90 19.47 24.51
CA VAL G 375 12.07 20.64 24.30
C VAL G 375 12.53 21.84 25.11
N THR G 376 13.43 21.65 26.07
CA THR G 376 13.93 22.74 26.90
C THR G 376 15.23 23.35 26.40
N THR G 377 15.87 22.76 25.39
CA THR G 377 17.12 23.25 24.85
C THR G 377 17.11 23.16 23.33
N HIS G 378 17.92 24.02 22.71
CA HIS G 378 18.06 24.00 21.26
C HIS G 378 18.75 22.72 20.83
N SER G 379 18.14 22.05 19.86
CA SER G 379 18.63 20.76 19.37
C SER G 379 18.67 20.81 17.85
N PHE G 380 19.67 20.14 17.28
CA PHE G 380 19.78 20.06 15.83
C PHE G 380 20.74 18.93 15.48
N ASN G 381 20.65 18.48 14.24
CA ASN G 381 21.33 17.27 13.78
C ASN G 381 22.43 17.56 12.77
N CYS G 382 23.12 18.69 12.92
CA CYS G 382 24.10 19.07 11.92
C CYS G 382 25.35 18.21 12.03
N GLY G 383 25.86 17.78 10.88
CA GLY G 383 27.05 16.96 10.82
C GLY G 383 26.84 15.49 11.11
N GLY G 384 25.61 15.05 11.33
CA GLY G 384 25.33 13.68 11.66
C GLY G 384 25.32 13.36 13.14
N GLU G 385 25.35 14.37 14.00
CA GLU G 385 25.23 14.19 15.44
C GLU G 385 24.20 15.18 15.98
N PHE G 386 23.56 14.79 17.09
CA PHE G 386 22.44 15.54 17.66
C PHE G 386 22.94 16.36 18.84
N PHE G 387 23.13 17.65 18.61
CA PHE G 387 23.52 18.58 19.66
C PHE G 387 22.31 18.92 20.51
N TYR G 388 22.57 19.39 21.74
CA TYR G 388 21.54 19.90 22.63
C TYR G 388 22.15 21.08 23.37
N CYS G 389 21.85 22.30 22.89
CA CYS G 389 22.53 23.50 23.32
C CYS G 389 21.66 24.33 24.27
N ASN G 390 22.26 24.76 25.37
CA ASN G 390 21.58 25.48 26.44
C ASN G 390 21.48 26.95 26.06
N THR G 391 20.27 27.40 25.72
CA THR G 391 20.05 28.74 25.18
C THR G 391 19.75 29.77 26.26
N SER G 392 20.03 29.49 27.54
CA SER G 392 19.80 30.50 28.56
C SER G 392 20.70 31.72 28.37
N GLY G 393 21.80 31.59 27.64
CA GLY G 393 22.63 32.72 27.33
C GLY G 393 22.09 33.62 26.23
N LEU G 394 21.06 33.19 25.50
CA LEU G 394 20.45 34.00 24.46
C LEU G 394 19.28 34.84 24.95
N PHE G 395 18.52 34.35 25.94
CA PHE G 395 17.30 35.01 26.41
C PHE G 395 17.50 35.35 27.88
N ASN G 396 18.21 36.45 28.13
CA ASN G 396 18.48 36.90 29.53
C ASN G 396 18.57 38.42 29.54
N SER G 397 17.67 39.09 28.81
CA SER G 397 17.73 40.57 28.70
C SER G 397 16.33 41.17 28.85
N THR G 398 16.19 42.17 29.72
CA THR G 398 14.87 42.87 29.87
C THR G 398 14.86 44.10 28.96
N TRP G 399 14.28 43.97 27.77
CA TRP G 399 14.21 45.11 26.81
C TRP G 399 13.09 46.05 27.23
N ILE G 400 13.23 46.70 28.39
CA ILE G 400 12.21 47.70 28.84
C ILE G 400 12.21 48.85 27.83
N SER G 401 13.39 49.24 27.36
CA SER G 401 13.50 50.32 26.36
C SER G 401 14.82 50.18 25.58
N ASN G 402 14.95 50.85 24.44
CA ASN G 402 16.19 50.78 23.63
C ASN G 402 16.78 49.36 23.72
N ASN G 414 32.90 41.94 18.05
CA ASN G 414 33.95 40.92 18.09
C ASN G 414 33.66 39.89 19.19
N ASP G 415 33.11 40.36 20.30
CA ASP G 415 32.70 39.45 21.37
C ASP G 415 31.58 38.55 20.89
N SER G 416 31.58 37.31 21.38
CA SER G 416 30.60 36.32 21.01
C SER G 416 30.16 35.54 22.24
N ILE G 417 28.90 35.13 22.24
CA ILE G 417 28.30 34.39 23.35
C ILE G 417 28.47 32.91 23.07
N THR G 418 29.05 32.19 24.02
CA THR G 418 29.31 30.76 23.89
C THR G 418 28.24 29.98 24.64
N LEU G 419 27.51 29.13 23.92
CA LEU G 419 26.46 28.31 24.50
C LEU G 419 26.99 26.90 24.72
N PRO G 420 27.00 26.34 25.93
CA PRO G 420 27.40 24.94 26.06
C PRO G 420 26.38 24.01 25.44
N CYS G 421 26.86 22.87 24.93
CA CYS G 421 26.01 21.90 24.26
C CYS G 421 26.36 20.50 24.70
N ARG G 422 25.33 19.74 25.06
CA ARG G 422 25.44 18.32 25.36
C ARG G 422 25.11 17.52 24.12
N ILE G 423 25.61 16.29 24.05
CA ILE G 423 25.38 15.38 22.93
C ILE G 423 24.91 14.06 23.48
N LYS G 424 23.86 13.51 22.88
CA LYS G 424 23.35 12.19 23.22
C LYS G 424 23.08 11.43 21.93
N GLN G 425 23.37 10.14 21.95
CA GLN G 425 23.24 9.31 20.76
C GLN G 425 21.87 8.69 20.60
N ILE G 426 21.21 8.31 21.69
CA ILE G 426 19.91 7.66 21.65
C ILE G 426 18.85 8.75 21.56
N ILE G 427 18.23 8.88 20.38
CA ILE G 427 17.34 9.99 20.07
C ILE G 427 15.91 9.49 20.14
N ASN G 428 15.11 10.09 21.03
CA ASN G 428 13.66 9.87 21.05
C ASN G 428 13.00 10.87 20.09
N MET G 429 13.21 10.62 18.81
CA MET G 429 12.80 11.57 17.79
C MET G 429 11.28 11.63 17.67
N TRP G 430 10.77 12.82 17.33
CA TRP G 430 9.34 13.09 17.15
C TRP G 430 8.53 12.97 18.42
N GLN G 431 9.19 12.98 19.59
CA GLN G 431 8.51 12.93 20.89
C GLN G 431 7.63 11.70 21.02
N ARG G 432 8.09 10.57 20.48
CA ARG G 432 7.42 9.29 20.64
C ARG G 432 8.10 8.51 21.75
N ILE G 433 7.30 7.73 22.47
CA ILE G 433 7.77 6.88 23.56
C ILE G 433 7.81 5.45 23.05
N GLY G 434 8.87 4.73 23.39
CA GLY G 434 9.02 3.35 22.99
C GLY G 434 9.76 3.12 21.70
N GLN G 435 10.09 4.18 20.97
CA GLN G 435 10.91 4.10 19.77
C GLN G 435 12.05 5.09 19.88
N ALA G 436 13.23 4.67 19.43
CA ALA G 436 14.41 5.50 19.53
C ALA G 436 15.38 5.11 18.43
N MET G 437 16.27 6.04 18.11
CA MET G 437 17.30 5.85 17.09
C MET G 437 18.66 6.04 17.74
N TYR G 438 19.63 5.24 17.31
CA TYR G 438 21.00 5.30 17.82
C TYR G 438 21.89 5.92 16.75
N ALA G 439 22.19 7.20 16.90
CA ALA G 439 22.99 7.90 15.92
C ALA G 439 24.43 7.40 15.98
N PRO G 440 25.00 6.86 14.91
CA PRO G 440 26.38 6.42 14.98
C PRO G 440 27.31 7.61 15.16
N PRO G 441 28.45 7.43 15.83
CA PRO G 441 29.38 8.56 15.98
C PRO G 441 30.03 8.90 14.66
N ILE G 442 30.41 10.18 14.53
CA ILE G 442 31.00 10.72 13.32
C ILE G 442 32.47 10.98 13.59
N GLN G 443 33.33 10.51 12.70
CA GLN G 443 34.77 10.70 12.86
C GLN G 443 35.15 12.14 12.59
N GLY G 444 36.23 12.58 13.23
CA GLY G 444 36.76 13.91 13.01
C GLY G 444 36.02 14.96 13.82
N VAL G 445 36.64 16.13 13.90
CA VAL G 445 36.02 17.27 14.57
C VAL G 445 34.91 17.81 13.69
N ILE G 446 33.73 18.00 14.27
CA ILE G 446 32.57 18.50 13.54
C ILE G 446 32.58 20.02 13.59
N ARG G 447 32.38 20.65 12.43
CA ARG G 447 32.24 22.09 12.30
C ARG G 447 30.93 22.35 11.58
N CYS G 448 30.07 23.17 12.19
CA CYS G 448 28.73 23.42 11.69
C CYS G 448 28.47 24.93 11.65
N VAL G 449 28.18 25.44 10.47
CA VAL G 449 27.82 26.84 10.26
C VAL G 449 26.39 26.87 9.74
N SER G 450 25.54 27.65 10.39
CA SER G 450 24.12 27.66 10.07
C SER G 450 23.54 29.03 10.36
N ASN G 451 22.56 29.41 9.55
CA ASN G 451 21.86 30.68 9.69
C ASN G 451 20.63 30.48 10.56
N ILE G 452 20.49 31.27 11.61
CA ILE G 452 19.19 31.43 12.26
C ILE G 452 18.36 32.34 11.39
N THR G 453 17.11 31.95 11.14
CA THR G 453 16.19 32.73 10.35
C THR G 453 14.81 32.90 11.00
N GLY G 454 14.55 32.22 12.10
CA GLY G 454 13.28 32.35 12.77
C GLY G 454 13.28 31.74 14.16
N LEU G 455 12.75 32.47 15.12
CA LEU G 455 12.68 32.03 16.51
C LEU G 455 11.27 31.56 16.82
N ILE G 456 11.16 30.75 17.88
CA ILE G 456 9.87 30.35 18.43
C ILE G 456 9.86 30.76 19.89
N LEU G 457 8.91 31.61 20.26
CA LEU G 457 8.85 32.13 21.66
C LEU G 457 7.40 32.09 22.16
N THR G 458 7.23 32.00 23.48
CA THR G 458 5.86 32.01 24.08
C THR G 458 5.78 33.10 25.15
N ARG G 459 4.82 34.02 25.01
CA ARG G 459 4.68 35.14 25.98
C ARG G 459 4.30 34.56 27.35
N ASP G 460 4.99 34.99 28.41
CA ASP G 460 4.67 34.52 29.79
C ASP G 460 3.17 34.69 30.03
N GLY G 461 2.57 33.76 30.78
CA GLY G 461 1.13 33.86 31.11
C GLY G 461 0.90 34.76 32.31
N GLY G 462 1.08 36.07 32.13
CA GLY G 462 0.91 37.03 33.24
C GLY G 462 -0.55 37.38 33.48
N SER G 463 -1.14 36.84 34.55
CA SER G 463 -2.57 37.10 34.86
C SER G 463 -2.77 38.60 35.15
N THR G 464 -1.77 39.25 35.74
CA THR G 464 -1.88 40.69 36.08
C THR G 464 -1.61 41.54 34.84
N ASN G 465 -1.39 42.84 35.02
CA ASN G 465 -1.11 43.74 33.87
C ASN G 465 0.05 43.15 33.06
N SER G 466 0.99 42.47 33.73
CA SER G 466 2.14 41.85 33.03
C SER G 466 2.76 42.88 32.07
N THR G 467 2.74 44.15 32.45
CA THR G 467 3.32 45.23 31.59
C THR G 467 4.71 44.79 31.15
N THR G 468 5.46 44.13 32.03
CA THR G 468 6.81 43.61 31.66
C THR G 468 6.64 42.27 30.93
N GLU G 469 6.12 42.31 29.70
CA GLU G 469 5.90 41.07 28.93
C GLU G 469 7.18 40.23 28.93
N THR G 470 7.07 38.95 29.29
CA THR G 470 8.24 38.04 29.30
C THR G 470 8.10 37.01 28.18
N PHE G 471 9.11 36.90 27.32
CA PHE G 471 9.07 35.90 26.22
C PHE G 471 10.19 34.87 26.42
N ARG G 472 9.83 33.59 26.55
CA ARG G 472 10.85 32.53 26.75
C ARG G 472 10.68 31.46 25.66
N PRO G 473 11.76 30.80 25.20
CA PRO G 473 11.67 29.78 24.15
C PRO G 473 10.73 28.65 24.55
N GLY G 474 10.01 28.14 23.55
CA GLY G 474 9.08 27.04 23.73
C GLY G 474 9.20 26.08 22.56
N GLY G 475 8.09 25.92 21.85
CA GLY G 475 8.10 25.13 20.64
C GLY G 475 8.13 23.64 20.90
N GLY G 476 8.94 22.93 20.13
CA GLY G 476 9.02 21.50 20.19
C GLY G 476 8.04 20.79 19.27
N ASP G 477 7.03 21.49 18.78
CA ASP G 477 6.07 20.94 17.84
C ASP G 477 6.65 21.11 16.44
N MET G 478 7.04 20.00 15.82
CA MET G 478 7.69 20.06 14.51
C MET G 478 6.79 20.67 13.44
N ARG G 479 5.48 20.60 13.62
CA ARG G 479 4.58 21.26 12.70
C ARG G 479 4.88 22.75 12.61
N ASP G 480 5.24 23.36 13.74
CA ASP G 480 5.64 24.76 13.71
C ASP G 480 6.88 24.99 12.86
N ASN G 481 7.89 24.12 12.96
CA ASN G 481 9.09 24.31 12.16
C ASN G 481 8.79 24.16 10.68
N TRP G 482 7.93 23.22 10.30
CA TRP G 482 7.55 23.12 8.90
C TRP G 482 6.68 24.28 8.48
N ARG G 483 5.95 24.86 9.43
CA ARG G 483 4.95 25.88 9.11
C ARG G 483 5.54 27.27 8.97
N SER G 484 6.78 27.49 9.44
CA SER G 484 7.40 28.80 9.31
C SER G 484 7.85 29.11 7.90
N GLU G 485 8.04 28.09 7.07
CA GLU G 485 8.36 28.25 5.65
C GLU G 485 7.18 27.99 4.74
N LEU G 486 6.37 26.99 5.07
CA LEU G 486 5.27 26.56 4.23
C LEU G 486 3.99 27.29 4.62
N TYR G 487 4.07 28.62 4.64
CA TYR G 487 2.96 29.49 5.03
C TYR G 487 2.41 30.33 3.89
N LYS G 488 3.18 30.60 2.84
CA LYS G 488 2.68 31.36 1.72
C LYS G 488 1.78 30.56 0.79
N TYR G 489 1.66 29.25 1.01
CA TYR G 489 1.08 28.34 0.04
C TYR G 489 -0.22 27.74 0.56
N LYS G 490 -1.15 27.51 -0.37
CA LYS G 490 -2.34 26.70 -0.13
C LYS G 490 -2.61 25.92 -1.40
N VAL G 491 -3.31 24.79 -1.26
CA VAL G 491 -3.66 23.93 -2.38
C VAL G 491 -5.12 24.15 -2.73
N VAL G 492 -5.38 24.48 -3.99
CA VAL G 492 -6.73 24.76 -4.47
C VAL G 492 -7.04 23.80 -5.62
N LYS G 493 -8.19 23.16 -5.55
CA LYS G 493 -8.64 22.24 -6.59
C LYS G 493 -9.30 23.01 -7.71
N ILE G 494 -8.94 22.69 -8.94
CA ILE G 494 -9.50 23.34 -10.11
C ILE G 494 -10.81 22.66 -10.47
N GLU G 495 -11.82 23.46 -10.77
CA GLU G 495 -13.16 22.99 -11.15
C GLU G 495 -13.56 23.70 -12.43
N PRO G 496 -13.00 23.31 -13.58
CA PRO G 496 -13.18 24.11 -14.80
C PRO G 496 -14.61 24.26 -15.26
N LEU G 497 -15.52 23.38 -14.86
CA LEU G 497 -16.89 23.41 -15.35
C LEU G 497 -17.69 24.47 -14.58
N GLY G 498 -18.38 25.33 -15.31
CA GLY G 498 -19.22 26.35 -14.70
C GLY G 498 -20.30 26.75 -15.66
N VAL G 499 -21.25 27.53 -15.15
CA VAL G 499 -22.42 27.97 -15.90
C VAL G 499 -22.64 29.45 -15.69
N ALA G 500 -23.40 30.05 -16.61
CA ALA G 500 -23.72 31.47 -16.55
C ALA G 500 -24.77 31.76 -17.61
N PRO G 501 -25.51 32.88 -17.49
CA PRO G 501 -26.55 33.15 -18.47
C PRO G 501 -26.05 33.95 -19.66
N THR G 502 -26.74 33.78 -20.79
CA THR G 502 -26.46 34.53 -22.01
C THR G 502 -27.77 34.82 -22.72
N ARG G 503 -27.70 35.57 -23.81
CA ARG G 503 -28.86 35.84 -24.64
C ARG G 503 -29.22 34.69 -25.56
N CYS G 504 -28.25 33.88 -25.96
CA CYS G 504 -28.44 32.83 -26.95
C CYS G 504 -29.08 31.59 -26.34
N LYS G 505 -30.01 30.98 -27.07
CA LYS G 505 -30.52 29.65 -26.79
C LYS G 505 -30.10 28.70 -27.91
N ARG G 506 -30.12 27.41 -27.60
CA ARG G 506 -29.74 26.39 -28.58
C ARG G 506 -30.73 26.40 -29.74
N ARG G 507 -30.20 26.30 -30.96
CA ARG G 507 -31.02 26.33 -32.17
C ARG G 507 -30.58 25.24 -33.14
N LEU H 11 -1.62 34.23 -21.32
CA LEU H 11 -1.44 34.69 -19.95
C LEU H 11 -0.83 33.60 -19.09
N GLY H 12 -1.52 32.46 -19.01
CA GLY H 12 -1.05 31.36 -18.18
C GLY H 12 -2.17 30.41 -17.79
N PHE H 13 -1.85 29.45 -16.91
CA PHE H 13 -2.81 28.41 -16.56
C PHE H 13 -4.04 29.00 -15.88
N LEU H 14 -3.84 29.95 -14.96
CA LEU H 14 -4.93 30.67 -14.31
C LEU H 14 -4.80 32.17 -14.51
N GLY H 15 -4.11 32.61 -15.57
CA GLY H 15 -3.82 34.03 -15.73
C GLY H 15 -5.06 34.90 -15.83
N ALA H 16 -6.16 34.34 -16.32
CA ALA H 16 -7.40 35.07 -16.43
C ALA H 16 -8.25 35.01 -15.16
N ALA H 17 -7.72 34.45 -14.07
CA ALA H 17 -8.53 34.25 -12.87
C ALA H 17 -9.03 35.57 -12.31
N GLY H 18 -8.30 36.65 -12.49
CA GLY H 18 -8.72 37.97 -12.07
C GLY H 18 -9.42 38.77 -13.12
N SER H 19 -9.35 38.37 -14.38
CA SER H 19 -10.04 39.10 -15.44
C SER H 19 -11.55 38.92 -15.29
N THR H 20 -12.29 39.81 -15.94
CA THR H 20 -13.74 39.74 -15.89
C THR H 20 -14.21 38.47 -16.59
N MET H 21 -15.48 38.12 -16.35
CA MET H 21 -16.05 36.91 -16.94
C MET H 21 -16.04 36.99 -18.46
N GLY H 22 -16.34 38.17 -19.02
CA GLY H 22 -16.31 38.32 -20.46
C GLY H 22 -14.92 38.14 -21.03
N ALA H 23 -13.92 38.71 -20.37
CA ALA H 23 -12.55 38.60 -20.89
C ALA H 23 -11.97 37.22 -20.63
N ALA H 24 -12.22 36.65 -19.46
CA ALA H 24 -11.66 35.34 -19.11
C ALA H 24 -12.27 34.21 -19.92
N SER H 25 -13.45 34.40 -20.50
CA SER H 25 -14.05 33.39 -21.36
C SER H 25 -13.28 33.21 -22.66
N MET H 26 -12.43 34.15 -23.03
CA MET H 26 -11.47 33.94 -24.09
C MET H 26 -10.36 33.03 -23.59
N THR H 27 -9.92 32.13 -24.45
CA THR H 27 -8.84 31.20 -24.15
C THR H 27 -9.19 30.35 -22.92
N LEU H 28 -10.26 29.56 -23.07
CA LEU H 28 -10.54 28.48 -22.15
C LEU H 28 -9.73 27.22 -22.45
N THR H 29 -9.06 27.16 -23.61
CA THR H 29 -8.37 25.95 -24.02
C THR H 29 -7.24 25.59 -23.07
N VAL H 30 -6.63 26.60 -22.43
CA VAL H 30 -5.43 26.34 -21.64
C VAL H 30 -5.75 25.43 -20.46
N GLN H 31 -6.82 25.72 -19.73
CA GLN H 31 -7.14 24.92 -18.54
C GLN H 31 -7.57 23.52 -18.93
N ALA H 32 -8.44 23.41 -19.94
CA ALA H 32 -8.93 22.10 -20.37
C ALA H 32 -7.79 21.24 -20.86
N ARG H 33 -6.86 21.81 -21.63
CA ARG H 33 -5.68 21.06 -22.05
C ARG H 33 -4.82 20.67 -20.85
N ASN H 34 -4.62 21.61 -19.92
CA ASN H 34 -3.72 21.36 -18.79
C ASN H 34 -4.20 20.21 -17.93
N LEU H 35 -5.52 20.01 -17.85
CA LEU H 35 -6.09 18.98 -16.97
C LEU H 35 -5.45 17.61 -17.20
N LEU H 36 -5.15 17.27 -18.44
CA LEU H 36 -4.48 16.01 -18.78
C LEU H 36 -3.03 16.20 -19.17
N SER H 37 -2.65 17.39 -19.67
CA SER H 37 -1.25 17.62 -19.98
C SER H 37 -0.39 17.49 -18.73
N GLY H 38 -0.90 17.97 -17.59
CA GLY H 38 -0.19 17.78 -16.34
C GLY H 38 0.01 16.32 -16.01
N ILE H 39 -1.03 15.50 -16.17
CA ILE H 39 -0.92 14.08 -15.87
C ILE H 39 0.15 13.43 -16.73
N VAL H 40 0.08 13.68 -18.04
CA VAL H 40 0.98 12.98 -18.95
C VAL H 40 2.42 13.47 -18.78
N GLN H 41 2.61 14.78 -18.56
CA GLN H 41 3.96 15.29 -18.36
C GLN H 41 4.55 14.77 -17.06
N GLN H 42 3.76 14.73 -15.99
CA GLN H 42 4.26 14.23 -14.72
C GLN H 42 4.60 12.75 -14.81
N GLN H 43 3.79 11.98 -15.54
CA GLN H 43 4.11 10.56 -15.71
C GLN H 43 5.30 10.36 -16.64
N SER H 44 5.54 11.31 -17.55
CA SER H 44 6.73 11.23 -18.40
C SER H 44 7.99 11.57 -17.63
N ASN H 45 7.92 12.57 -16.75
CA ASN H 45 9.05 12.91 -15.90
C ASN H 45 9.26 11.93 -14.76
N LEU H 46 8.26 11.09 -14.46
CA LEU H 46 8.38 10.07 -13.41
C LEU H 46 8.96 8.77 -13.96
N LEU H 47 8.69 8.46 -15.23
CA LEU H 47 9.14 7.24 -15.88
C LEU H 47 10.15 7.58 -16.96
N ARG H 48 11.32 6.93 -16.90
CA ARG H 48 12.39 6.98 -17.88
C ARG H 48 13.20 8.30 -17.80
N ALA H 49 12.78 9.28 -16.99
CA ALA H 49 13.59 10.49 -16.82
C ALA H 49 14.64 10.30 -15.72
N PRO H 50 14.28 9.99 -14.47
CA PRO H 50 15.28 9.79 -13.43
C PRO H 50 15.72 8.35 -13.20
N GLU H 51 15.15 7.39 -13.94
CA GLU H 51 15.23 5.97 -13.57
C GLU H 51 14.72 5.87 -12.14
N CYS H 52 15.36 5.10 -11.26
CA CYS H 52 15.01 5.05 -9.84
C CYS H 52 13.54 4.67 -9.63
N GLN H 53 13.02 3.84 -10.52
CA GLN H 53 11.64 3.37 -10.38
C GLN H 53 11.49 2.51 -9.14
N GLN H 54 12.46 1.65 -8.85
CA GLN H 54 12.41 0.85 -7.64
C GLN H 54 12.40 1.69 -6.37
N HIS H 55 12.93 2.92 -6.43
CA HIS H 55 12.82 3.81 -5.28
C HIS H 55 11.36 4.23 -5.06
N LEU H 56 10.62 4.45 -6.14
CA LEU H 56 9.18 4.67 -6.01
C LEU H 56 8.50 3.42 -5.47
N LEU H 57 8.87 2.25 -5.98
CA LEU H 57 8.37 0.98 -5.48
C LEU H 57 9.22 0.43 -4.34
N LYS H 58 10.00 1.29 -3.68
CA LYS H 58 10.72 0.85 -2.49
C LYS H 58 9.74 0.38 -1.42
N LEU H 59 8.64 1.11 -1.24
CA LEU H 59 7.53 0.68 -0.42
C LEU H 59 6.26 0.84 -1.22
N THR H 60 5.28 -0.03 -0.92
CA THR H 60 4.04 -0.06 -1.67
C THR H 60 3.25 1.25 -1.52
N VAL H 61 3.39 1.92 -0.38
CA VAL H 61 2.47 3.00 -0.03
C VAL H 61 2.62 4.18 -0.98
N TRP H 62 3.86 4.55 -1.31
CA TRP H 62 4.07 5.66 -2.23
C TRP H 62 3.50 5.35 -3.61
N GLY H 63 3.73 4.12 -4.09
CA GLY H 63 3.21 3.75 -5.38
C GLY H 63 1.69 3.79 -5.43
N ILE H 64 1.05 3.22 -4.40
CA ILE H 64 -0.42 3.21 -4.39
C ILE H 64 -0.95 4.63 -4.26
N LYS H 65 -0.28 5.48 -3.48
CA LYS H 65 -0.76 6.86 -3.33
C LYS H 65 -0.72 7.60 -4.66
N GLN H 66 0.42 7.52 -5.36
CA GLN H 66 0.51 8.22 -6.65
C GLN H 66 -0.45 7.62 -7.67
N LEU H 67 -0.57 6.29 -7.72
CA LEU H 67 -1.46 5.66 -8.69
C LEU H 67 -2.90 6.02 -8.41
N GLN H 68 -3.30 6.07 -7.13
CA GLN H 68 -4.66 6.45 -6.78
C GLN H 68 -4.90 7.91 -7.12
N ALA H 69 -3.90 8.78 -6.95
CA ALA H 69 -4.06 10.16 -7.36
C ALA H 69 -4.30 10.26 -8.86
N ARG H 70 -3.52 9.50 -9.64
CA ARG H 70 -3.71 9.51 -11.08
C ARG H 70 -5.10 9.02 -11.47
N VAL H 71 -5.55 7.92 -10.85
CA VAL H 71 -6.86 7.37 -11.18
C VAL H 71 -7.96 8.35 -10.81
N LEU H 72 -7.82 9.03 -9.68
CA LEU H 72 -8.84 10.01 -9.29
C LEU H 72 -8.86 11.19 -10.24
N ALA H 73 -7.68 11.62 -10.71
CA ALA H 73 -7.65 12.70 -11.70
C ALA H 73 -8.36 12.30 -12.98
N VAL H 74 -8.08 11.08 -13.47
CA VAL H 74 -8.74 10.62 -14.68
C VAL H 74 -10.24 10.50 -14.45
N GLU H 75 -10.64 10.06 -13.26
CA GLU H 75 -12.06 9.90 -13.00
C GLU H 75 -12.78 11.24 -12.92
N ARG H 76 -12.14 12.25 -12.35
CA ARG H 76 -12.74 13.58 -12.33
C ARG H 76 -12.89 14.13 -13.74
N TYR H 77 -11.85 13.96 -14.57
CA TYR H 77 -11.95 14.43 -15.95
C TYR H 77 -13.07 13.71 -16.68
N LEU H 78 -13.19 12.40 -16.48
CA LEU H 78 -14.26 11.65 -17.14
C LEU H 78 -15.63 12.05 -16.60
N ARG H 79 -15.72 12.40 -15.32
CA ARG H 79 -16.97 12.91 -14.77
C ARG H 79 -17.38 14.19 -15.49
N ASP H 80 -16.43 15.11 -15.67
CA ASP H 80 -16.76 16.35 -16.36
C ASP H 80 -17.17 16.09 -17.81
N GLN H 81 -16.46 15.20 -18.50
CA GLN H 81 -16.81 14.90 -19.88
C GLN H 81 -18.15 14.21 -19.97
N GLN H 82 -18.47 13.33 -19.02
CA GLN H 82 -19.77 12.66 -19.02
C GLN H 82 -20.89 13.64 -18.75
N LEU H 83 -20.65 14.60 -17.85
CA LEU H 83 -21.66 15.63 -17.60
C LEU H 83 -21.87 16.49 -18.85
N LEU H 84 -20.80 16.80 -19.57
CA LEU H 84 -20.96 17.54 -20.82
C LEU H 84 -21.74 16.71 -21.84
N GLY H 85 -21.48 15.41 -21.91
CA GLY H 85 -22.18 14.57 -22.87
C GLY H 85 -23.66 14.44 -22.55
N ILE H 86 -23.99 14.33 -21.26
CA ILE H 86 -25.38 14.18 -20.86
C ILE H 86 -26.18 15.43 -21.18
N TRP H 87 -25.51 16.58 -21.25
CA TRP H 87 -26.16 17.85 -21.58
C TRP H 87 -26.12 18.16 -23.07
N GLY H 88 -25.65 17.24 -23.91
CA GLY H 88 -25.55 17.52 -25.33
C GLY H 88 -24.40 18.43 -25.71
N CYS H 89 -23.39 18.54 -24.84
CA CYS H 89 -22.28 19.48 -25.02
C CYS H 89 -20.94 18.77 -25.20
N SER H 90 -20.95 17.51 -25.65
CA SER H 90 -19.70 16.80 -25.84
C SER H 90 -18.90 17.42 -26.98
N GLY H 91 -17.59 17.53 -26.77
CA GLY H 91 -16.70 18.04 -27.80
C GLY H 91 -16.64 19.55 -27.90
N LYS H 92 -17.30 20.28 -27.01
CA LYS H 92 -17.35 21.74 -27.04
C LYS H 92 -16.90 22.29 -25.71
N LEU H 93 -16.29 23.48 -25.76
CA LEU H 93 -15.99 24.25 -24.55
C LEU H 93 -17.09 25.26 -24.23
N ILE H 94 -17.81 25.73 -25.23
CA ILE H 94 -18.89 26.70 -25.08
C ILE H 94 -20.11 26.17 -25.82
N CYS H 95 -21.17 25.86 -25.07
CA CYS H 95 -22.41 25.37 -25.66
C CYS H 95 -23.58 26.10 -25.04
N CYS H 96 -24.54 26.44 -25.88
CA CYS H 96 -25.78 27.09 -25.46
C CYS H 96 -26.89 26.05 -25.37
N THR H 97 -27.78 26.24 -24.39
CA THR H 97 -28.78 25.24 -24.03
C THR H 97 -30.17 25.87 -24.11
N ASN H 98 -31.18 25.06 -23.77
CA ASN H 98 -32.59 25.44 -23.85
C ASN H 98 -33.21 25.67 -22.48
N VAL H 99 -32.40 25.82 -21.43
CA VAL H 99 -32.89 26.05 -20.07
C VAL H 99 -32.91 27.55 -19.83
N PRO H 100 -34.08 28.19 -19.63
CA PRO H 100 -34.07 29.62 -19.36
C PRO H 100 -33.51 29.92 -17.98
N TRP H 101 -32.88 31.08 -17.86
CA TRP H 101 -32.25 31.49 -16.61
C TRP H 101 -33.29 32.09 -15.69
N ASN H 102 -33.38 31.55 -14.47
CA ASN H 102 -34.33 32.01 -13.48
C ASN H 102 -33.79 33.24 -12.78
N SER H 103 -34.65 34.25 -12.60
CA SER H 103 -34.26 35.41 -11.81
C SER H 103 -34.02 35.05 -10.34
N THR H 104 -34.58 33.93 -9.88
CA THR H 104 -34.33 33.49 -8.51
C THR H 104 -32.85 33.22 -8.28
N TRP H 105 -32.18 32.58 -9.24
CA TRP H 105 -30.78 32.20 -9.05
C TRP H 105 -29.89 33.42 -8.96
N SER H 106 -30.11 34.41 -9.82
CA SER H 106 -29.45 35.70 -9.70
C SER H 106 -30.18 36.70 -10.58
N ASN H 107 -30.61 37.82 -9.98
CA ASN H 107 -31.37 38.83 -10.67
C ASN H 107 -30.51 39.82 -11.43
N ARG H 108 -29.19 39.70 -11.36
CA ARG H 108 -28.30 40.60 -12.07
C ARG H 108 -28.42 40.37 -13.58
N ASN H 109 -28.34 41.45 -14.34
CA ASN H 109 -28.44 41.38 -15.78
C ASN H 109 -27.06 41.05 -16.37
N LEU H 110 -26.99 41.01 -17.71
CA LEU H 110 -25.77 40.58 -18.37
C LEU H 110 -24.62 41.56 -18.16
N SER H 111 -24.88 42.87 -18.27
CA SER H 111 -23.79 43.84 -18.14
C SER H 111 -23.22 43.86 -16.72
N GLU H 112 -24.05 43.53 -15.73
CA GLU H 112 -23.57 43.56 -14.35
C GLU H 112 -22.61 42.41 -14.06
N ILE H 113 -22.81 41.27 -14.70
CA ILE H 113 -22.09 40.04 -14.34
C ILE H 113 -20.99 39.72 -15.35
N TRP H 114 -21.23 39.92 -16.64
CA TRP H 114 -20.21 39.58 -17.63
C TRP H 114 -19.09 40.60 -17.68
N ASP H 115 -19.28 41.76 -17.06
CA ASP H 115 -18.22 42.75 -16.86
C ASP H 115 -18.22 43.21 -15.41
N ASN H 116 -17.05 43.61 -14.94
CA ASN H 116 -16.87 44.06 -13.55
C ASN H 116 -17.21 42.94 -12.57
N MET H 117 -16.85 41.72 -12.91
CA MET H 117 -17.06 40.58 -12.02
C MET H 117 -16.20 39.43 -12.49
N THR H 118 -15.56 38.75 -11.55
CA THR H 118 -14.69 37.61 -11.84
C THR H 118 -15.45 36.31 -11.68
N TRP H 119 -14.92 35.27 -12.34
CA TRP H 119 -15.60 33.98 -12.32
C TRP H 119 -15.67 33.39 -10.92
N LEU H 120 -14.67 33.64 -10.08
CA LEU H 120 -14.71 33.14 -8.71
C LEU H 120 -15.86 33.74 -7.94
N GLN H 121 -16.08 35.05 -8.10
CA GLN H 121 -17.23 35.69 -7.48
C GLN H 121 -18.53 35.10 -8.01
N TRP H 122 -18.56 34.73 -9.29
CA TRP H 122 -19.76 34.11 -9.84
C TRP H 122 -20.01 32.75 -9.21
N ASP H 123 -18.95 31.96 -9.00
CA ASP H 123 -19.11 30.68 -8.33
C ASP H 123 -19.62 30.86 -6.91
N LYS H 124 -19.06 31.83 -6.19
CA LYS H 124 -19.53 32.09 -4.83
C LYS H 124 -20.97 32.57 -4.82
N GLU H 125 -21.39 33.29 -5.87
CA GLU H 125 -22.71 33.89 -5.87
C GLU H 125 -23.81 32.87 -6.08
N ILE H 126 -23.61 31.93 -7.01
CA ILE H 126 -24.62 30.94 -7.37
C ILE H 126 -24.17 29.52 -7.05
N SER H 127 -23.37 29.34 -5.99
CA SER H 127 -23.03 27.99 -5.56
C SER H 127 -24.27 27.21 -5.12
N ASN H 128 -25.31 27.92 -4.68
CA ASN H 128 -26.52 27.26 -4.21
C ASN H 128 -27.25 26.49 -5.31
N TYR H 129 -27.33 27.04 -6.52
CA TYR H 129 -28.25 26.54 -7.54
C TYR H 129 -27.55 25.73 -8.64
N THR H 130 -26.30 25.33 -8.42
CA THR H 130 -25.58 24.56 -9.44
C THR H 130 -26.26 23.21 -9.69
N GLN H 131 -26.65 22.51 -8.63
CA GLN H 131 -27.28 21.21 -8.79
C GLN H 131 -28.63 21.34 -9.50
N ILE H 132 -29.39 22.39 -9.18
CA ILE H 132 -30.67 22.61 -9.84
C ILE H 132 -30.45 22.86 -11.33
N ILE H 133 -29.45 23.67 -11.67
CA ILE H 133 -29.17 23.93 -13.08
C ILE H 133 -28.76 22.66 -13.79
N TYR H 134 -27.94 21.83 -13.13
CA TYR H 134 -27.53 20.56 -13.72
C TYR H 134 -28.74 19.66 -13.97
N GLY H 135 -29.66 19.59 -13.01
CA GLY H 135 -30.84 18.77 -13.20
C GLY H 135 -31.71 19.28 -14.34
N LEU H 136 -31.88 20.60 -14.44
CA LEU H 136 -32.65 21.15 -15.54
C LEU H 136 -32.01 20.85 -16.89
N LEU H 137 -30.68 20.95 -16.97
CA LEU H 137 -29.99 20.62 -18.21
C LEU H 137 -30.16 19.15 -18.57
N GLU H 138 -30.09 18.28 -17.56
CA GLU H 138 -30.32 16.85 -17.80
C GLU H 138 -31.70 16.62 -18.38
N GLU H 139 -32.73 17.25 -17.78
CA GLU H 139 -34.09 17.08 -18.28
C GLU H 139 -34.22 17.60 -19.71
N SER H 140 -33.62 18.75 -19.99
CA SER H 140 -33.73 19.34 -21.32
C SER H 140 -33.10 18.43 -22.37
N GLN H 141 -31.91 17.89 -22.08
CA GLN H 141 -31.27 17.03 -23.08
C GLN H 141 -31.99 15.70 -23.20
N ASN H 142 -32.61 15.21 -22.12
CA ASN H 142 -33.43 14.01 -22.23
C ASN H 142 -34.61 14.26 -23.16
N GLN H 143 -35.26 15.42 -23.03
CA GLN H 143 -36.37 15.74 -23.92
C GLN H 143 -35.90 15.88 -25.36
N GLN H 144 -34.74 16.50 -25.57
CA GLN H 144 -34.20 16.60 -26.92
C GLN H 144 -33.90 15.23 -27.51
N GLU H 145 -33.34 14.33 -26.69
CA GLU H 145 -33.04 12.98 -27.18
C GLU H 145 -34.33 12.24 -27.53
N LYS H 146 -35.37 12.39 -26.69
CA LYS H 146 -36.64 11.73 -27.00
C LYS H 146 -37.23 12.27 -28.30
N ASN H 147 -37.15 13.58 -28.50
CA ASN H 147 -37.64 14.17 -29.75
C ASN H 147 -36.85 13.64 -30.95
N GLU H 148 -35.53 13.54 -30.81
CA GLU H 148 -34.72 13.01 -31.90
C GLU H 148 -35.08 11.56 -32.21
N GLN H 149 -35.30 10.75 -31.17
CA GLN H 149 -35.73 9.38 -31.40
C GLN H 149 -37.08 9.33 -32.10
N ASP H 150 -38.01 10.19 -31.72
CA ASP H 150 -39.30 10.23 -32.40
C ASP H 150 -39.15 10.63 -33.86
N LEU H 151 -38.25 11.57 -34.16
CA LEU H 151 -38.08 12.03 -35.54
C LEU H 151 -37.57 10.90 -36.44
N LEU H 152 -36.87 9.93 -35.87
CA LEU H 152 -36.40 8.78 -36.64
C LEU H 152 -37.58 7.95 -37.13
C1 NAG I . -0.66 -21.87 39.70
C2 NAG I . -1.44 -21.45 40.93
C3 NAG I . -0.80 -20.22 41.56
C4 NAG I . 0.67 -20.44 41.81
C5 NAG I . 1.37 -20.97 40.55
C6 NAG I . 2.79 -21.40 40.80
C7 NAG I . -3.82 -22.06 40.80
C8 NAG I . -5.19 -21.61 40.39
N2 NAG I . -2.84 -21.19 40.60
O3 NAG I . -1.46 -19.91 42.78
O4 NAG I . 1.28 -19.22 42.18
O5 NAG I . 0.68 -22.13 40.06
O6 NAG I . 3.46 -21.71 39.58
O7 NAG I . -3.62 -23.17 41.29
C1 NAG I . 1.91 -19.31 43.48
C2 NAG I . 3.02 -18.27 43.53
C3 NAG I . 3.71 -18.32 44.89
C4 NAG I . 2.68 -18.15 46.00
C5 NAG I . 1.56 -19.17 45.85
C6 NAG I . 0.43 -18.95 46.83
C7 NAG I . 4.24 -17.52 41.52
C8 NAG I . 5.26 -17.90 40.50
N2 NAG I . 3.98 -18.45 42.45
O3 NAG I . 4.69 -17.29 44.96
O4 NAG I . 3.31 -18.34 47.27
O5 NAG I . 0.97 -19.09 44.53
O6 NAG I . -0.09 -20.17 47.31
O7 NAG I . 3.68 -16.44 41.50
C1 NAG J . -26.17 -13.44 17.10
C2 NAG J . -24.77 -13.64 17.67
C3 NAG J . -24.75 -13.35 19.16
C4 NAG J . -25.37 -11.98 19.47
C5 NAG J . -26.73 -11.87 18.80
C6 NAG J . -27.34 -10.50 18.95
C7 NAG J . -23.01 -15.34 17.45
C8 NAG J . -22.71 -16.77 17.16
N2 NAG J . -24.30 -14.99 17.40
O3 NAG J . -23.40 -13.37 19.63
O4 NAG J . -25.56 -11.85 20.86
O5 NAG J . -26.63 -12.14 17.40
O6 NAG J . -28.76 -10.55 18.84
O7 NAG J . -22.13 -14.53 17.73
C1 NAG J . -24.66 -10.92 21.51
C2 NAG J . -24.76 -11.24 23.00
C3 NAG J . -23.80 -10.36 23.80
C4 NAG J . -22.39 -10.55 23.27
C5 NAG J . -22.36 -10.17 21.81
C6 NAG J . -21.01 -10.34 21.18
C7 NAG J . -26.84 -9.96 23.38
C8 NAG J . -28.23 -10.02 23.94
N2 NAG J . -26.12 -11.10 23.49
O3 NAG J . -23.87 -10.72 25.18
O4 NAG J . -21.42 -9.86 24.04
O5 NAG J . -23.28 -11.00 21.08
O6 NAG J . -20.92 -9.66 19.94
O7 NAG J . -26.37 -8.96 22.86
C1 BMA J . -21.54 -8.43 24.15
C2 BMA J . -22.12 -8.13 25.56
C3 BMA J . -21.78 -6.72 26.03
C4 BMA J . -20.34 -6.40 25.76
C5 BMA J . -20.11 -6.49 24.27
C6 BMA J . -18.73 -6.03 23.85
O2 BMA J . -21.54 -9.00 26.52
O3 BMA J . -22.06 -6.58 27.42
O4 BMA J . -20.04 -5.09 26.21
O5 BMA J . -20.27 -7.86 23.90
O6 BMA J . -17.85 -6.22 24.96
C1 MAN J . -22.82 -5.37 27.63
C2 MAN J . -22.43 -4.82 29.02
C3 MAN J . -23.00 -5.73 30.11
C4 MAN J . -24.49 -5.97 29.90
C5 MAN J . -24.75 -6.53 28.49
C6 MAN J . -26.23 -6.70 28.19
O2 MAN J . -23.02 -3.54 29.27
O3 MAN J . -22.76 -5.21 31.41
O4 MAN J . -24.98 -6.89 30.86
O5 MAN J . -24.21 -5.62 27.52
O6 MAN J . -26.37 -7.21 26.87
C1 MAN J . -16.48 -6.03 24.52
C2 MAN J . -15.56 -6.32 25.73
C3 MAN J . -15.73 -5.24 26.78
C4 MAN J . -15.58 -3.85 26.17
C5 MAN J . -16.54 -3.67 24.98
C6 MAN J . -16.33 -2.38 24.26
O2 MAN J . -14.18 -6.27 25.36
O3 MAN J . -14.83 -5.42 27.87
O4 MAN J . -15.85 -2.86 27.14
O5 MAN J . -16.30 -4.73 24.03
O6 MAN J . -17.15 -2.39 23.09
C1 NAG K . -25.05 -37.46 -8.86
C2 NAG K . -26.30 -37.52 -9.73
C3 NAG K . -26.47 -38.94 -10.29
C4 NAG K . -25.20 -39.39 -11.00
C5 NAG K . -24.00 -39.23 -10.06
C6 NAG K . -22.68 -39.54 -10.73
C7 NAG K . -27.92 -35.84 -8.95
C8 NAG K . -29.16 -35.61 -8.15
N2 NAG K . -27.49 -37.12 -9.00
O3 NAG K . -27.57 -38.95 -11.19
O4 NAG K . -25.37 -40.70 -11.52
O5 NAG K . -23.92 -37.87 -9.62
O6 NAG K . -21.80 -40.22 -9.85
O7 NAG K . -27.32 -34.94 -9.51
C1 NAG K . -24.97 -41.81 -10.67
C2 NAG K . -26.14 -42.76 -10.45
C3 NAG K . -25.69 -43.94 -9.59
C4 NAG K . -24.49 -44.62 -10.21
C5 NAG K . -23.37 -43.60 -10.47
C6 NAG K . -22.20 -44.20 -11.22
C7 NAG K . -28.47 -41.96 -10.37
C8 NAG K . -29.49 -41.21 -9.57
N2 NAG K . -27.26 -42.07 -9.82
O3 NAG K . -26.76 -44.87 -9.45
O4 NAG K . -24.00 -45.64 -9.35
O5 NAG K . -23.87 -42.53 -11.27
O6 NAG K . -21.03 -43.40 -11.05
O7 NAG K . -28.73 -42.43 -11.47
C1 NAG L . -32.14 -17.86 27.02
C2 NAG L . -33.24 -18.82 27.47
C3 NAG L . -34.62 -18.18 27.28
C4 NAG L . -34.67 -16.83 27.97
C5 NAG L . -33.52 -15.96 27.50
C6 NAG L . -33.44 -14.64 28.24
C7 NAG L . -32.94 -21.26 27.33
C8 NAG L . -32.90 -22.45 26.42
N2 NAG L . -33.16 -20.08 26.74
O3 NAG L . -35.62 -19.05 27.81
O4 NAG L . -35.90 -16.19 27.69
O5 NAG L . -32.28 -16.62 27.72
O6 NAG L . -32.58 -13.72 27.57
O7 NAG L . -32.80 -21.37 28.54
C1 NAG L . -36.65 -16.13 28.92
C2 NAG L . -37.75 -15.08 28.77
C3 NAG L . -38.62 -15.03 30.03
C4 NAG L . -39.13 -16.42 30.37
C5 NAG L . -37.97 -17.41 30.46
C6 NAG L . -38.42 -18.83 30.70
C7 NAG L . -37.84 -12.82 27.81
C8 NAG L . -37.09 -11.53 27.63
N2 NAG L . -37.19 -13.77 28.49
O3 NAG L . -39.71 -14.14 29.82
O4 NAG L . -39.81 -16.38 31.63
O5 NAG L . -37.24 -17.39 29.22
O6 NAG L . -37.37 -19.60 31.27
O7 NAG L . -38.97 -12.98 27.38
C1 NAG M . -29.04 -24.85 31.44
C2 NAG M . -28.75 -23.67 32.35
C3 NAG M . -28.29 -24.16 33.72
C4 NAG M . -29.30 -25.14 34.30
C5 NAG M . -29.58 -26.26 33.31
C6 NAG M . -30.67 -27.20 33.76
C7 NAG M . -28.05 -21.80 30.93
C8 NAG M . -26.88 -21.00 30.41
N2 NAG M . -27.75 -22.80 31.76
O3 NAG M . -28.15 -23.04 34.60
O4 NAG M . -28.78 -25.72 35.50
O5 NAG M . -30.01 -25.70 32.06
O6 NAG M . -31.95 -26.76 33.31
O7 NAG M . -29.20 -21.55 30.61
C1 NAG M . -29.27 -24.97 36.64
C2 NAG M . -29.15 -25.85 37.88
C3 NAG M . -29.59 -25.09 39.11
C4 NAG M . -28.83 -23.78 39.23
C5 NAG M . -28.96 -22.98 37.94
C6 NAG M . -28.12 -21.72 37.93
C7 NAG M . -29.46 -28.17 37.12
C8 NAG M . -30.39 -29.34 37.06
N2 NAG M . -29.92 -27.08 37.72
O3 NAG M . -29.37 -25.89 40.26
O4 NAG M . -29.34 -23.01 40.31
O5 NAG M . -28.52 -23.77 36.83
O6 NAG M . -28.69 -20.72 37.10
O7 NAG M . -28.32 -28.22 36.64
C1 NAG N . -20.61 -40.84 18.96
C2 NAG N . -19.23 -40.71 19.60
C3 NAG N . -18.50 -42.05 19.52
C4 NAG N . -19.36 -43.19 20.07
C5 NAG N . -20.80 -43.14 19.52
C6 NAG N . -21.75 -44.06 20.24
C7 NAG N . -18.54 -38.38 19.25
C8 NAG N . -17.66 -37.45 18.47
N2 NAG N . -18.45 -39.67 18.94
O3 NAG N . -17.29 -41.96 20.27
O4 NAG N . -18.76 -44.42 19.65
O5 NAG N . -21.34 -41.81 19.66
O6 NAG N . -23.01 -43.44 20.45
O7 NAG N . -19.30 -37.97 20.12
C1 NAG N . -18.94 -45.54 20.53
C2 NAG N . -18.33 -46.76 19.85
C3 NAG N . -18.48 -47.98 20.72
C4 NAG N . -17.88 -47.73 22.10
C5 NAG N . -18.48 -46.47 22.71
C6 NAG N . -17.80 -46.08 24.02
C7 NAG N . -18.38 -46.53 17.40
C8 NAG N . -19.15 -46.86 16.15
N2 NAG N . -18.93 -46.98 18.54
O3 NAG N . -17.84 -49.09 20.11
O4 NAG N . -18.14 -48.84 22.96
O5 NAG N . -18.32 -45.35 21.82
O6 NAG N . -17.97 -44.72 24.36
O7 NAG N . -17.33 -45.90 17.37
C1 NAG N . -16.88 -43.93 23.83
C2 NAG N . -17.24 -42.46 24.04
C3 NAG N . -16.14 -41.57 23.47
C4 NAG N . -14.78 -41.97 24.03
C5 NAG N . -14.54 -43.47 23.88
C6 NAG N . -13.27 -43.95 24.55
C7 NAG N . -19.69 -42.26 24.08
C8 NAG N . -20.91 -41.89 23.30
N2 NAG N . -18.52 -42.14 23.43
O3 NAG N . -16.41 -40.21 23.77
O4 NAG N . -13.74 -41.26 23.36
O5 NAG N . -15.62 -44.21 24.46
O6 NAG N . -13.04 -45.33 24.30
O7 NAG N . -19.74 -42.64 25.24
C1 NAG O . 29.35 -38.25 9.03
C2 NAG O . 29.24 -39.65 8.44
C3 NAG O . 28.14 -40.43 9.16
C4 NAG O . 28.37 -40.41 10.66
C5 NAG O . 28.56 -38.98 11.16
C6 NAG O . 28.97 -38.91 12.62
C7 NAG O . 29.94 -39.75 6.09
C8 NAG O . 29.48 -39.67 4.66
N2 NAG O . 28.98 -39.60 7.02
O3 NAG O . 28.14 -41.78 8.68
O4 NAG O . 27.25 -40.98 11.31
O5 NAG O . 29.60 -38.33 10.42
O6 NAG O . 29.98 -37.93 12.81
O7 NAG O . 31.11 -39.96 6.39
C1 NAG O . 27.68 -41.94 12.30
C2 NAG O . 26.56 -42.10 13.31
C3 NAG O . 26.95 -43.11 14.38
C4 NAG O . 27.36 -44.43 13.73
C5 NAG O . 28.42 -44.19 12.67
C6 NAG O . 28.76 -45.44 11.88
C7 NAG O . 24.96 -40.42 14.13
C8 NAG O . 24.81 -39.06 14.76
N2 NAG O . 26.22 -40.82 13.93
O3 NAG O . 25.86 -43.31 15.26
O4 NAG O . 27.88 -45.31 14.71
O5 NAG O . 27.97 -43.21 11.71
O6 NAG O . 27.82 -45.66 10.83
O7 NAG O . 24.00 -41.09 13.81
C1 NAG P . 27.22 -28.20 21.73
C2 NAG P . 28.70 -28.47 21.44
C3 NAG P . 29.34 -29.24 22.59
C4 NAG P . 29.11 -28.52 23.91
C5 NAG P . 27.61 -28.27 24.11
C6 NAG P . 27.32 -27.45 25.34
C7 NAG P . 29.30 -28.67 19.05
C8 NAG P . 29.39 -29.59 17.88
N2 NAG P . 28.86 -29.21 20.19
O3 NAG P . 30.74 -29.38 22.36
O4 NAG P . 29.58 -29.33 24.98
O5 NAG P . 27.10 -27.53 22.98
O6 NAG P . 25.96 -27.59 25.73
O7 NAG P . 29.61 -27.48 18.98
C1 NAG P . 30.85 -28.99 25.61
C2 NAG P . 31.63 -30.30 25.68
C3 NAG P . 32.98 -30.08 26.36
C4 NAG P . 33.74 -28.94 25.68
C5 NAG P . 32.87 -27.69 25.61
C6 NAG P . 33.52 -26.57 24.85
C7 NAG P . 30.02 -32.16 25.73
C8 NAG P . 29.32 -33.16 26.59
N2 NAG P . 30.87 -31.34 26.35
O3 NAG P . 33.74 -31.28 26.31
O4 NAG P . 34.92 -28.64 26.42
O5 NAG P . 31.64 -27.99 24.92
O6 NAG P . 33.91 -26.97 23.54
O7 NAG P . 29.81 -32.08 24.52
C1 NAG Q . 34.67 -12.91 5.80
C2 NAG Q . 35.34 -11.65 5.26
C3 NAG Q . 36.13 -11.96 4.00
C4 NAG Q . 37.12 -13.08 4.26
C5 NAG Q . 36.40 -14.29 4.86
C6 NAG Q . 37.35 -15.39 5.30
C7 NAG Q . 34.58 -9.31 5.17
C8 NAG Q . 33.45 -8.38 4.86
N2 NAG Q . 34.35 -10.61 5.00
O3 NAG Q . 36.81 -10.79 3.57
O4 NAG Q . 37.73 -13.47 3.04
O5 NAG Q . 35.67 -13.90 6.04
O6 NAG Q . 37.05 -15.82 6.62
O7 NAG Q . 35.67 -8.89 5.58
C1 NAG Q . 39.17 -13.53 3.20
C2 NAG Q . 39.74 -14.40 2.09
C3 NAG Q . 41.26 -14.49 2.20
C4 NAG Q . 41.86 -13.08 2.25
C5 NAG Q . 41.19 -12.25 3.34
C6 NAG Q . 41.65 -10.80 3.33
C7 NAG Q . 38.12 -16.10 1.36
C8 NAG Q . 37.65 -17.51 1.53
N2 NAG Q . 39.15 -15.74 2.12
O3 NAG Q . 41.78 -15.21 1.11
O4 NAG Q . 43.25 -13.17 2.51
O5 NAG Q . 39.77 -12.23 3.14
O6 NAG Q . 41.94 -10.35 4.65
O7 NAG Q . 37.58 -15.32 0.57
C1 NAG R . 27.89 -3.57 -36.92
C2 NAG R . 29.30 -3.12 -36.59
C3 NAG R . 29.40 -1.59 -36.64
C4 NAG R . 28.89 -1.07 -37.98
C5 NAG R . 27.49 -1.63 -38.26
C6 NAG R . 26.98 -1.26 -39.63
C7 NAG R . 30.31 -4.78 -35.10
C8 NAG R . 30.67 -5.12 -33.68
N2 NAG R . 29.72 -3.60 -35.29
O3 NAG R . 30.76 -1.20 -36.46
O4 NAG R . 28.82 0.35 -37.92
O5 NAG R . 27.51 -3.06 -38.20
O6 NAG R . 26.05 -2.24 -40.10
O7 NAG R . 30.54 -5.55 -36.02
C1 NAG R . 29.41 0.96 -39.08
C2 NAG R . 28.90 2.39 -39.16
C3 NAG R . 29.54 3.11 -40.35
C4 NAG R . 31.06 3.02 -40.28
C5 NAG R . 31.48 1.55 -40.15
C6 NAG R . 32.98 1.39 -39.96
C7 NAG R . 26.64 2.36 -38.20
C8 NAG R . 25.18 2.40 -38.49
N2 NAG R . 27.45 2.42 -39.27
O3 NAG R . 29.14 4.48 -40.33
O4 NAG R . 31.64 3.57 -41.45
O5 NAG R . 30.85 0.95 -39.01
O6 NAG R . 33.56 0.65 -41.02
O7 NAG R . 27.08 2.27 -37.06
C1 NAG S . 12.05 -11.65 -44.49
C2 NAG S . 11.83 -11.99 -45.95
C3 NAG S . 10.84 -13.14 -46.07
C4 NAG S . 11.30 -14.32 -45.22
C5 NAG S . 11.60 -13.87 -43.80
C6 NAG S . 12.22 -14.98 -42.97
C7 NAG S . 12.14 -9.95 -47.30
C8 NAG S . 11.47 -8.82 -48.00
N2 NAG S . 11.34 -10.82 -46.68
O3 NAG S . 10.74 -13.53 -47.44
O4 NAG S . 10.27 -15.30 -45.18
O5 NAG S . 12.54 -12.80 -43.81
O6 NAG S . 12.22 -14.64 -41.58
O7 NAG S . 13.37 -10.09 -47.31
C1 NAG S . 10.60 -16.36 -46.11
C2 NAG S . 9.97 -17.65 -45.61
C3 NAG S . 10.27 -18.79 -46.58
C4 NAG S . 9.83 -18.41 -47.99
C5 NAG S . 10.45 -17.08 -48.39
C6 NAG S . 9.95 -16.56 -49.73
C7 NAG S . 9.70 -18.64 -43.38
C8 NAG S . 10.35 -18.91 -42.05
N2 NAG S . 10.44 -17.99 -44.27
O3 NAG S . 9.57 -19.97 -46.17
O4 NAG S . 10.25 -19.41 -48.91
O5 NAG S . 10.12 -16.07 -47.42
O6 NAG S . 10.46 -15.27 -50.01
O7 NAG S . 8.56 -19.02 -43.63
C1 NAG T . 18.48 -26.88 -21.00
C2 NAG T . 18.56 -26.81 -19.48
C3 NAG T . 18.57 -28.21 -18.88
C4 NAG T . 17.40 -29.03 -19.40
C5 NAG T . 17.38 -29.00 -20.93
C6 NAG T . 16.17 -29.68 -21.53
C7 NAG T . 19.75 -25.20 -18.04
C8 NAG T . 21.06 -24.54 -17.76
N2 NAG T . 19.74 -26.08 -19.06
O3 NAG T . 18.49 -28.12 -17.47
O4 NAG T . 17.53 -30.39 -18.96
O5 NAG T . 17.36 -27.65 -21.38
O6 NAG T . 16.52 -30.86 -22.23
O7 NAG T . 18.74 -24.96 -17.39
C1 NAG T . 16.32 -30.85 -18.33
C2 NAG T . 16.46 -32.34 -18.01
C3 NAG T . 15.19 -32.86 -17.36
C4 NAG T . 14.83 -32.01 -16.15
C5 NAG T . 14.84 -30.52 -16.48
C6 NAG T . 14.73 -29.66 -15.25
C7 NAG T . 16.03 -33.14 -20.31
C8 NAG T . 16.53 -33.99 -21.42
N2 NAG T . 16.79 -33.11 -19.20
O3 NAG T . 15.38 -34.21 -16.98
O4 NAG T . 13.52 -32.36 -15.71
O5 NAG T . 16.07 -30.14 -17.12
O6 NAG T . 15.79 -29.91 -14.35
O7 NAG T . 15.00 -32.48 -20.39
C1 BMA T . 13.54 -33.34 -14.66
C2 BMA T . 12.85 -32.71 -13.42
C3 BMA T . 12.53 -33.76 -12.35
C4 BMA T . 12.01 -35.08 -12.94
C5 BMA T . 12.87 -35.55 -14.11
C6 BMA T . 12.28 -36.81 -14.72
O2 BMA T . 11.62 -32.13 -13.79
O3 BMA T . 11.51 -33.29 -11.47
O4 BMA T . 12.01 -36.07 -11.93
O5 BMA T . 12.88 -34.53 -15.09
O6 BMA T . 12.76 -37.01 -16.05
C1 MAN T . 12.05 -32.60 -10.33
C2 MAN T . 12.25 -33.62 -9.18
C3 MAN T . 10.89 -34.15 -8.72
C4 MAN T . 9.93 -33.01 -8.40
C5 MAN T . 9.82 -32.05 -9.60
C6 MAN T . 8.99 -30.83 -9.30
O2 MAN T . 12.84 -33.01 -8.03
O3 MAN T . 11.02 -35.00 -7.58
O4 MAN T . 8.65 -33.53 -8.11
O5 MAN T . 11.15 -31.59 -9.96
O6 MAN T . 9.62 -30.10 -8.25
C1 MAN T . 11.65 -37.28 -16.95
C2 MAN T . 11.06 -38.69 -16.69
C3 MAN T . 12.13 -39.73 -16.97
C4 MAN T . 12.66 -39.58 -18.40
C5 MAN T . 13.15 -38.13 -18.64
C6 MAN T . 13.51 -37.88 -20.09
O2 MAN T . 10.00 -38.98 -17.60
O3 MAN T . 11.64 -41.05 -16.76
O4 MAN T . 13.75 -40.47 -18.59
O5 MAN T . 12.10 -37.19 -18.28
O6 MAN T . 13.96 -36.54 -20.21
C1 NAG U . 25.89 -23.79 -39.85
C2 NAG U . 24.97 -24.37 -40.92
C3 NAG U . 25.70 -25.45 -41.71
C4 NAG U . 26.97 -24.89 -42.30
C5 NAG U . 27.83 -24.30 -41.18
C6 NAG U . 29.10 -23.63 -41.67
C7 NAG U . 22.57 -24.26 -40.35
C8 NAG U . 21.43 -24.96 -39.70
N2 NAG U . 23.75 -24.90 -40.33
O3 NAG U . 24.84 -25.94 -42.74
O4 NAG U . 27.67 -25.94 -42.96
O5 NAG U . 27.09 -23.30 -40.48
O6 NAG U . 28.89 -22.98 -42.92
O7 NAG U . 22.45 -23.17 -40.88
C1 NAG U . 28.37 -25.80 -44.26
C2 NAG U . 27.69 -24.84 -45.26
C3 NAG U . 28.52 -24.75 -46.54
C4 NAG U . 29.97 -24.39 -46.22
C5 NAG U . 30.54 -25.37 -45.20
C6 NAG U . 31.95 -25.01 -44.79
C7 NAG U . 25.39 -24.43 -46.00
C8 NAG U . 24.04 -25.03 -46.24
N2 NAG U . 26.33 -25.27 -45.55
O3 NAG U . 27.95 -23.76 -47.39
O4 NAG U . 30.74 -24.44 -47.41
O5 NAG U . 29.75 -25.37 -44.01
O6 NAG U . 32.33 -25.72 -43.61
O7 NAG U . 25.61 -23.25 -46.20
C1 NAG V . 24.70 -37.05 -23.91
C2 NAG V . 25.77 -37.46 -24.91
C3 NAG V . 25.14 -37.96 -26.19
C4 NAG V . 24.15 -39.08 -25.89
C5 NAG V . 23.13 -38.61 -24.85
C6 NAG V . 22.20 -39.71 -24.40
C7 NAG V . 28.01 -36.52 -25.32
C8 NAG V . 28.78 -35.27 -25.60
N2 NAG V . 26.69 -36.36 -25.18
O3 NAG V . 26.15 -38.43 -27.08
O4 NAG V . 23.47 -39.46 -27.09
O5 NAG V . 23.82 -38.15 -23.67
O6 NAG V . 22.90 -40.73 -23.71
O7 NAG V . 28.55 -37.61 -25.22
C1 NAG V . 23.72 -40.85 -27.36
C2 NAG V . 22.90 -41.23 -28.59
C3 NAG V . 23.16 -42.69 -28.95
C4 NAG V . 24.65 -42.96 -29.09
C5 NAG V . 25.39 -42.50 -27.84
C6 NAG V . 26.88 -42.63 -27.94
C7 NAG V . 20.87 -39.85 -28.68
C8 NAG V . 19.40 -39.80 -28.39
N2 NAG V . 21.48 -41.01 -28.38
O3 NAG V . 22.50 -43.00 -30.18
O4 NAG V . 24.89 -44.35 -29.29
O5 NAG V . 25.10 -41.12 -27.58
O6 NAG V . 27.38 -41.96 -29.09
O7 NAG V . 21.48 -38.90 -29.17
C1 NAG W . 32.08 -38.49 -19.93
C2 NAG W . 31.13 -39.52 -19.33
C3 NAG W . 31.89 -40.51 -18.45
C4 NAG W . 33.07 -41.11 -19.21
C5 NAG W . 33.93 -40.00 -19.80
C6 NAG W . 35.05 -40.52 -20.67
C7 NAG W . 28.95 -38.40 -19.11
C8 NAG W . 27.98 -37.77 -18.18
N2 NAG W . 30.07 -38.88 -18.57
O3 NAG W . 31.01 -41.54 -18.03
O4 NAG W . 33.86 -41.90 -18.33
O5 NAG W . 33.12 -39.16 -20.64
O6 NAG W . 34.60 -40.81 -21.99
O7 NAG W . 28.74 -38.48 -20.32
C1 NAG W . 33.75 -43.27 -18.77
C2 NAG W . 34.82 -44.12 -18.08
C3 NAG W . 34.67 -45.58 -18.48
C4 NAG W . 33.25 -46.06 -18.23
C5 NAG W . 32.25 -45.12 -18.92
C6 NAG W . 30.82 -45.47 -18.62
C7 NAG W . 36.71 -42.56 -17.84
C8 NAG W . 38.10 -42.21 -18.30
N2 NAG W . 36.16 -43.64 -18.40
O3 NAG W . 35.59 -46.38 -17.73
O4 NAG W . 33.08 -47.37 -18.75
O5 NAG W . 32.46 -43.78 -18.45
O6 NAG W . 29.95 -44.98 -19.63
O7 NAG W . 36.11 -41.88 -17.01
C1 NAG X . 43.87 -20.90 -16.07
C2 NAG X . 43.44 -21.33 -14.67
C3 NAG X . 44.49 -20.91 -13.65
C4 NAG X . 45.86 -21.43 -14.06
C5 NAG X . 46.19 -21.02 -15.48
C6 NAG X . 47.47 -21.63 -15.99
C7 NAG X . 41.02 -21.52 -14.32
C8 NAG X . 39.76 -20.78 -13.94
N2 NAG X . 42.13 -20.79 -14.33
O3 NAG X . 44.13 -21.40 -12.36
O4 NAG X . 46.83 -20.89 -13.16
O5 NAG X . 45.15 -21.45 -16.37
O6 NAG X . 47.32 -22.05 -17.34
O7 NAG X . 41.00 -22.71 -14.60
C1 NAG X . 47.77 -21.74 -12.40
C2 NAG X . 47.11 -22.98 -11.74
C3 NAG X . 48.16 -23.78 -10.99
C4 NAG X . 49.33 -24.12 -11.90
C5 NAG X . 49.90 -22.85 -12.54
C6 NAG X . 51.02 -23.12 -13.51
C7 NAG X . 46.16 -21.75 -9.83
C8 NAG X . 44.92 -21.48 -9.03
N2 NAG X . 46.02 -22.59 -10.86
O3 NAG X . 47.57 -24.98 -10.50
O4 NAG X . 50.36 -24.77 -11.16
O5 NAG X . 48.86 -22.17 -13.27
O6 NAG X . 51.09 -22.11 -14.51
O7 NAG X . 47.23 -21.23 -9.55
C1 NAG Y . 41.17 -26.49 -14.90
C2 NAG Y . 42.12 -26.13 -13.79
C3 NAG Y . 43.56 -26.15 -14.29
C4 NAG Y . 43.88 -27.49 -14.95
C5 NAG Y . 42.80 -27.87 -15.97
C6 NAG Y . 42.94 -29.28 -16.48
C7 NAG Y . 41.62 -24.63 -11.90
C8 NAG Y . 41.29 -23.23 -11.49
N2 NAG Y . 41.79 -24.84 -13.22
O3 NAG Y . 44.41 -25.91 -13.19
O4 NAG Y . 45.09 -27.46 -15.68
O5 NAG Y . 41.49 -27.77 -15.39
O6 NAG Y . 41.68 -29.83 -16.83
O7 NAG Y . 41.75 -25.53 -11.08
C1 NAG Y . 46.29 -27.00 -15.04
C2 NAG Y . 47.07 -28.17 -14.44
C3 NAG Y . 48.40 -27.69 -13.87
C4 NAG Y . 49.19 -26.93 -14.94
C5 NAG Y . 48.33 -25.80 -15.49
C6 NAG Y . 49.00 -25.07 -16.64
C7 NAG Y . 46.47 -30.13 -13.09
C8 NAG Y . 45.58 -30.66 -12.00
N2 NAG Y . 46.29 -28.84 -13.41
O3 NAG Y . 49.16 -28.81 -13.41
O4 NAG Y . 50.37 -26.39 -14.36
O5 NAG Y . 47.10 -26.34 -16.01
O6 NAG Y . 50.34 -24.70 -16.32
O7 NAG Y . 47.31 -30.83 -13.65
C1 NAG Z . 19.40 -29.38 -28.70
C2 NAG Z . 17.89 -29.15 -28.72
C3 NAG Z . 17.18 -30.38 -29.28
C4 NAG Z . 17.75 -30.74 -30.65
C5 NAG Z . 19.26 -30.92 -30.55
C6 NAG Z . 19.93 -31.17 -31.88
C7 NAG Z . 17.04 -27.59 -27.03
C8 NAG Z . 16.52 -27.45 -25.62
N2 NAG Z . 17.38 -28.83 -27.40
O3 NAG Z . 15.79 -30.11 -29.39
O4 NAG Z . 17.18 -31.94 -31.13
O5 NAG Z . 19.86 -29.73 -30.01
O6 NAG Z . 19.74 -30.08 -32.77
O7 NAG Z . 17.13 -26.63 -27.78
C1 NAG Z . 16.46 -31.90 -32.40
C2 NAG Z . 14.97 -31.85 -32.08
C3 NAG Z . 14.13 -31.77 -33.35
C4 NAG Z . 14.59 -30.60 -34.21
C5 NAG Z . 16.08 -30.72 -34.50
C6 NAG Z . 16.63 -29.55 -35.28
C7 NAG Z . 14.23 -32.97 -30.00
C8 NAG Z . 13.85 -34.27 -29.37
N2 NAG Z . 14.57 -33.01 -31.29
O3 NAG Z . 12.76 -31.64 -33.03
O4 NAG Z . 13.86 -30.57 -35.43
O5 NAG Z . 16.81 -30.78 -33.27
O6 NAG Z . 18.04 -29.57 -35.32
O7 NAG Z . 14.23 -31.91 -29.37
C1 NAG AA . 38.51 2.53 28.15
C2 NAG AA . 39.80 3.27 27.78
C3 NAG AA . 40.75 2.33 27.05
C4 NAG AA . 40.96 1.05 27.84
C5 NAG AA . 39.61 0.44 28.23
C6 NAG AA . 39.74 -0.76 29.14
C7 NAG AA . 39.64 5.69 27.37
C8 NAG AA . 39.29 6.75 26.38
N2 NAG AA . 39.50 4.44 26.95
O3 NAG AA . 42.00 2.98 26.86
O4 NAG AA . 41.67 0.11 27.05
O5 NAG AA . 38.82 1.40 28.93
O6 NAG AA . 40.67 -0.53 30.19
O7 NAG AA . 40.02 5.97 28.51
C1 NAG AA . 42.86 -0.32 27.72
C2 NAG AA . 43.22 -1.71 27.20
C3 NAG AA . 44.49 -2.21 27.87
C4 NAG AA . 45.62 -1.21 27.64
C5 NAG AA . 45.19 0.17 28.11
C6 NAG AA . 46.21 1.25 27.81
C7 NAG AA . 41.29 -3.06 26.47
C8 NAG AA . 40.22 -4.03 26.89
N2 NAG AA . 42.12 -2.65 27.44
O3 NAG AA . 44.84 -3.48 27.32
O4 NAG AA . 46.78 -1.62 28.35
O5 NAG AA . 43.97 0.57 27.47
O6 NAG AA . 46.62 1.19 26.45
O7 NAG AA . 41.39 -2.68 25.31
C1 NAG BA . -3.23 39.94 10.24
C2 NAG BA . -4.01 39.64 11.52
C3 NAG BA . -5.50 39.66 11.24
C4 NAG BA . -5.89 41.00 10.63
C5 NAG BA . -5.04 41.25 9.37
C6 NAG BA . -5.29 42.61 8.76
C7 NAG BA . -2.63 38.26 13.01
C8 NAG BA . -2.35 36.87 13.49
N2 NAG BA . -3.60 38.37 12.10
O3 NAG BA . -6.20 39.46 12.46
O4 NAG BA . -7.27 40.99 10.26
O5 NAG BA . -3.65 41.19 9.70
O6 NAG BA . -4.72 42.70 7.47
O7 NAG BA . -2.00 39.23 13.40
C1 NAG BA . -8.16 41.93 10.92
C2 NAG BA . -8.83 41.17 12.08
C3 NAG BA . -9.81 42.09 12.80
C4 NAG BA . -9.12 43.37 13.24
C5 NAG BA . -8.45 44.05 12.06
C6 NAG BA . -7.64 45.26 12.46
C7 NAG BA . -9.68 38.89 12.36
C8 NAG BA . -10.39 37.75 11.71
N2 NAG BA . -9.49 39.97 11.60
O3 NAG BA . -10.34 41.41 13.93
O4 NAG BA . -10.07 44.25 13.82
O5 NAG BA . -7.54 43.15 11.42
O6 NAG BA . -6.67 44.95 13.44
O7 NAG BA . -9.29 38.84 13.53
C1 NAG CA . 4.13 41.36 -6.34
C2 NAG CA . 4.34 42.87 -6.52
C3 NAG CA . 5.25 43.13 -7.71
C4 NAG CA . 6.54 42.35 -7.57
C5 NAG CA . 6.26 40.88 -7.31
C6 NAG CA . 7.50 40.08 -7.01
C7 NAG CA . 2.40 44.14 -5.70
C8 NAG CA . 1.10 44.80 -6.06
N2 NAG CA . 3.06 43.55 -6.70
O3 NAG CA . 5.52 44.52 -7.79
O4 NAG CA . 7.30 42.46 -8.77
O5 NAG CA . 5.40 40.73 -6.18
O6 NAG CA . 7.24 38.68 -7.00
O7 NAG CA . 2.81 44.13 -4.54
C1 NAG CA . 8.51 43.20 -8.50
C2 NAG CA . 9.46 42.97 -9.67
C3 NAG CA . 10.73 43.79 -9.48
C4 NAG CA . 10.39 45.26 -9.25
C5 NAG CA . 9.40 45.39 -8.09
C6 NAG CA . 8.93 46.80 -7.88
C7 NAG CA . 9.93 40.95 -10.99
C8 NAG CA . 10.26 39.49 -10.94
N2 NAG CA . 9.78 41.56 -9.81
O3 NAG CA . 11.56 43.67 -10.64
O4 NAG CA . 11.57 45.98 -8.93
O5 NAG CA . 8.24 44.59 -8.36
O6 NAG CA . 8.19 46.92 -6.67
O7 NAG CA . 9.83 41.55 -12.06
C1 NAG DA . 22.71 24.89 6.94
C2 NAG DA . 22.93 23.59 7.70
C3 NAG DA . 24.43 23.33 7.88
C4 NAG DA . 25.17 23.43 6.55
C5 NAG DA . 24.81 24.75 5.87
C6 NAG DA . 25.42 24.87 4.49
C7 NAG DA . 21.77 22.54 9.60
C8 NAG DA . 21.11 22.77 10.93
N2 NAG DA . 22.26 23.63 9.00
O3 NAG DA . 24.62 22.03 8.43
O4 NAG DA . 26.57 23.43 6.79
O5 NAG DA . 23.40 24.85 5.71
O6 NAG DA . 25.42 26.22 4.04
O7 NAG DA . 21.83 21.43 9.10
C1 NAG DA . 27.21 22.24 6.35
C2 NAG DA . 28.70 22.51 6.58
C3 NAG DA . 29.51 21.27 6.24
C4 NAG DA . 29.01 20.09 7.07
C5 NAG DA . 27.54 19.87 6.75
C6 NAG DA . 26.93 18.75 7.54
C7 NAG DA . 29.98 24.61 6.15
C8 NAG DA . 30.56 24.52 7.54
N2 NAG DA . 29.12 23.64 5.78
O3 NAG DA . 30.89 21.50 6.51
O4 NAG DA . 29.80 18.92 6.90
O5 NAG DA . 26.81 21.06 7.07
O6 NAG DA . 25.52 18.64 7.29
O7 NAG DA . 30.28 25.53 5.39
C1 BMA DA . 29.93 18.39 5.56
C2 BMA DA . 31.34 18.82 5.05
C3 BMA DA . 31.87 17.88 3.95
C4 BMA DA . 31.61 16.44 4.31
C5 BMA DA . 30.12 16.24 4.47
C6 BMA DA . 29.72 14.79 4.67
O2 BMA DA . 32.28 18.76 6.11
O3 BMA DA . 33.26 18.09 3.71
O4 BMA DA . 32.11 15.57 3.31
O5 BMA DA . 29.71 16.99 5.61
O6 BMA DA . 30.86 14.06 5.10
C1 MAN DA . 33.47 19.38 3.08
C2 MAN DA . 34.27 19.16 1.78
C3 MAN DA . 35.69 18.72 2.10
C4 MAN DA . 36.34 19.68 3.11
C5 MAN DA . 35.46 19.80 4.37
C6 MAN DA . 36.00 20.81 5.37
O2 MAN DA . 34.40 20.38 1.04
O3 MAN DA . 36.48 18.62 0.93
O4 MAN DA . 37.62 19.18 3.49
O5 MAN DA . 34.15 20.24 3.97
O6 MAN DA . 35.20 20.72 6.54
C1 MAN DA . 30.46 12.67 5.21
C2 MAN DA . 31.28 12.03 6.38
C3 MAN DA . 32.73 11.80 5.97
C4 MAN DA . 32.79 11.06 4.62
C5 MAN DA . 32.04 11.88 3.57
C6 MAN DA . 32.06 11.22 2.20
O2 MAN DA . 30.77 10.74 6.71
O3 MAN DA . 33.45 11.08 6.97
O4 MAN DA . 34.14 10.88 4.23
O5 MAN DA . 30.67 12.01 3.97
O6 MAN DA . 33.40 10.88 1.89
C1 NAG EA . -7.79 35.43 21.20
C2 NAG EA . -9.27 35.02 21.14
C3 NAG EA . -10.09 35.88 22.11
C4 NAG EA . -9.48 35.84 23.50
C5 NAG EA . -8.02 36.23 23.44
C6 NAG EA . -7.31 36.12 24.78
C7 NAG EA . -9.65 34.18 18.87
C8 NAG EA . -10.26 34.47 17.52
N2 NAG EA . -9.78 35.13 19.79
O3 NAG EA . -11.42 35.38 22.15
O4 NAG EA . -10.18 36.74 24.35
O5 NAG EA . -7.32 35.37 22.54
O6 NAG EA . -7.07 34.76 25.11
O7 NAG EA . -9.06 33.13 19.10
C1 NAG EA . -11.08 35.98 25.18
C2 NAG EA . -11.19 36.58 26.56
C3 NAG EA . -12.08 35.68 27.37
C4 NAG EA . -13.44 35.60 26.69
C5 NAG EA . -13.23 35.04 25.29
C6 NAG EA . -14.53 34.89 24.52
C7 NAG EA . -9.47 37.61 27.97
C8 NAG EA . -8.09 38.09 27.69
N2 NAG EA . -9.89 36.62 27.18
O3 NAG EA . -12.23 36.22 28.68
O4 NAG EA . -14.30 34.76 27.45
O5 NAG EA . -12.37 35.91 24.58
O6 NAG EA . -14.29 34.14 23.32
O7 NAG EA . -10.16 38.08 28.86
C1 NAG FA . 33.60 30.29 20.57
C2 NAG FA . 34.74 29.65 19.84
C3 NAG FA . 35.78 29.11 20.77
C4 NAG FA . 36.12 30.06 21.90
C5 NAG FA . 34.91 30.69 22.55
C6 NAG FA . 35.29 31.89 23.40
C7 NAG FA . 33.84 28.46 17.98
C8 NAG FA . 34.12 27.22 17.20
N2 NAG FA . 34.27 28.46 19.21
O3 NAG FA . 36.93 28.87 19.96
O4 NAG FA . 36.68 29.19 22.88
O5 NAG FA . 33.96 31.16 21.62
O6 NAG FA . 35.50 33.01 22.54
O7 NAG FA . 33.26 29.40 17.53
C1 NAG FA . 37.96 29.62 23.36
C2 NAG FA . 38.74 30.10 22.18
C3 NAG FA . 40.08 30.60 22.62
C4 NAG FA . 39.93 31.63 23.72
C5 NAG FA . 39.08 31.07 24.86
C6 NAG FA . 38.77 32.12 25.93
C7 NAG FA . 39.80 29.00 20.34
C8 NAG FA . 41.21 28.71 20.74
N2 NAG FA . 38.91 28.98 21.31
O3 NAG FA . 40.66 31.22 21.47
O4 NAG FA . 41.22 31.95 24.24
O5 NAG FA . 37.83 30.59 24.38
O6 NAG FA . 38.04 31.50 26.99
O7 NAG FA . 39.48 29.25 19.20
C1 NAG GA . 17.02 28.52 33.25
C2 NAG GA . 17.56 27.11 33.24
C3 NAG GA . 17.36 26.46 34.61
C4 NAG GA . 17.92 27.35 35.72
C5 NAG GA . 17.44 28.79 35.56
C6 NAG GA . 18.13 29.75 36.50
C7 NAG GA . 17.52 25.40 31.47
C8 NAG GA . 16.69 24.69 30.46
N2 NAG GA . 16.89 26.31 32.21
O3 NAG GA . 18.01 25.20 34.62
O4 NAG GA . 17.46 26.83 36.96
O5 NAG GA . 17.68 29.27 34.24
O6 NAG GA . 18.03 31.09 36.03
O7 NAG GA . 18.72 25.17 31.60
C1 NAG GA . 18.44 26.53 38.00
C2 NAG GA . 19.35 25.36 37.59
C3 NAG GA . 20.38 25.10 38.69
C4 NAG GA . 21.13 26.39 39.04
C5 NAG GA . 20.14 27.51 39.37
C6 NAG GA . 20.79 28.84 39.64
C7 NAG GA . 19.05 23.15 36.57
C8 NAG GA . 18.12 21.99 36.39
N2 NAG GA . 18.59 24.16 37.32
O3 NAG GA . 21.31 24.12 38.25
O4 NAG GA . 21.98 26.17 40.16
O5 NAG GA . 19.24 27.70 38.28
O6 NAG GA . 19.84 29.85 39.91
O7 NAG GA . 20.16 23.18 36.06
C1 NAG HA . 22.24 26.84 31.17
C2 NAG HA . 22.25 25.80 32.30
C3 NAG HA . 22.06 26.49 33.65
C4 NAG HA . 23.13 27.56 33.84
C5 NAG HA . 23.05 28.54 32.68
C6 NAG HA . 24.12 29.61 32.75
C7 NAG HA . 21.33 23.54 32.53
C8 NAG HA . 20.18 22.63 32.24
N2 NAG HA . 21.22 24.80 32.10
O3 NAG HA . 22.14 25.52 34.70
O4 NAG HA . 22.97 28.24 35.07
O5 NAG HA . 23.23 27.85 31.45
O6 NAG HA . 24.04 30.50 31.64
O7 NAG HA . 22.32 23.15 33.15
C1 NAG HA . 24.13 27.98 35.89
C2 NAG HA . 24.02 28.82 37.17
C3 NAG HA . 25.20 28.52 38.09
C4 NAG HA . 25.29 27.02 38.37
C5 NAG HA . 25.36 26.26 37.04
C6 NAG HA . 25.35 24.77 37.22
C7 NAG HA . 22.84 30.89 36.58
C8 NAG HA . 22.97 32.35 36.28
N2 NAG HA . 23.97 30.24 36.85
O3 NAG HA . 25.02 29.23 39.32
O4 NAG HA . 26.44 26.74 39.14
O5 NAG HA . 24.22 26.59 36.24
O6 NAG HA . 24.09 24.31 37.69
O7 NAG HA . 21.75 30.32 36.59
C1 NAG IA . -7.25 45.25 -12.98
C2 NAG IA . -7.04 45.09 -14.47
C3 NAG IA . -6.66 46.43 -15.08
C4 NAG IA . -7.74 47.46 -14.77
C5 NAG IA . -8.00 47.53 -13.26
C6 NAG IA . -9.18 48.39 -12.91
C7 NAG IA . -6.20 42.81 -15.09
C8 NAG IA . -7.62 42.34 -15.21
N2 NAG IA . -6.00 44.10 -14.75
O3 NAG IA . -6.50 46.28 -16.49
O4 NAG IA . -7.31 48.74 -15.20
O5 NAG IA . -8.28 46.22 -12.74
O6 NAG IA . -10.39 47.82 -13.35
O7 NAG IA . -5.24 42.06 -15.31
C1 NAG IA . -8.19 49.38 -16.19
C2 NAG IA . -7.95 48.70 -17.55
C3 NAG IA . -8.83 49.34 -18.61
C4 NAG IA . -10.28 49.32 -18.17
C5 NAG IA . -10.44 49.97 -16.79
C6 NAG IA . -11.85 49.87 -16.25
C7 NAG IA . -5.85 49.90 -18.04
C8 NAG IA . -4.42 49.75 -18.44
N2 NAG IA . -6.55 48.77 -17.93
O3 NAG IA . -8.68 48.63 -19.84
O4 NAG IA . -11.09 50.04 -19.12
O5 NAG IA . -9.58 49.31 -15.85
O6 NAG IA . -12.02 50.72 -15.12
O7 NAG IA . -6.36 50.99 -17.83
C1 NAG JA . -45.57 -11.06 -20.07
C2 NAG JA . -45.90 -9.61 -20.38
C3 NAG JA . -47.41 -9.41 -20.31
C4 NAG JA . -48.08 -10.38 -21.26
C5 NAG JA . -47.66 -11.81 -20.92
C6 NAG JA . -48.28 -12.80 -21.90
C7 NAG JA . -44.06 -8.18 -19.74
C8 NAG JA . -44.11 -6.90 -20.51
N2 NAG JA . -45.24 -8.72 -19.45
O3 NAG JA . -47.75 -8.07 -20.66
O4 NAG JA . -49.50 -10.26 -21.17
O5 NAG JA . -46.24 -11.93 -20.98
O6 NAG JA . -47.96 -14.13 -21.50
O7 NAG JA . -43.00 -8.69 -19.40
C1 NAG KA . -3.91 -34.44 37.42
C2 NAG KA . -2.53 -35.01 37.78
C3 NAG KA . -2.35 -36.38 37.12
C4 NAG KA . -3.49 -37.28 37.53
C5 NAG KA . -4.83 -36.64 37.18
C6 NAG KA . -5.98 -37.51 37.65
C7 NAG KA . -1.04 -33.14 38.12
C8 NAG KA . 0.13 -32.36 37.57
N2 NAG KA . -1.48 -34.12 37.35
O3 NAG KA . -1.10 -36.94 37.53
O4 NAG KA . -3.37 -38.53 36.86
O5 NAG KA . -4.94 -35.36 37.80
O6 NAG KA . -5.97 -37.59 39.08
O7 NAG KA . -1.54 -32.88 39.20
C1 NAG LA . 14.28 -22.37 34.49
C2 NAG LA . 13.40 -23.57 34.79
C3 NAG LA . 13.96 -24.34 35.98
C4 NAG LA . 15.42 -24.73 35.70
C5 NAG LA . 16.23 -23.50 35.34
C6 NAG LA . 17.64 -23.84 34.90
C7 NAG LA . 10.97 -23.89 34.67
C8 NAG LA . 9.63 -23.32 35.03
N2 NAG LA . 12.03 -23.17 35.07
O3 NAG LA . 13.18 -25.50 36.21
O4 NAG LA . 15.98 -25.34 36.85
O5 NAG LA . 15.63 -22.80 34.24
O6 NAG LA . 18.17 -24.91 35.68
O7 NAG LA . 11.08 -24.94 34.05
C1 NAG MA . 3.00 -32.22 16.53
C2 NAG MA . 2.78 -33.09 15.30
C3 NAG MA . 1.46 -33.83 15.39
C4 NAG MA . 1.38 -34.61 16.70
C5 NAG MA . 1.65 -33.68 17.88
C6 NAG MA . 1.71 -34.41 19.20
C7 NAG MA . 3.50 -32.64 12.99
C8 NAG MA . 3.42 -31.67 11.84
N2 NAG MA . 2.82 -32.28 14.09
O3 NAG MA . 1.34 -34.73 14.29
O4 NAG MA . 0.09 -35.19 16.85
O5 NAG MA . 2.91 -33.03 17.71
O6 NAG MA . 2.85 -35.25 19.28
O7 NAG MA . 4.16 -33.66 12.93
C1 NAG NA . -33.78 -28.30 -7.95
C2 NAG NA . -33.25 -29.73 -7.89
C3 NAG NA . -32.74 -30.17 -9.25
C4 NAG NA . -33.83 -29.98 -10.29
C5 NAG NA . -34.37 -28.55 -10.26
C6 NAG NA . -35.54 -28.34 -11.19
C7 NAG NA . -32.42 -30.08 -5.60
C8 NAG NA . -31.21 -30.17 -4.72
N2 NAG NA . -32.18 -29.85 -6.89
O3 NAG NA . -32.35 -31.53 -9.21
O4 NAG NA . -33.33 -30.27 -11.60
O5 NAG NA . -34.82 -28.23 -8.94
O6 NAG NA . -35.13 -27.74 -12.41
O7 NAG NA . -33.55 -30.19 -5.15
C1 NAG OA . -42.59 -12.00 -6.43
C2 NAG OA . -44.10 -12.04 -6.67
C3 NAG OA . -44.77 -10.85 -6.02
C4 NAG OA . -44.38 -10.74 -4.56
C5 NAG OA . -42.86 -10.73 -4.41
C6 NAG OA . -42.40 -10.74 -2.98
C7 NAG OA . -44.47 -13.23 -8.79
C8 NAG OA . -44.79 -13.08 -10.24
N2 NAG OA . -44.40 -12.09 -8.09
O3 NAG OA . -46.19 -10.98 -6.13
O4 NAG OA . -44.91 -9.54 -3.99
O5 NAG OA . -42.32 -11.91 -5.02
O6 NAG OA . -41.26 -9.91 -2.80
O7 NAG OA . -44.27 -14.32 -8.28
C1 NAG PA . -42.81 -22.70 9.69
C2 NAG PA . -43.67 -21.54 10.19
C3 NAG PA . -44.73 -22.06 11.14
C4 NAG PA . -45.56 -23.15 10.47
C5 NAG PA . -44.64 -24.24 9.90
C6 NAG PA . -45.39 -25.26 9.06
C7 NAG PA . -43.14 -19.22 10.79
C8 NAG PA . -42.19 -18.32 11.52
N2 NAG PA . -42.85 -20.52 10.84
O3 NAG PA . -45.58 -21.00 11.55
O4 NAG PA . -46.45 -23.74 11.40
O5 NAG PA . -43.64 -23.66 9.04
O6 NAG PA . -46.38 -25.93 9.84
O7 NAG PA . -44.13 -18.79 10.20
C1 NAG QA . -15.54 -11.47 39.13
C2 NAG QA . -16.90 -10.84 39.39
C3 NAG QA . -16.73 -9.35 39.68
C4 NAG QA . -15.75 -9.13 40.82
C5 NAG QA . -14.44 -9.84 40.53
C6 NAG QA . -13.48 -9.79 41.70
C7 NAG QA . -18.61 -12.09 38.16
C8 NAG QA . -19.47 -12.15 36.93
N2 NAG QA . -17.80 -11.04 38.27
O3 NAG QA . -18.00 -8.78 40.00
O4 NAG QA . -15.50 -7.74 41.00
O5 NAG QA . -14.68 -11.23 40.26
O6 NAG QA . -13.83 -10.72 42.71
O7 NAG QA . -18.64 -12.97 39.02
C1 NAG RA . -40.12 -35.30 21.12
C2 NAG RA . -41.61 -35.51 20.83
C3 NAG RA . -42.00 -36.96 21.11
C4 NAG RA . -41.09 -37.90 20.34
C5 NAG RA . -39.62 -37.59 20.65
C6 NAG RA . -38.66 -38.42 19.82
C7 NAG RA . -42.99 -33.45 21.23
C8 NAG RA . -42.75 -33.03 19.80
N2 NAG RA . -42.43 -34.61 21.63
O3 NAG RA . -43.35 -37.16 20.73
O4 NAG RA . -41.37 -39.24 20.71
O5 NAG RA . -39.34 -36.22 20.35
O6 NAG RA . -37.52 -38.80 20.59
O7 NAG RA . -43.66 -32.76 21.99
C1 NAG SA . -46.69 -41.24 2.04
C2 NAG SA . -47.68 -41.71 3.09
C3 NAG SA . -48.94 -42.25 2.42
C4 NAG SA . -49.52 -41.22 1.47
C5 NAG SA . -48.45 -40.75 0.48
C6 NAG SA . -48.91 -39.62 -0.40
C7 NAG SA . -46.61 -42.46 5.17
C8 NAG SA . -46.04 -43.64 5.91
N2 NAG SA . -47.10 -42.73 3.96
O3 NAG SA . -49.91 -42.59 3.41
O4 NAG SA . -50.62 -41.77 0.75
O5 NAG SA . -47.30 -40.27 1.19
O6 NAG SA . -47.81 -38.90 -0.95
O7 NAG SA . -46.62 -41.34 5.65
C1 NAG TA . -20.53 -36.17 23.67
C2 NAG TA . -19.29 -37.00 24.00
C3 NAG TA . -19.67 -38.46 24.25
C4 NAG TA . -20.76 -38.55 25.31
C5 NAG TA . -21.95 -37.68 24.90
C6 NAG TA . -23.02 -37.63 25.95
C7 NAG TA . -17.09 -36.35 23.11
C8 NAG TA . -16.20 -36.34 21.90
N2 NAG TA . -18.30 -36.90 22.95
O3 NAG TA . -18.53 -39.19 24.66
O4 NAG TA . -21.19 -39.90 25.46
O5 NAG TA . -21.50 -36.33 24.70
O6 NAG TA . -22.53 -37.11 27.17
O7 NAG TA . -16.73 -35.86 24.18
C1 NAG UA . -29.18 -41.48 22.18
C2 NAG UA . -28.83 -40.99 23.59
C3 NAG UA . -29.22 -42.03 24.63
C4 NAG UA . -30.69 -42.43 24.46
C5 NAG UA . -30.96 -42.87 23.03
C6 NAG UA . -32.41 -43.16 22.77
C7 NAG UA . -26.95 -39.46 24.02
C8 NAG UA . -25.45 -39.33 24.04
N2 NAG UA . -27.42 -40.68 23.69
O3 NAG UA . -29.02 -41.50 25.93
O4 NAG UA . -31.01 -43.48 25.35
O5 NAG UA . -30.57 -41.83 22.12
O6 NAG UA . -32.57 -44.13 21.74
O7 NAG UA . -27.69 -38.53 24.28
C1 NAG VA . -33.78 -14.57 17.21
C2 NAG VA . -33.76 -13.17 16.59
C3 NAG VA . -34.67 -12.23 17.38
C4 NAG VA . -36.06 -12.82 17.54
C5 NAG VA . -35.96 -14.21 18.15
C6 NAG VA . -37.29 -14.92 18.25
C7 NAG VA . -31.57 -12.88 15.52
C8 NAG VA . -30.22 -12.25 15.63
N2 NAG VA . -32.41 -12.64 16.54
O3 NAG VA . -34.76 -10.98 16.69
O4 NAG VA . -36.85 -11.99 18.38
O5 NAG VA . -35.13 -15.04 17.32
O6 NAG VA . -37.18 -16.17 18.91
O7 NAG VA . -31.89 -13.57 14.56
C1 NAG WA . -23.20 -12.18 -46.45
C2 NAG WA . -22.97 -11.54 -47.81
C3 NAG WA . -22.27 -12.52 -48.75
C4 NAG WA . -20.99 -13.04 -48.10
C5 NAG WA . -21.29 -13.61 -46.72
C6 NAG WA . -20.04 -14.02 -45.97
C7 NAG WA . -24.68 -9.84 -48.29
C8 NAG WA . -26.00 -9.56 -48.96
N2 NAG WA . -24.23 -11.09 -48.40
O3 NAG WA . -21.97 -11.87 -49.98
O4 NAG WA . -20.42 -14.05 -48.92
O5 NAG WA . -21.95 -12.62 -45.92
O6 NAG WA . -20.35 -14.55 -44.69
O7 NAG WA . -24.06 -8.97 -47.68
C1 NAG XA . -22.40 -19.88 -32.96
C2 NAG XA . -23.14 -20.92 -33.81
C3 NAG XA . -23.51 -22.13 -32.97
C4 NAG XA . -22.27 -22.69 -32.28
C5 NAG XA . -21.58 -21.59 -31.48
C6 NAG XA . -20.27 -22.04 -30.86
C7 NAG XA . -24.35 -19.86 -35.68
C8 NAG XA . -25.66 -19.32 -36.14
N2 NAG XA . -24.32 -20.35 -34.43
O3 NAG XA . -24.09 -23.14 -33.80
O4 NAG XA . -22.64 -23.74 -31.39
O5 NAG XA . -21.26 -20.49 -32.35
O6 NAG XA . -19.23 -22.08 -31.83
O7 NAG XA . -23.35 -19.86 -36.39
C1 NAG YA . 7.33 -1.03 -51.66
C2 NAG YA . 5.81 -0.97 -51.73
C3 NAG YA . 5.31 -1.72 -52.95
C4 NAG YA . 6.00 -1.21 -54.22
C5 NAG YA . 7.51 -1.26 -54.04
C6 NAG YA . 8.25 -0.66 -55.21
C7 NAG YA . 4.02 -1.08 -50.05
C8 NAG YA . 3.56 -1.73 -48.79
N2 NAG YA . 5.21 -1.48 -50.51
O3 NAG YA . 3.90 -1.56 -53.07
O4 NAG YA . 5.63 -2.00 -55.33
O5 NAG YA . 7.89 -0.51 -52.88
O6 NAG YA . 7.75 -1.15 -56.45
O7 NAG YA . 3.35 -0.24 -50.64
C1 NAG ZA . 41.59 -33.60 4.94
C2 NAG ZA . 42.59 -33.57 6.08
C3 NAG ZA . 43.43 -32.30 5.99
C4 NAG ZA . 44.09 -32.22 4.62
C5 NAG ZA . 43.06 -32.37 3.51
C6 NAG ZA . 43.68 -32.47 2.13
C7 NAG ZA . 41.73 -34.80 8.03
C8 NAG ZA . 41.03 -34.69 9.34
N2 NAG ZA . 41.92 -33.65 7.37
O3 NAG ZA . 44.41 -32.31 7.01
O4 NAG ZA . 44.75 -30.96 4.48
O5 NAG ZA . 42.27 -33.56 3.70
O6 NAG ZA . 44.31 -33.73 1.94
O7 NAG ZA . 42.11 -35.87 7.57
C1 NAG AB . 32.95 -48.38 1.44
C2 NAG AB . 31.87 -49.25 0.79
C3 NAG AB . 31.76 -50.59 1.52
C4 NAG AB . 33.13 -51.26 1.61
C5 NAG AB . 34.14 -50.31 2.24
C6 NAG AB . 35.54 -50.87 2.25
C7 NAG AB . 29.58 -48.93 -0.04
C8 NAG AB . 28.32 -48.12 0.07
N2 NAG AB . 30.58 -48.57 0.77
O3 NAG AB . 30.85 -51.43 0.82
O4 NAG AB . 33.04 -52.44 2.39
O5 NAG AB . 34.18 -49.08 1.48
O6 NAG AB . 36.39 -50.10 3.09
O7 NAG AB . 29.68 -49.87 -0.83
C1 NAG BB . 35.97 2.09 -29.78
C2 NAG BB . 35.74 3.57 -29.49
C3 NAG BB . 36.95 4.41 -29.89
C4 NAG BB . 38.22 3.84 -29.28
C5 NAG BB . 38.36 2.37 -29.64
C6 NAG BB . 39.55 1.70 -29.01
C7 NAG BB . 33.31 3.91 -29.70
C8 NAG BB . 32.20 4.45 -30.56
N2 NAG BB . 34.55 4.05 -30.18
O3 NAG BB . 36.76 5.75 -29.45
O4 NAG BB . 39.35 4.55 -29.77
O5 NAG BB . 37.20 1.66 -29.18
O6 NAG BB . 39.81 0.44 -29.60
O7 NAG BB . 33.08 3.35 -28.63
C1 NAG CB . 20.04 -43.95 -4.69
C2 NAG CB . 19.39 -44.60 -5.90
C3 NAG CB . 17.98 -45.10 -5.54
C4 NAG CB . 18.05 -46.02 -4.33
C5 NAG CB . 18.77 -45.33 -3.17
C6 NAG CB . 18.98 -46.23 -1.98
C7 NAG CB . 20.06 -43.80 -8.13
C8 NAG CB . 19.84 -42.74 -9.18
N2 NAG CB . 19.31 -43.68 -7.02
O3 NAG CB . 17.43 -45.79 -6.65
O4 NAG CB . 16.73 -46.37 -3.92
O5 NAG CB . 20.05 -44.88 -3.59
O6 NAG CB . 19.57 -47.47 -2.37
O7 NAG CB . 20.88 -44.70 -8.27
C1 NAG DB . 40.93 -30.09 -34.55
C2 NAG DB . 41.57 -31.44 -34.84
C3 NAG DB . 43.07 -31.27 -35.00
C4 NAG DB . 43.38 -30.22 -36.06
C5 NAG DB . 42.63 -28.92 -35.75
C6 NAG DB . 42.76 -27.89 -36.85
C7 NAG DB . 40.29 -33.31 -33.90
C8 NAG DB . 40.12 -34.24 -32.74
N2 NAG DB . 41.26 -32.40 -33.80
O3 NAG DB . 43.66 -32.51 -35.37
O4 NAG DB . 44.77 -29.95 -36.10
O5 NAG DB . 41.22 -29.18 -35.60
O6 NAG DB . 43.42 -26.72 -36.38
O7 NAG DB . 39.57 -33.38 -34.89
C1 NAG EB . 46.73 -27.13 -23.47
C2 NAG EB . 46.83 -28.30 -22.50
C3 NAG EB . 48.29 -28.61 -22.18
C4 NAG EB . 49.07 -28.81 -23.48
C5 NAG EB . 48.87 -27.63 -24.41
C6 NAG EB . 49.52 -27.82 -25.77
C7 NAG EB . 44.84 -28.40 -21.06
C8 NAG EB . 44.26 -28.01 -19.73
N2 NAG EB . 46.11 -28.02 -21.27
O3 NAG EB . 48.38 -29.77 -21.38
O4 NAG EB . 50.47 -28.95 -23.19
O5 NAG EB . 47.46 -27.44 -24.66
O6 NAG EB . 50.09 -26.61 -26.25
O7 NAG EB . 44.20 -29.04 -21.89
C1 NAG FB . 41.76 -11.26 -46.18
C2 NAG FB . 41.07 -10.09 -45.48
C3 NAG FB . 40.91 -8.92 -46.45
C4 NAG FB . 42.25 -8.56 -47.07
C5 NAG FB . 42.88 -9.80 -47.70
C6 NAG FB . 44.25 -9.55 -48.27
C7 NAG FB . 38.81 -11.05 -45.64
C8 NAG FB . 37.56 -11.39 -44.89
N2 NAG FB . 39.79 -10.49 -44.93
O3 NAG FB . 40.38 -7.80 -45.75
O4 NAG FB . 42.07 -7.55 -48.05
O5 NAG FB . 43.01 -10.84 -46.72
O6 NAG FB . 45.00 -10.76 -48.37
O7 NAG FB . 38.92 -11.26 -46.85
C1 NAG GB . 4.15 31.31 -41.17
C2 NAG GB . 3.31 32.50 -41.67
C3 NAG GB . 4.03 33.81 -41.37
C4 NAG GB . 4.41 33.89 -39.90
C5 NAG GB . 5.20 32.66 -39.49
C6 NAG GB . 5.52 32.61 -38.02
C7 NAG GB . 1.93 31.80 -43.58
C8 NAG GB . 1.81 31.78 -45.08
N2 NAG GB . 3.03 32.38 -43.10
O3 NAG GB . 3.19 34.90 -41.72
O4 NAG GB . 5.20 35.05 -39.67
O5 NAG GB . 4.44 31.48 -39.79
O6 NAG GB . 6.66 31.82 -37.75
O7 NAG GB . 1.07 31.32 -42.85
C1 NAG HB . 5.16 19.22 -56.95
C2 NAG HB . 4.69 19.46 -58.38
C3 NAG HB . 5.63 18.77 -59.37
C4 NAG HB . 7.07 19.19 -59.12
C5 NAG HB . 7.44 18.97 -57.66
C6 NAG HB . 8.81 19.49 -57.31
C7 NAG HB . 2.26 19.83 -58.53
C8 NAG HB . 0.92 19.18 -58.74
N2 NAG HB . 3.32 19.02 -58.58
O3 NAG HB . 5.25 19.10 -60.70
O4 NAG HB . 7.95 18.42 -59.94
O5 NAG HB . 6.51 19.65 -56.81
O6 NAG HB . 8.73 20.78 -56.71
O7 NAG HB . 2.38 21.03 -58.32
C1 NAG IB . 13.52 21.36 -37.39
C2 NAG IB . 15.02 21.13 -37.27
C3 NAG IB . 15.72 21.48 -38.57
C4 NAG IB . 15.08 20.71 -39.73
C5 NAG IB . 13.57 20.92 -39.74
C6 NAG IB . 12.87 20.07 -40.78
C7 NAG IB . 16.22 21.36 -35.13
C8 NAG IB . 16.73 22.32 -34.10
N2 NAG IB . 15.58 21.90 -36.17
O3 NAG IB . 17.10 21.16 -38.47
O4 NAG IB . 15.62 21.16 -40.97
O5 NAG IB . 13.01 20.56 -38.46
O6 NAG IB . 12.84 18.70 -40.38
O7 NAG IB . 16.39 20.16 -35.02
C1 NAG JB . 33.49 8.90 38.81
C2 NAG JB . 34.19 9.30 40.11
C3 NAG JB . 33.19 9.29 41.26
C4 NAG JB . 31.99 10.18 40.93
C5 NAG JB . 31.38 9.78 39.59
C6 NAG JB . 30.29 10.71 39.15
C7 NAG JB . 36.55 8.67 39.98
C8 NAG JB . 37.59 7.65 40.38
N2 NAG JB . 35.31 8.43 40.39
O3 NAG JB . 33.83 9.75 42.45
O4 NAG JB . 31.01 10.06 41.95
O5 NAG JB . 32.38 9.80 38.57
O6 NAG JB . 29.28 10.02 38.42
O7 NAG JB . 36.85 9.66 39.33
C1 NAG KB . 13.95 -1.75 32.92
C2 NAG KB . 12.77 -1.79 33.90
C3 NAG KB . 12.95 -0.74 34.98
C4 NAG KB . 14.31 -0.89 35.64
C5 NAG KB . 15.42 -0.90 34.60
C6 NAG KB . 16.78 -1.18 35.19
C7 NAG KB . 10.43 -2.35 33.37
C8 NAG KB . 9.22 -1.98 32.57
N2 NAG KB . 11.51 -1.58 33.20
O3 NAG KB . 11.92 -0.88 35.94
O4 NAG KB . 14.53 0.18 36.55
O5 NAG KB . 15.17 -1.93 33.63
O6 NAG KB . 16.82 -2.43 35.85
O7 NAG KB . 10.41 -3.29 34.16
C1 NAG LB . 31.43 -11.65 30.08
C2 NAG LB . 31.42 -10.74 31.31
C3 NAG LB . 32.43 -11.21 32.35
C4 NAG LB . 32.20 -12.67 32.68
C5 NAG LB . 32.20 -13.52 31.40
C6 NAG LB . 31.86 -14.97 31.65
C7 NAG LB . 31.13 -8.30 31.56
C8 NAG LB . 31.53 -6.96 31.05
N2 NAG LB . 31.67 -9.35 30.93
O3 NAG LB . 32.31 -10.42 33.52
O4 NAG LB . 33.23 -13.15 33.54
O5 NAG LB . 31.21 -13.01 30.49
O6 NAG LB . 30.65 -15.09 32.39
O7 NAG LB . 30.37 -8.45 32.51
C1 NAG MB . 15.64 44.50 8.31
C2 NAG MB . 16.80 45.05 7.51
C3 NAG MB . 17.35 46.29 8.21
C4 NAG MB . 16.25 47.30 8.38
C5 NAG MB . 15.11 46.67 9.15
C6 NAG MB . 13.92 47.60 9.26
C7 NAG MB . 19.10 44.37 7.26
C8 NAG MB . 20.01 43.86 8.33
N2 NAG MB . 17.82 44.05 7.39
O3 NAG MB . 18.36 46.91 7.43
O4 NAG MB . 16.77 48.42 9.11
O5 NAG MB . 14.65 45.50 8.48
O6 NAG MB . 12.87 46.86 9.86
O7 NAG MB . 19.52 45.04 6.33
C1 NAG NB . 32.06 31.50 11.83
C2 NAG NB . 32.55 32.88 12.18
C3 NAG NB . 32.77 33.68 10.91
C4 NAG NB . 33.67 32.91 9.97
C5 NAG NB . 33.11 31.51 9.71
C6 NAG NB . 34.05 30.67 8.86
C7 NAG NB . 31.37 33.14 14.24
C8 NAG NB . 30.41 33.93 15.05
N2 NAG NB . 31.53 33.50 12.98
O3 NAG NB . 33.42 34.90 11.22
O4 NAG NB . 33.78 33.63 8.74
O5 NAG NB . 32.91 30.82 10.94
O6 NAG NB . 33.39 29.44 8.55
O7 NAG NB . 32.00 32.21 14.70
C1 NAG OB . 42.69 12.48 14.53
C2 NAG OB . 43.26 13.71 13.87
C3 NAG OB . 43.89 13.37 12.57
C4 NAG OB . 45.02 12.41 12.85
C5 NAG OB . 44.40 11.20 13.52
C6 NAG OB . 45.46 10.14 13.70
C7 NAG OB . 42.12 15.74 14.31
C8 NAG OB . 41.81 16.99 13.56
N2 NAG OB . 42.22 14.65 13.58
O3 NAG OB . 44.40 14.58 12.02
O4 NAG OB . 45.67 12.00 11.65
O5 NAG OB . 43.78 11.59 14.76
O6 NAG OB . 45.90 9.76 12.39
O7 NAG OB . 42.29 15.71 15.52
C1 NAG PB . 21.90 46.26 22.37
C2 NAG PB . 22.85 46.84 23.39
C3 NAG PB . 22.09 47.85 24.21
C4 NAG PB . 21.50 48.90 23.30
C5 NAG PB . 20.60 48.22 22.28
C6 NAG PB . 19.96 49.22 21.34
C7 NAG PB . 24.32 45.03 24.03
C8 NAG PB . 24.90 44.31 25.21
N2 NAG PB . 23.28 45.80 24.30
O3 NAG PB . 22.99 48.48 25.13
O4 NAG PB . 20.71 49.80 24.08
O5 NAG PB . 21.35 47.26 21.53
O6 NAG PB . 18.83 48.58 20.73
O7 NAG PB . 24.77 44.94 22.91
C1 NAG QB . 4.45 52.69 19.13
C2 NAG QB . 3.11 52.39 18.46
C3 NAG QB . 3.32 52.21 16.96
C4 NAG QB . 4.01 53.44 16.38
C5 NAG QB . 5.29 53.75 17.15
C6 NAG QB . 5.95 55.04 16.72
C7 NAG QB . 1.28 51.19 19.59
C8 NAG QB . 0.82 49.89 20.15
N2 NAG QB . 2.51 51.20 19.05
O3 NAG QB . 2.05 52.02 16.33
O4 NAG QB . 4.33 53.22 15.02
O5 NAG QB . 5.01 53.88 18.55
O6 NAG QB . 7.08 55.33 17.53
O7 NAG QB . 0.59 52.20 19.64
C1 NAG RB . 21.71 37.86 32.88
C2 NAG RB . 22.80 36.95 33.44
C3 NAG RB . 23.26 37.48 34.79
C4 NAG RB . 23.70 38.93 34.67
C5 NAG RB . 22.60 39.77 34.03
C6 NAG RB . 23.03 41.18 33.74
C7 NAG RB . 22.54 34.65 32.61
C8 NAG RB . 21.98 33.29 32.89
N2 NAG RB . 22.34 35.57 33.56
O3 NAG RB . 24.34 36.68 35.27
O4 NAG RB . 24.01 39.46 35.95
O5 NAG RB . 22.21 39.19 32.77
O6 NAG RB . 21.95 41.98 33.28
O7 NAG RB . 23.15 34.91 31.57
C1 NAG SB . 23.21 33.00 5.50
C2 NAG SB . 22.97 32.40 4.10
C3 NAG SB . 23.84 33.11 3.06
C4 NAG SB . 23.65 34.61 3.13
C5 NAG SB . 23.92 35.10 4.55
C6 NAG SB . 23.68 36.58 4.73
C7 NAG SB . 22.33 30.05 4.41
C8 NAG SB . 22.79 28.63 4.36
N2 NAG SB . 23.25 30.97 4.10
O3 NAG SB . 23.50 32.63 1.77
O4 NAG SB . 24.55 35.26 2.23
O5 NAG SB . 23.03 34.42 5.45
O6 NAG SB . 24.35 37.06 5.88
O7 NAG SB . 21.19 30.35 4.71
C1 NAG TB . -37.62 30.07 -10.35
C2 NAG TB . -38.81 29.62 -11.18
C3 NAG TB . -40.07 29.60 -10.33
C4 NAG TB . -39.85 28.76 -9.07
C5 NAG TB . -38.61 29.24 -8.33
C6 NAG TB . -38.25 28.36 -7.15
C7 NAG TB . -38.44 30.24 -13.53
C8 NAG TB . -38.73 31.24 -14.61
N2 NAG TB . -38.99 30.49 -12.34
O3 NAG TB . -41.15 29.09 -11.09
O4 NAG TB . -40.98 28.86 -8.22
O5 NAG TB . -37.48 29.22 -9.21
O6 NAG TB . -37.64 27.15 -7.57
O7 NAG TB . -37.72 29.26 -13.73
C1 NAG UB . -28.11 46.30 -15.99
C2 NAG UB . -28.23 47.25 -17.19
C3 NAG UB . -27.48 48.55 -16.91
C4 NAG UB . -27.91 49.15 -15.59
C5 NAG UB . -27.80 48.12 -14.48
C6 NAG UB . -28.32 48.63 -13.15
C7 NAG UB . -28.51 45.89 -19.23
C8 NAG UB . -27.84 45.32 -20.43
N2 NAG UB . -27.74 46.61 -18.40
O3 NAG UB . -27.73 49.47 -17.97
O4 NAG UB . -27.10 50.28 -15.28
O5 NAG UB . -28.56 46.95 -14.81
O6 NAG UB . -27.46 48.28 -12.08
O7 NAG UB . -29.70 45.70 -18.99
C1 NAG VB . -17.69 47.48 -10.19
C2 NAG VB . -18.82 48.40 -9.73
C3 NAG VB . -18.33 49.30 -8.59
C4 NAG VB . -17.72 48.46 -7.48
C5 NAG VB . -16.65 47.53 -8.04
C6 NAG VB . -16.10 46.58 -7.00
C7 NAG VB . -20.33 48.81 -11.63
C8 NAG VB . -20.71 49.76 -12.71
N2 NAG VB . -19.32 49.20 -10.84
O3 NAG VB . -19.43 50.05 -8.09
O4 NAG VB . -17.14 49.31 -6.50
O5 NAG VB . -17.20 46.73 -9.08
O6 NAG VB . -14.73 46.29 -7.23
O7 NAG VB . -20.90 47.73 -11.48
C1 NAG WB . -26.87 28.72 0.11
C2 NAG WB . -25.36 28.66 0.30
C3 NAG WB . -25.00 29.01 1.74
C4 NAG WB . -25.62 30.36 2.12
C5 NAG WB . -27.11 30.37 1.82
C6 NAG WB . -27.74 31.73 2.05
C7 NAG WB . -23.73 27.18 -0.80
C8 NAG WB . -23.34 25.76 -1.06
N2 NAG WB . -24.83 27.36 -0.06
O3 NAG WB . -23.58 29.06 1.88
O4 NAG WB . -25.41 30.60 3.51
O5 NAG WB . -27.35 30.01 0.46
O6 NAG WB . -29.13 31.62 2.29
O7 NAG WB . -23.09 28.12 -1.24
#